data_7VL0
#
_entry.id   7VL0
#
_cell.length_a   163.576
_cell.length_b   71.533
_cell.length_c   129.872
_cell.angle_alpha   90.000
_cell.angle_beta   105.794
_cell.angle_gamma   90.000
#
_symmetry.space_group_name_H-M   'C 1 2 1'
#
loop_
_entity.id
_entity.type
_entity.pdbx_description
1 polymer Beta-galactosidase
2 non-polymer '4-nitrophenyl alpha-D-glucopyranoside'
3 non-polymer 'CALCIUM ION'
4 water water
#
_entity_poly.entity_id   1
_entity_poly.type   'polypeptide(L)'
_entity_poly.pdbx_seq_one_letter_code
;SEKYFVKNGQPHFLISGEVHYFRINPKLWRNHLQLLKQTGADTVSTYIPWDWHEIEEDDFDFEGKTHPARNLIRFIKLCK
EENLDLIVKPGPYILAEYENQGLPSWLLKKLSKNAFALDENGNVISPDLVSYLSDEFLEYTFKWYDKVMPIISKHQKEHY
GPITMMQLCNEIGVFQWLSGKSDYNPKVINLYKEFIIQRYKTIEKLNSVYSTNYNSFDDLKAPSGKIKLRSDYCAYFDFH
LFFREYYNKYISILKNKIRSFGINIKLTHNIPGWIYGNASELPMLISTYSEIMKNHPDIIFGLDHIPEFVSFRNAHSDLA
CNKILEAMQPEAPVWAAEFQAGTREHHVKAYAKDLETFYIASLAHGIKGFNYYMFSQGINPEGKGFYGKTFYFQTALDAA
SNKLALYDSIKKVNRFIRKEQKDLLRTNVNSEICVGFYKPYFFTELISSQLLKEKKLNVEELGLYIDPRFLREEILFNGL
LRGLQTLNYNYDVVDLENCDLKSLTAYKQLWITSAEFMDAETQNLLSEFVLNGGNLILYPAVPTLDNYLNRCEILKNNFG
IEFITKDSSHKVSAFGIEDVFTAFSKKQIYNDTNSKPIAFTQENEICGIRKKIGKGELTILGFAFGYTSDEHLELIDKLV
KLNKIKRELFVSDKDIQFVVRENNKSRYIFFLNYHNERKTFNYRKSSELKKKKSEEISIAPFSYKVIKENK
;
_entity_poly.pdbx_strand_id   A,B
#
loop_
_chem_comp.id
_chem_comp.type
_chem_comp.name
_chem_comp.formula
CA non-polymer 'CALCIUM ION' 'Ca 2'
PNG D-saccharide '4-nitrophenyl alpha-D-glucopyranoside' 'C12 H15 N O8'
#
# COMPACT_ATOMS: atom_id res chain seq x y z
N SER A 1 -36.14 6.27 -14.26
CA SER A 1 -35.93 4.80 -14.09
C SER A 1 -34.66 4.50 -13.27
N GLU A 2 -34.39 5.26 -12.22
CA GLU A 2 -33.42 4.89 -11.16
C GLU A 2 -33.89 3.61 -10.46
N LYS A 3 -32.97 2.85 -9.83
CA LYS A 3 -33.38 1.72 -8.94
C LYS A 3 -33.21 2.15 -7.49
N TYR A 4 -34.22 1.98 -6.66
CA TYR A 4 -34.17 2.40 -5.25
C TYR A 4 -35.11 1.53 -4.45
N PHE A 5 -34.88 1.45 -3.14
CA PHE A 5 -35.77 0.71 -2.24
C PHE A 5 -37.11 1.47 -2.18
N VAL A 6 -38.16 0.73 -1.88
CA VAL A 6 -39.55 1.28 -1.82
C VAL A 6 -40.16 0.93 -0.46
N LYS A 7 -40.86 1.88 0.15
CA LYS A 7 -41.71 1.60 1.34
C LYS A 7 -43.09 2.22 1.09
N ASN A 8 -44.13 1.37 1.11
CA ASN A 8 -45.55 1.75 0.88
C ASN A 8 -45.59 2.55 -0.43
N GLY A 9 -45.09 1.94 -1.51
CA GLY A 9 -45.01 2.51 -2.87
C GLY A 9 -44.41 3.91 -2.94
N GLN A 10 -43.46 4.25 -2.07
CA GLN A 10 -42.72 5.55 -2.09
C GLN A 10 -41.22 5.27 -2.12
N PRO A 11 -40.40 6.13 -2.77
CA PRO A 11 -38.95 5.99 -2.68
C PRO A 11 -38.54 6.05 -1.20
N HIS A 12 -37.76 5.08 -0.75
CA HIS A 12 -37.25 4.99 0.63
C HIS A 12 -35.73 4.79 0.64
N PHE A 13 -35.00 5.67 1.30
CA PHE A 13 -33.53 5.48 1.47
C PHE A 13 -33.30 4.49 2.61
N LEU A 14 -32.76 3.31 2.32
CA LEU A 14 -32.49 2.33 3.41
C LEU A 14 -31.37 2.90 4.28
N ILE A 15 -31.65 3.30 5.51
CA ILE A 15 -30.60 3.71 6.49
C ILE A 15 -30.60 2.69 7.62
N SER A 16 -29.57 1.85 7.69
CA SER A 16 -29.39 0.83 8.76
C SER A 16 -28.17 1.22 9.60
N GLY A 17 -28.11 0.77 10.84
CA GLY A 17 -26.87 0.77 11.60
C GLY A 17 -26.60 -0.61 12.18
N GLU A 18 -25.34 -1.00 12.20
CA GLU A 18 -24.94 -2.32 12.71
C GLU A 18 -24.77 -2.22 14.23
N VAL A 19 -25.46 -3.08 14.95
CA VAL A 19 -25.47 -3.11 16.45
C VAL A 19 -25.40 -4.58 16.86
N HIS A 20 -24.26 -5.02 17.37
CA HIS A 20 -24.01 -6.44 17.73
C HIS A 20 -24.50 -6.69 19.15
N TYR A 21 -25.71 -7.25 19.28
CA TYR A 21 -26.36 -7.57 20.57
C TYR A 21 -25.38 -8.41 21.39
N PHE A 22 -24.67 -9.34 20.74
CA PHE A 22 -23.82 -10.36 21.41
C PHE A 22 -22.59 -9.66 22.04
N ARG A 23 -22.32 -8.39 21.75
CA ARG A 23 -21.11 -7.64 22.20
C ARG A 23 -21.50 -6.39 22.99
N ILE A 24 -22.75 -6.30 23.43
CA ILE A 24 -23.30 -5.16 24.18
C ILE A 24 -24.00 -5.73 25.42
N ASN A 25 -23.83 -5.05 26.53
CA ASN A 25 -24.53 -5.40 27.77
C ASN A 25 -26.02 -5.44 27.43
N PRO A 26 -26.78 -6.54 27.60
CA PRO A 26 -28.22 -6.53 27.29
C PRO A 26 -29.05 -5.47 28.01
N LYS A 27 -28.62 -5.01 29.17
CA LYS A 27 -29.34 -3.92 29.88
C LYS A 27 -29.28 -2.63 29.07
N LEU A 28 -28.35 -2.53 28.12
CA LEU A 28 -28.17 -1.31 27.28
C LEU A 28 -28.68 -1.49 25.85
N TRP A 29 -29.20 -2.68 25.48
CA TRP A 29 -29.64 -2.92 24.07
C TRP A 29 -30.65 -1.85 23.68
N ARG A 30 -31.62 -1.57 24.55
CA ARG A 30 -32.72 -0.63 24.23
C ARG A 30 -32.12 0.77 23.98
N ASN A 31 -31.22 1.20 24.83
CA ASN A 31 -30.59 2.55 24.67
C ASN A 31 -29.93 2.62 23.28
N HIS A 32 -29.21 1.57 22.85
CA HIS A 32 -28.50 1.55 21.53
C HIS A 32 -29.56 1.69 20.45
N LEU A 33 -30.66 0.94 20.55
CA LEU A 33 -31.71 0.98 19.50
C LEU A 33 -32.38 2.36 19.45
N GLN A 34 -32.70 2.95 20.60
CA GLN A 34 -33.35 4.30 20.67
C GLN A 34 -32.42 5.36 20.04
N LEU A 35 -31.14 5.30 20.36
CA LEU A 35 -30.16 6.30 19.86
C LEU A 35 -29.95 6.10 18.35
N LEU A 36 -29.96 4.86 17.87
CA LEU A 36 -29.92 4.60 16.41
C LEU A 36 -31.15 5.23 15.75
N LYS A 37 -32.34 4.85 16.23
CA LYS A 37 -33.61 5.38 15.69
C LYS A 37 -33.56 6.92 15.69
N GLN A 38 -33.05 7.53 16.75
CA GLN A 38 -33.03 9.01 16.87
C GLN A 38 -32.14 9.64 15.79
N THR A 39 -31.31 8.86 15.07
CA THR A 39 -30.51 9.43 13.96
C THR A 39 -31.34 9.46 12.68
N GLY A 40 -32.56 8.93 12.69
CA GLY A 40 -33.42 8.77 11.51
C GLY A 40 -33.17 7.45 10.79
N ALA A 41 -32.29 6.57 11.30
CA ALA A 41 -32.16 5.19 10.78
C ALA A 41 -33.52 4.47 10.88
N ASP A 42 -33.84 3.62 9.92
CA ASP A 42 -35.11 2.85 9.88
C ASP A 42 -34.85 1.36 10.18
N THR A 43 -33.59 0.93 10.13
CA THR A 43 -33.20 -0.49 10.21
C THR A 43 -31.98 -0.63 11.12
N VAL A 44 -31.89 -1.79 11.75
CA VAL A 44 -30.70 -2.23 12.52
C VAL A 44 -30.28 -3.57 11.93
N SER A 45 -28.98 -3.84 12.05
CA SER A 45 -28.38 -5.01 11.39
C SER A 45 -27.46 -5.70 12.38
N THR A 46 -27.44 -7.02 12.34
CA THR A 46 -26.55 -7.82 13.22
C THR A 46 -26.28 -9.20 12.62
N TYR A 47 -25.10 -9.71 12.92
CA TYR A 47 -24.81 -11.15 12.84
C TYR A 47 -25.53 -11.84 14.00
N ILE A 48 -25.83 -13.10 13.76
CA ILE A 48 -26.22 -14.11 14.77
C ILE A 48 -25.14 -15.18 14.71
N PRO A 49 -24.10 -15.11 15.57
CA PRO A 49 -22.98 -16.04 15.51
C PRO A 49 -23.35 -17.44 16.00
N TRP A 50 -23.02 -18.42 15.15
CA TRP A 50 -23.21 -19.85 15.41
C TRP A 50 -22.46 -20.22 16.68
N ASP A 51 -21.19 -19.82 16.79
CA ASP A 51 -20.35 -20.10 17.98
C ASP A 51 -21.04 -19.57 19.24
N TRP A 52 -21.70 -18.43 19.16
CA TRP A 52 -22.31 -17.77 20.34
C TRP A 52 -23.55 -18.53 20.83
N HIS A 53 -24.30 -19.17 19.93
CA HIS A 53 -25.62 -19.76 20.27
C HIS A 53 -25.61 -21.30 20.35
N GLU A 54 -24.77 -21.98 19.59
CA GLU A 54 -24.54 -23.44 19.79
C GLU A 54 -23.29 -23.55 20.68
N ILE A 55 -23.50 -23.39 21.98
CA ILE A 55 -22.44 -23.18 23.00
C ILE A 55 -21.60 -24.48 23.15
N GLU A 56 -22.23 -25.63 22.92
CA GLU A 56 -21.57 -26.96 22.80
C GLU A 56 -22.29 -27.69 21.67
N GLU A 57 -21.76 -28.81 21.17
CA GLU A 57 -22.46 -29.54 20.11
C GLU A 57 -23.86 -29.91 20.60
N ASP A 58 -24.89 -29.48 19.89
CA ASP A 58 -26.34 -29.79 20.14
C ASP A 58 -26.86 -29.17 21.44
N ASP A 59 -26.19 -28.14 21.96
CA ASP A 59 -26.67 -27.35 23.12
C ASP A 59 -26.89 -25.91 22.61
N PHE A 60 -28.15 -25.51 22.42
CA PHE A 60 -28.48 -24.17 21.84
C PHE A 60 -29.05 -23.25 22.92
N ASP A 61 -28.68 -21.97 22.87
CA ASP A 61 -29.25 -20.92 23.75
C ASP A 61 -29.47 -19.67 22.90
N PHE A 62 -30.75 -19.35 22.67
CA PHE A 62 -31.21 -18.10 22.03
C PHE A 62 -31.97 -17.22 23.04
N GLU A 63 -32.02 -17.60 24.32
CA GLU A 63 -32.94 -16.94 25.28
C GLU A 63 -32.14 -16.35 26.45
N GLY A 64 -30.82 -16.42 26.40
CA GLY A 64 -30.01 -15.89 27.50
C GLY A 64 -30.04 -16.77 28.73
N LYS A 65 -30.31 -18.09 28.58
CA LYS A 65 -30.22 -19.12 29.64
C LYS A 65 -28.81 -19.20 30.23
N THR A 66 -27.76 -19.16 29.39
CA THR A 66 -26.37 -19.43 29.83
C THR A 66 -25.54 -18.14 29.85
N HIS A 67 -25.94 -17.11 29.11
CA HIS A 67 -25.31 -15.75 29.17
C HIS A 67 -26.39 -14.77 28.75
N PRO A 68 -26.61 -13.64 29.47
CA PRO A 68 -27.68 -12.72 29.08
C PRO A 68 -27.61 -12.31 27.59
N ALA A 69 -26.41 -12.14 27.03
CA ALA A 69 -26.28 -11.60 25.65
C ALA A 69 -26.52 -12.71 24.62
N ARG A 70 -26.90 -13.92 25.04
CA ARG A 70 -27.35 -14.99 24.11
C ARG A 70 -28.87 -14.87 23.89
N ASN A 71 -29.52 -13.85 24.47
CA ASN A 71 -30.99 -13.64 24.37
C ASN A 71 -31.33 -12.93 23.04
N LEU A 72 -31.07 -13.60 21.92
CA LEU A 72 -31.43 -13.12 20.58
C LEU A 72 -32.93 -12.80 20.55
N ILE A 73 -33.77 -13.67 21.12
CA ILE A 73 -35.24 -13.47 21.07
C ILE A 73 -35.58 -12.10 21.65
N ARG A 74 -34.98 -11.74 22.79
CA ARG A 74 -35.26 -10.44 23.44
C ARG A 74 -34.77 -9.26 22.56
N PHE A 75 -33.58 -9.39 21.95
CA PHE A 75 -33.07 -8.39 20.98
C PHE A 75 -34.06 -8.18 19.84
N ILE A 76 -34.56 -9.26 19.26
CA ILE A 76 -35.56 -9.17 18.15
C ILE A 76 -36.80 -8.41 18.66
N LYS A 77 -37.28 -8.75 19.86
CA LYS A 77 -38.49 -8.13 20.43
C LYS A 77 -38.25 -6.64 20.64
N LEU A 78 -37.06 -6.26 21.11
CA LEU A 78 -36.70 -4.84 21.35
C LEU A 78 -36.68 -4.09 20.02
N CYS A 79 -36.15 -4.68 18.95
CA CYS A 79 -36.11 -3.99 17.63
C CYS A 79 -37.54 -3.64 17.25
N LYS A 80 -38.47 -4.59 17.46
CA LYS A 80 -39.89 -4.37 17.14
C LYS A 80 -40.43 -3.22 18.01
N GLU A 81 -40.22 -3.26 19.33
CA GLU A 81 -40.71 -2.21 20.28
C GLU A 81 -40.16 -0.83 19.90
N GLU A 82 -38.92 -0.74 19.42
CA GLU A 82 -38.26 0.54 19.11
C GLU A 82 -38.42 0.90 17.62
N ASN A 83 -39.34 0.24 16.91
CA ASN A 83 -39.75 0.63 15.54
C ASN A 83 -38.54 0.65 14.61
N LEU A 84 -37.65 -0.32 14.77
CA LEU A 84 -36.58 -0.57 13.79
C LEU A 84 -36.87 -1.89 13.08
N ASP A 85 -36.76 -1.91 11.76
CA ASP A 85 -36.66 -3.18 11.02
C ASP A 85 -35.27 -3.77 11.30
N LEU A 86 -35.12 -5.08 11.11
CA LEU A 86 -33.90 -5.86 11.45
C LEU A 86 -33.40 -6.66 10.24
N ILE A 87 -32.11 -6.52 9.95
CA ILE A 87 -31.34 -7.42 9.08
C ILE A 87 -30.61 -8.42 9.97
N VAL A 88 -30.77 -9.72 9.66
CA VAL A 88 -30.12 -10.81 10.42
C VAL A 88 -29.14 -11.50 9.47
N LYS A 89 -28.03 -11.94 10.02
CA LYS A 89 -26.89 -12.50 9.25
C LYS A 89 -26.38 -13.69 10.05
N PRO A 90 -27.02 -14.88 9.95
CA PRO A 90 -26.64 -16.04 10.78
C PRO A 90 -25.51 -16.95 10.25
N GLY A 91 -24.85 -16.51 9.18
CA GLY A 91 -23.63 -17.17 8.70
C GLY A 91 -23.95 -18.32 7.74
N PRO A 92 -23.20 -19.43 7.77
CA PRO A 92 -22.38 -19.84 8.91
C PRO A 92 -21.13 -18.99 9.20
N TYR A 93 -20.41 -18.53 8.17
CA TYR A 93 -19.34 -17.52 8.38
C TYR A 93 -20.00 -16.18 8.65
N ILE A 94 -19.47 -15.47 9.63
CA ILE A 94 -19.81 -14.04 9.90
C ILE A 94 -18.54 -13.16 9.84
N LEU A 95 -17.34 -13.68 9.96
CA LEU A 95 -16.11 -12.83 10.00
C LEU A 95 -16.21 -11.98 11.26
N ALA A 96 -16.62 -10.71 11.15
CA ALA A 96 -17.02 -9.85 12.29
C ALA A 96 -15.93 -9.78 13.37
N GLU A 97 -14.64 -10.02 13.04
CA GLU A 97 -13.53 -10.11 14.05
C GLU A 97 -13.93 -10.99 15.24
N TYR A 98 -14.66 -12.08 14.99
CA TYR A 98 -15.16 -13.03 16.00
C TYR A 98 -14.24 -14.25 15.93
N GLU A 99 -13.90 -14.85 17.06
CA GLU A 99 -13.00 -16.03 17.10
C GLU A 99 -13.51 -17.05 16.06
N ASN A 100 -12.56 -17.56 15.28
CA ASN A 100 -12.79 -18.61 14.25
C ASN A 100 -13.80 -18.10 13.21
N GLN A 101 -13.91 -16.78 13.03
CA GLN A 101 -14.80 -16.14 12.01
C GLN A 101 -16.27 -16.54 12.22
N GLY A 102 -16.64 -16.93 13.45
CA GLY A 102 -18.03 -17.25 13.83
C GLY A 102 -18.27 -18.73 13.99
N LEU A 103 -17.35 -19.59 13.52
CA LEU A 103 -17.58 -21.06 13.55
C LEU A 103 -17.33 -21.50 14.98
N PRO A 104 -18.12 -22.45 15.52
CA PRO A 104 -17.89 -22.96 16.86
C PRO A 104 -16.51 -23.57 17.01
N SER A 105 -15.80 -23.22 18.08
CA SER A 105 -14.58 -23.95 18.50
C SER A 105 -14.84 -25.45 18.50
N TRP A 106 -15.95 -25.92 19.07
CA TRP A 106 -16.22 -27.39 19.17
C TRP A 106 -16.25 -27.99 17.77
N LEU A 107 -16.84 -27.28 16.80
CA LEU A 107 -16.94 -27.75 15.39
C LEU A 107 -15.55 -27.93 14.80
N LEU A 108 -14.74 -26.88 14.83
CA LEU A 108 -13.40 -26.92 14.18
C LEU A 108 -12.50 -27.99 14.82
N LYS A 109 -12.69 -28.28 16.12
CA LYS A 109 -11.93 -29.35 16.79
C LYS A 109 -12.45 -30.69 16.28
N LYS A 110 -13.74 -30.81 16.00
CA LYS A 110 -14.36 -32.13 15.68
C LYS A 110 -14.18 -32.50 14.21
N LEU A 111 -14.30 -31.53 13.30
CA LEU A 111 -14.25 -31.76 11.83
C LEU A 111 -13.00 -32.58 11.46
N SER A 112 -13.15 -33.57 10.58
CA SER A 112 -11.95 -34.29 10.07
C SER A 112 -11.30 -33.46 8.96
N LYS A 113 -10.08 -33.85 8.59
CA LYS A 113 -9.19 -33.02 7.72
C LYS A 113 -9.89 -32.64 6.40
N ASN A 114 -10.74 -33.52 5.85
CA ASN A 114 -11.39 -33.28 4.53
C ASN A 114 -12.60 -32.34 4.63
N ALA A 115 -12.92 -31.82 5.81
CA ALA A 115 -13.84 -30.68 5.92
C ALA A 115 -13.13 -29.37 5.55
N PHE A 116 -11.78 -29.31 5.52
CA PHE A 116 -11.01 -28.04 5.41
C PHE A 116 -10.55 -27.75 3.97
N ALA A 117 -10.34 -26.48 3.64
CA ALA A 117 -9.68 -26.03 2.39
C ALA A 117 -8.21 -26.50 2.42
N LEU A 118 -7.77 -27.16 1.36
CA LEU A 118 -6.43 -27.79 1.30
C LEU A 118 -5.62 -27.17 0.17
N ASP A 119 -4.29 -27.05 0.33
CA ASP A 119 -3.39 -26.51 -0.71
C ASP A 119 -3.10 -27.63 -1.72
N GLU A 120 -2.32 -27.37 -2.78
CA GLU A 120 -2.02 -28.40 -3.83
C GLU A 120 -1.36 -29.63 -3.21
N ASN A 121 -0.70 -29.46 -2.06
CA ASN A 121 0.05 -30.54 -1.37
C ASN A 121 -0.88 -31.37 -0.46
N GLY A 122 -2.12 -30.95 -0.22
CA GLY A 122 -3.03 -31.69 0.68
C GLY A 122 -3.03 -31.13 2.10
N ASN A 123 -2.28 -30.05 2.37
CA ASN A 123 -2.21 -29.46 3.73
C ASN A 123 -3.33 -28.44 3.96
N VAL A 124 -3.76 -28.32 5.22
CA VAL A 124 -4.82 -27.37 5.68
C VAL A 124 -4.29 -25.95 5.46
N ILE A 125 -5.01 -25.14 4.68
CA ILE A 125 -4.62 -23.73 4.42
C ILE A 125 -4.72 -22.94 5.73
N SER A 126 -5.81 -23.13 6.48
CA SER A 126 -6.01 -22.37 7.73
C SER A 126 -6.97 -23.13 8.63
N PRO A 127 -6.70 -23.21 9.95
CA PRO A 127 -7.58 -23.94 10.86
C PRO A 127 -9.01 -23.40 11.02
N ASP A 128 -9.30 -22.17 10.54
CA ASP A 128 -10.67 -21.58 10.54
C ASP A 128 -11.35 -21.74 9.17
N LEU A 129 -10.65 -22.28 8.16
CA LEU A 129 -11.05 -22.18 6.73
C LEU A 129 -11.54 -23.53 6.24
N VAL A 130 -12.86 -23.66 6.16
CA VAL A 130 -13.52 -24.93 5.72
C VAL A 130 -13.60 -24.92 4.20
N SER A 131 -13.81 -26.09 3.62
CA SER A 131 -14.20 -26.29 2.21
C SER A 131 -15.72 -26.14 2.10
N TYR A 132 -16.20 -25.12 1.40
CA TYR A 132 -17.62 -24.69 1.45
C TYR A 132 -18.57 -25.88 1.17
N LEU A 133 -18.21 -26.80 0.25
CA LEU A 133 -19.13 -27.91 -0.13
C LEU A 133 -18.73 -29.21 0.57
N SER A 134 -17.86 -29.16 1.58
CA SER A 134 -17.58 -30.31 2.48
C SER A 134 -18.90 -30.88 3.03
N ASP A 135 -19.12 -32.20 2.91
CA ASP A 135 -20.35 -32.84 3.42
C ASP A 135 -20.49 -32.55 4.90
N GLU A 136 -19.40 -32.73 5.65
CA GLU A 136 -19.39 -32.51 7.13
C GLU A 136 -19.79 -31.06 7.46
N PHE A 137 -19.12 -30.08 6.85
CA PHE A 137 -19.41 -28.65 7.08
C PHE A 137 -20.89 -28.36 6.84
N LEU A 138 -21.43 -28.84 5.73
CA LEU A 138 -22.82 -28.49 5.37
C LEU A 138 -23.78 -29.26 6.29
N GLU A 139 -23.39 -30.43 6.79
CA GLU A 139 -24.24 -31.16 7.77
C GLU A 139 -24.38 -30.30 9.05
N TYR A 140 -23.27 -29.85 9.60
CA TYR A 140 -23.31 -29.01 10.83
C TYR A 140 -23.95 -27.66 10.52
N THR A 141 -23.72 -27.10 9.32
CA THR A 141 -24.32 -25.79 8.97
C THR A 141 -25.83 -25.98 9.00
N PHE A 142 -26.27 -27.11 8.48
CA PHE A 142 -27.73 -27.40 8.36
C PHE A 142 -28.34 -27.54 9.76
N LYS A 143 -27.65 -28.22 10.68
CA LYS A 143 -28.13 -28.35 12.08
C LYS A 143 -28.16 -26.99 12.79
N TRP A 144 -27.24 -26.07 12.47
CA TRP A 144 -27.26 -24.67 12.99
C TRP A 144 -28.48 -23.94 12.39
N TYR A 145 -28.70 -24.02 11.08
CA TYR A 145 -29.91 -23.47 10.40
C TYR A 145 -31.18 -24.08 11.00
N ASP A 146 -31.18 -25.38 11.32
CA ASP A 146 -32.40 -26.03 11.91
C ASP A 146 -32.84 -25.32 13.19
N LYS A 147 -31.95 -24.67 13.95
CA LYS A 147 -32.29 -24.00 15.23
C LYS A 147 -32.49 -22.49 15.02
N VAL A 148 -31.65 -21.81 14.24
CA VAL A 148 -31.77 -20.32 14.11
C VAL A 148 -32.88 -20.00 13.11
N MET A 149 -33.06 -20.81 12.07
CA MET A 149 -33.98 -20.39 10.98
C MET A 149 -35.43 -20.37 11.42
N PRO A 150 -35.92 -21.25 12.32
CA PRO A 150 -37.32 -21.14 12.76
C PRO A 150 -37.60 -19.84 13.53
N ILE A 151 -36.59 -19.37 14.26
CA ILE A 151 -36.69 -18.10 15.01
C ILE A 151 -36.82 -16.97 13.98
N ILE A 152 -35.93 -16.94 12.99
CA ILE A 152 -35.92 -15.87 11.95
C ILE A 152 -37.27 -15.91 11.22
N SER A 153 -37.76 -17.10 10.87
CA SER A 153 -39.04 -17.31 10.13
C SER A 153 -40.21 -16.73 10.92
N LYS A 154 -40.29 -17.04 12.22
CA LYS A 154 -41.38 -16.61 13.10
C LYS A 154 -41.37 -15.07 13.20
N HIS A 155 -40.20 -14.40 13.08
CA HIS A 155 -40.07 -12.95 13.36
C HIS A 155 -39.94 -12.11 12.08
N GLN A 156 -40.27 -12.68 10.93
CA GLN A 156 -40.28 -11.99 9.62
C GLN A 156 -41.34 -10.89 9.64
N LYS A 157 -41.11 -9.85 8.85
CA LYS A 157 -42.10 -8.78 8.59
C LYS A 157 -43.48 -9.35 8.25
N GLU A 158 -43.61 -10.38 7.41
CA GLU A 158 -44.95 -10.87 6.97
C GLU A 158 -45.69 -11.53 8.14
N HIS A 159 -45.01 -11.86 9.25
CA HIS A 159 -45.68 -12.34 10.49
C HIS A 159 -45.68 -11.20 11.54
N TYR A 160 -45.69 -9.95 11.09
CA TYR A 160 -45.67 -8.72 11.94
C TYR A 160 -44.43 -8.67 12.84
N GLY A 161 -43.39 -9.43 12.52
CA GLY A 161 -42.08 -9.28 13.21
C GLY A 161 -41.27 -8.18 12.54
N PRO A 162 -40.08 -7.83 13.06
CA PRO A 162 -39.25 -6.79 12.42
C PRO A 162 -38.28 -7.22 11.32
N ILE A 163 -38.14 -8.52 11.08
CA ILE A 163 -37.05 -9.03 10.21
C ILE A 163 -37.42 -8.79 8.73
N THR A 164 -36.68 -7.92 8.05
CA THR A 164 -36.92 -7.59 6.63
C THR A 164 -35.92 -8.25 5.66
N MET A 165 -34.72 -8.60 6.09
CA MET A 165 -33.67 -9.08 5.17
C MET A 165 -32.79 -10.05 5.94
N MET A 166 -32.16 -10.95 5.20
CA MET A 166 -31.19 -11.89 5.78
C MET A 166 -30.00 -12.04 4.83
N GLN A 167 -28.81 -11.92 5.39
CA GLN A 167 -27.58 -12.20 4.63
C GLN A 167 -27.29 -13.71 4.66
N LEU A 168 -26.94 -14.28 3.50
CA LEU A 168 -26.46 -15.68 3.39
C LEU A 168 -24.94 -15.70 3.58
N CYS A 169 -24.44 -16.31 4.66
CA CYS A 169 -23.00 -16.46 4.96
C CYS A 169 -22.41 -15.06 4.95
N ASN A 170 -21.14 -14.91 4.55
CA ASN A 170 -20.45 -13.60 4.64
C ASN A 170 -19.31 -13.58 3.64
N GLU A 171 -19.37 -12.71 2.64
CA GLU A 171 -18.25 -12.42 1.71
C GLU A 171 -17.67 -13.73 1.16
N ILE A 172 -18.49 -14.51 0.48
CA ILE A 172 -18.06 -15.82 -0.05
C ILE A 172 -16.74 -15.62 -0.80
N GLY A 173 -15.75 -16.42 -0.45
CA GLY A 173 -14.43 -16.45 -1.08
C GLY A 173 -13.42 -15.53 -0.44
N VAL A 174 -13.80 -14.67 0.52
CA VAL A 174 -12.89 -13.62 1.08
C VAL A 174 -11.75 -14.29 1.86
N PHE A 175 -12.09 -15.27 2.71
CA PHE A 175 -11.13 -16.06 3.51
C PHE A 175 -10.12 -16.66 2.54
N GLN A 176 -10.59 -17.30 1.47
CA GLN A 176 -9.67 -17.85 0.46
C GLN A 176 -8.75 -16.75 -0.07
N TRP A 177 -9.32 -15.66 -0.61
CA TRP A 177 -8.59 -14.51 -1.21
C TRP A 177 -7.45 -14.05 -0.27
N LEU A 178 -7.73 -13.70 0.99
CA LEU A 178 -6.72 -13.17 1.96
C LEU A 178 -5.68 -14.25 2.35
N SER A 179 -6.05 -15.52 2.35
CA SER A 179 -5.13 -16.65 2.66
C SER A 179 -3.99 -16.68 1.64
N GLY A 180 -4.27 -16.22 0.42
CA GLY A 180 -3.27 -16.17 -0.65
C GLY A 180 -3.15 -17.49 -1.37
N LYS A 181 -4.10 -18.40 -1.17
CA LYS A 181 -4.08 -19.76 -1.74
C LYS A 181 -5.49 -20.17 -2.14
N SER A 182 -5.61 -20.99 -3.18
CA SER A 182 -6.92 -21.51 -3.68
C SER A 182 -7.17 -22.92 -3.10
N ASP A 183 -8.42 -23.39 -3.09
CA ASP A 183 -8.81 -24.65 -2.42
C ASP A 183 -8.66 -25.81 -3.40
N TYR A 184 -7.88 -26.83 -3.03
CA TYR A 184 -7.65 -28.09 -3.81
C TYR A 184 -8.21 -29.28 -3.00
N ASN A 185 -9.15 -29.05 -2.06
CA ASN A 185 -9.93 -30.13 -1.37
C ASN A 185 -10.41 -31.16 -2.40
N PRO A 186 -10.56 -32.46 -2.07
CA PRO A 186 -10.92 -33.46 -3.09
C PRO A 186 -12.38 -33.39 -3.56
N LYS A 187 -13.29 -32.85 -2.75
CA LYS A 187 -14.63 -32.40 -3.22
C LYS A 187 -14.50 -31.40 -4.39
N VAL A 188 -13.63 -30.40 -4.25
CA VAL A 188 -13.41 -29.35 -5.28
C VAL A 188 -12.92 -30.04 -6.54
N ILE A 189 -11.82 -30.81 -6.43
CA ILE A 189 -11.18 -31.58 -7.54
C ILE A 189 -12.26 -32.39 -8.25
N ASN A 190 -13.02 -33.20 -7.52
CA ASN A 190 -14.06 -34.09 -8.13
C ASN A 190 -15.15 -33.27 -8.82
N LEU A 191 -15.63 -32.19 -8.20
CA LEU A 191 -16.64 -31.31 -8.84
C LEU A 191 -16.03 -30.64 -10.08
N TYR A 192 -14.75 -30.27 -10.02
CA TYR A 192 -14.07 -29.66 -11.17
C TYR A 192 -13.96 -30.68 -12.31
N LYS A 193 -13.61 -31.93 -12.03
CA LYS A 193 -13.57 -32.97 -13.10
C LYS A 193 -14.95 -33.12 -13.74
N GLU A 194 -16.04 -33.11 -12.95
CA GLU A 194 -17.40 -33.28 -13.52
C GLU A 194 -17.71 -32.07 -14.38
N PHE A 195 -17.27 -30.88 -13.96
CA PHE A 195 -17.51 -29.61 -14.71
C PHE A 195 -16.85 -29.72 -16.08
N ILE A 196 -15.58 -30.12 -16.11
CA ILE A 196 -14.75 -30.25 -17.35
C ILE A 196 -15.41 -31.26 -18.32
N ILE A 197 -15.87 -32.41 -17.81
CA ILE A 197 -16.54 -33.49 -18.61
C ILE A 197 -17.83 -32.92 -19.20
N GLN A 198 -18.63 -32.26 -18.37
CA GLN A 198 -19.91 -31.61 -18.80
C GLN A 198 -19.61 -30.54 -19.87
N ARG A 199 -18.53 -29.78 -19.72
CA ARG A 199 -18.22 -28.64 -20.61
C ARG A 199 -17.74 -29.14 -21.98
N TYR A 200 -16.86 -30.16 -22.03
CA TYR A 200 -16.14 -30.55 -23.28
C TYR A 200 -16.70 -31.82 -23.91
N LYS A 201 -17.30 -32.72 -23.12
CA LYS A 201 -18.06 -33.93 -23.55
C LYS A 201 -17.08 -35.03 -23.98
N THR A 202 -16.03 -34.69 -24.73
CA THR A 202 -15.01 -35.68 -25.18
C THR A 202 -13.62 -35.10 -24.93
N ILE A 203 -12.65 -35.98 -24.69
CA ILE A 203 -11.26 -35.53 -24.44
C ILE A 203 -10.72 -34.90 -25.73
N GLU A 204 -11.18 -35.36 -26.90
CA GLU A 204 -10.75 -34.80 -28.20
C GLU A 204 -11.12 -33.32 -28.29
N LYS A 205 -12.36 -32.98 -27.94
CA LYS A 205 -12.86 -31.58 -27.92
C LYS A 205 -12.00 -30.75 -26.97
N LEU A 206 -11.71 -31.26 -25.77
CA LEU A 206 -10.89 -30.49 -24.80
C LEU A 206 -9.49 -30.33 -25.40
N ASN A 207 -8.95 -31.39 -26.01
CA ASN A 207 -7.57 -31.35 -26.55
C ASN A 207 -7.50 -30.28 -27.64
N SER A 208 -8.56 -30.19 -28.46
CA SER A 208 -8.61 -29.26 -29.62
C SER A 208 -8.55 -27.83 -29.09
N VAL A 209 -9.17 -27.53 -27.94
CA VAL A 209 -9.21 -26.14 -27.39
C VAL A 209 -7.89 -25.84 -26.69
N TYR A 210 -7.45 -26.75 -25.83
CA TYR A 210 -6.26 -26.54 -24.98
C TYR A 210 -4.96 -26.71 -25.78
N SER A 211 -4.96 -27.44 -26.90
CA SER A 211 -3.77 -28.01 -27.61
C SER A 211 -3.02 -28.98 -26.72
N THR A 212 -3.75 -29.90 -26.09
CA THR A 212 -3.18 -30.94 -25.22
C THR A 212 -3.35 -32.25 -25.97
N ASN A 213 -2.78 -33.31 -25.40
CA ASN A 213 -2.68 -34.66 -26.00
C ASN A 213 -3.11 -35.69 -24.95
N TYR A 214 -4.15 -35.39 -24.15
CA TYR A 214 -4.64 -36.32 -23.11
C TYR A 214 -5.27 -37.53 -23.81
N ASN A 215 -5.08 -38.72 -23.26
CA ASN A 215 -5.68 -39.98 -23.77
C ASN A 215 -7.14 -40.05 -23.28
N SER A 216 -7.43 -39.53 -22.08
CA SER A 216 -8.79 -39.55 -21.50
C SER A 216 -8.95 -38.44 -20.45
N PHE A 217 -10.18 -38.19 -20.02
CA PHE A 217 -10.49 -37.23 -18.91
C PHE A 217 -9.77 -37.67 -17.63
N ASP A 218 -9.48 -38.96 -17.48
CA ASP A 218 -8.78 -39.46 -16.26
C ASP A 218 -7.34 -38.94 -16.20
N ASP A 219 -6.79 -38.41 -17.29
CA ASP A 219 -5.37 -37.92 -17.30
C ASP A 219 -5.34 -36.46 -16.86
N LEU A 220 -6.47 -35.77 -16.95
CA LEU A 220 -6.57 -34.33 -16.67
C LEU A 220 -6.68 -34.17 -15.15
N LYS A 221 -5.82 -33.35 -14.57
CA LYS A 221 -5.81 -33.02 -13.12
C LYS A 221 -6.18 -31.53 -12.98
N ALA A 222 -6.72 -31.11 -11.84
CA ALA A 222 -6.96 -29.67 -11.57
C ALA A 222 -5.63 -28.96 -11.74
N PRO A 223 -5.58 -27.82 -12.45
CA PRO A 223 -4.31 -27.11 -12.66
C PRO A 223 -3.70 -26.64 -11.34
N SER A 224 -2.38 -26.78 -11.20
CA SER A 224 -1.59 -26.23 -10.08
C SER A 224 -0.24 -25.70 -10.60
N GLY A 225 0.48 -24.98 -9.77
CA GLY A 225 1.75 -24.37 -10.15
C GLY A 225 1.58 -23.33 -11.25
N LYS A 226 2.71 -22.83 -11.74
CA LYS A 226 2.76 -21.64 -12.61
C LYS A 226 2.27 -21.97 -14.02
N ILE A 227 1.73 -20.98 -14.73
CA ILE A 227 1.33 -21.06 -16.16
C ILE A 227 2.60 -20.89 -17.00
N LYS A 228 2.98 -21.93 -17.73
CA LYS A 228 4.18 -21.94 -18.61
C LYS A 228 3.76 -22.08 -20.06
N LEU A 229 2.61 -22.71 -20.33
CA LEU A 229 2.07 -22.94 -21.69
C LEU A 229 0.67 -22.36 -21.82
N ARG A 230 0.23 -22.07 -23.04
CA ARG A 230 -1.14 -21.56 -23.27
C ARG A 230 -2.14 -22.63 -22.80
N SER A 231 -1.79 -23.92 -22.86
CA SER A 231 -2.65 -25.04 -22.36
C SER A 231 -2.83 -24.93 -20.83
N ASP A 232 -1.83 -24.45 -20.09
CA ASP A 232 -1.94 -24.20 -18.63
C ASP A 232 -2.91 -23.05 -18.41
N TYR A 233 -2.85 -22.02 -19.26
CA TYR A 233 -3.73 -20.84 -19.16
C TYR A 233 -5.18 -21.30 -19.35
N CYS A 234 -5.44 -22.08 -20.39
CA CYS A 234 -6.79 -22.62 -20.71
C CYS A 234 -7.33 -23.40 -19.51
N ALA A 235 -6.54 -24.30 -18.94
CA ALA A 235 -6.95 -25.11 -17.77
C ALA A 235 -7.34 -24.17 -16.62
N TYR A 236 -6.52 -23.16 -16.34
CA TYR A 236 -6.78 -22.21 -15.23
C TYR A 236 -8.02 -21.39 -15.54
N PHE A 237 -8.24 -21.07 -16.81
CA PHE A 237 -9.40 -20.22 -17.18
C PHE A 237 -10.68 -21.02 -16.87
N ASP A 238 -10.68 -22.31 -17.24
CA ASP A 238 -11.84 -23.18 -16.92
C ASP A 238 -11.91 -23.36 -15.39
N PHE A 239 -10.77 -23.35 -14.68
CA PHE A 239 -10.76 -23.52 -13.21
C PHE A 239 -11.47 -22.30 -12.56
N HIS A 240 -11.28 -21.13 -13.16
CA HIS A 240 -11.93 -19.86 -12.73
C HIS A 240 -13.43 -19.98 -13.03
N LEU A 241 -13.82 -20.49 -14.19
CA LEU A 241 -15.26 -20.63 -14.55
C LEU A 241 -15.91 -21.57 -13.53
N PHE A 242 -15.19 -22.63 -13.21
CA PHE A 242 -15.68 -23.67 -12.27
C PHE A 242 -15.95 -23.01 -10.90
N PHE A 243 -15.03 -22.20 -10.39
CA PHE A 243 -15.15 -21.59 -9.04
C PHE A 243 -16.38 -20.68 -8.99
N ARG A 244 -16.72 -20.03 -10.09
CA ARG A 244 -17.96 -19.24 -10.13
C ARG A 244 -19.17 -20.17 -10.04
N GLU A 245 -19.14 -21.33 -10.68
CA GLU A 245 -20.25 -22.30 -10.56
C GLU A 245 -20.26 -22.84 -9.13
N TYR A 246 -19.10 -23.01 -8.54
CA TYR A 246 -18.91 -23.59 -7.18
C TYR A 246 -19.55 -22.65 -6.14
N TYR A 247 -19.30 -21.35 -6.23
CA TYR A 247 -19.87 -20.37 -5.28
C TYR A 247 -21.38 -20.31 -5.48
N ASN A 248 -21.83 -20.41 -6.72
CA ASN A 248 -23.29 -20.47 -7.00
C ASN A 248 -23.91 -21.70 -6.33
N LYS A 249 -23.25 -22.86 -6.39
CA LYS A 249 -23.76 -24.11 -5.77
C LYS A 249 -23.88 -23.91 -4.25
N TYR A 250 -22.86 -23.32 -3.64
CA TYR A 250 -22.85 -23.03 -2.18
C TYR A 250 -24.05 -22.17 -1.82
N ILE A 251 -24.16 -20.98 -2.41
CA ILE A 251 -25.21 -20.02 -2.00
C ILE A 251 -26.58 -20.62 -2.35
N SER A 252 -26.66 -21.43 -3.42
CA SER A 252 -27.93 -22.10 -3.83
C SER A 252 -28.38 -23.07 -2.74
N ILE A 253 -27.43 -23.87 -2.24
CA ILE A 253 -27.72 -24.89 -1.20
C ILE A 253 -28.23 -24.15 0.04
N LEU A 254 -27.57 -23.07 0.44
CA LEU A 254 -27.99 -22.29 1.64
C LEU A 254 -29.38 -21.71 1.44
N LYS A 255 -29.63 -21.18 0.24
CA LYS A 255 -30.90 -20.49 -0.10
C LYS A 255 -32.02 -21.52 -0.09
N ASN A 256 -31.81 -22.67 -0.74
CA ASN A 256 -32.86 -23.71 -0.79
C ASN A 256 -33.19 -24.17 0.64
N LYS A 257 -32.17 -24.38 1.47
CA LYS A 257 -32.32 -24.78 2.90
C LYS A 257 -33.14 -23.69 3.63
N ILE A 258 -32.76 -22.43 3.51
CA ILE A 258 -33.47 -21.31 4.18
C ILE A 258 -34.94 -21.26 3.76
N ARG A 259 -35.22 -21.36 2.48
CA ARG A 259 -36.59 -21.17 1.95
C ARG A 259 -37.49 -22.24 2.56
N SER A 260 -36.94 -23.42 2.88
CA SER A 260 -37.71 -24.59 3.40
C SER A 260 -38.29 -24.27 4.78
N PHE A 261 -37.85 -23.22 5.44
CA PHE A 261 -38.38 -22.80 6.77
C PHE A 261 -39.51 -21.76 6.62
N GLY A 262 -39.96 -21.43 5.42
CA GLY A 262 -41.01 -20.42 5.22
C GLY A 262 -40.44 -19.01 5.27
N ILE A 263 -39.13 -18.87 5.04
CA ILE A 263 -38.46 -17.54 5.03
C ILE A 263 -38.57 -16.97 3.62
N ASN A 264 -39.36 -15.91 3.48
CA ASN A 264 -39.68 -15.26 2.18
C ASN A 264 -39.04 -13.87 2.08
N ILE A 265 -38.37 -13.40 3.13
CA ILE A 265 -37.73 -12.05 3.16
C ILE A 265 -36.65 -11.98 2.08
N LYS A 266 -36.27 -10.76 1.76
CA LYS A 266 -35.18 -10.43 0.82
C LYS A 266 -33.89 -11.08 1.33
N LEU A 267 -33.17 -11.77 0.47
CA LEU A 267 -31.89 -12.39 0.80
C LEU A 267 -30.78 -11.50 0.24
N THR A 268 -29.67 -11.40 0.96
CA THR A 268 -28.54 -10.53 0.60
C THR A 268 -27.22 -11.32 0.56
N HIS A 269 -26.22 -10.70 -0.05
CA HIS A 269 -24.81 -11.09 0.12
C HIS A 269 -23.99 -9.81 0.06
N ASN A 270 -22.76 -9.88 0.55
CA ASN A 270 -21.93 -8.68 0.78
C ASN A 270 -20.59 -8.88 0.09
N ILE A 271 -20.16 -7.84 -0.63
CA ILE A 271 -18.99 -7.91 -1.53
C ILE A 271 -17.76 -7.37 -0.82
N PRO A 272 -16.73 -8.22 -0.64
CA PRO A 272 -15.45 -7.78 -0.08
C PRO A 272 -14.58 -7.16 -1.19
N GLY A 273 -13.46 -6.52 -0.80
CA GLY A 273 -12.44 -6.08 -1.77
C GLY A 273 -11.62 -4.87 -1.34
N TRP A 274 -12.11 -4.05 -0.44
CA TRP A 274 -11.28 -2.92 0.03
C TRP A 274 -10.16 -3.45 0.92
N ILE A 275 -8.97 -2.87 0.80
CA ILE A 275 -7.83 -3.20 1.68
C ILE A 275 -6.90 -1.99 1.66
N TYR A 276 -6.52 -1.54 2.84
CA TYR A 276 -5.62 -0.38 3.03
C TYR A 276 -6.26 0.87 2.43
N GLY A 277 -7.59 0.91 2.34
CA GLY A 277 -8.32 2.13 1.92
C GLY A 277 -8.41 2.30 0.40
N ASN A 278 -8.16 1.25 -0.37
CA ASN A 278 -8.39 1.24 -1.84
C ASN A 278 -9.20 -0.03 -2.19
N ALA A 279 -9.86 -0.02 -3.34
CA ALA A 279 -10.76 -1.11 -3.74
C ALA A 279 -10.46 -1.54 -5.17
N SER A 280 -9.20 -1.40 -5.64
CA SER A 280 -8.81 -1.78 -7.02
C SER A 280 -8.91 -3.29 -7.24
N GLU A 281 -8.90 -4.12 -6.18
CA GLU A 281 -9.07 -5.58 -6.34
C GLU A 281 -10.55 -5.97 -6.18
N LEU A 282 -11.42 -5.08 -5.72
CA LEU A 282 -12.84 -5.44 -5.49
C LEU A 282 -13.44 -5.99 -6.77
N PRO A 283 -13.23 -5.36 -7.96
CA PRO A 283 -13.82 -5.87 -9.20
C PRO A 283 -13.46 -7.34 -9.47
N MET A 284 -12.28 -7.79 -9.05
CA MET A 284 -11.87 -9.22 -9.13
C MET A 284 -12.83 -10.04 -8.24
N LEU A 285 -13.09 -9.58 -7.03
CA LEU A 285 -13.93 -10.36 -6.08
C LEU A 285 -15.35 -10.34 -6.61
N ILE A 286 -15.91 -9.20 -7.02
CA ILE A 286 -17.33 -9.19 -7.46
C ILE A 286 -17.45 -10.16 -8.66
N SER A 287 -16.39 -10.28 -9.45
CA SER A 287 -16.40 -11.13 -10.68
C SER A 287 -16.58 -12.59 -10.26
N THR A 288 -16.22 -12.98 -9.02
CA THR A 288 -16.34 -14.38 -8.55
C THR A 288 -17.83 -14.70 -8.31
N TYR A 289 -18.69 -13.68 -8.30
CA TYR A 289 -20.15 -13.82 -8.07
C TYR A 289 -20.94 -13.82 -9.38
N SER A 290 -20.26 -13.85 -10.52
CA SER A 290 -20.90 -13.73 -11.86
C SER A 290 -22.07 -14.72 -11.97
N GLU A 291 -21.84 -15.99 -11.62
CA GLU A 291 -22.86 -17.08 -11.79
C GLU A 291 -23.95 -16.92 -10.74
N ILE A 292 -23.66 -16.46 -9.50
CA ILE A 292 -24.73 -16.19 -8.49
C ILE A 292 -25.68 -15.13 -9.06
N MET A 293 -25.13 -14.03 -9.57
CA MET A 293 -25.93 -12.88 -10.01
C MET A 293 -26.75 -13.22 -11.28
N LYS A 294 -26.30 -14.14 -12.13
CA LYS A 294 -27.11 -14.57 -13.30
C LYS A 294 -28.25 -15.47 -12.83
N ASN A 295 -28.01 -16.32 -11.82
CA ASN A 295 -28.95 -17.40 -11.46
C ASN A 295 -29.91 -17.00 -10.35
N HIS A 296 -29.65 -15.93 -9.61
CA HIS A 296 -30.47 -15.55 -8.43
C HIS A 296 -30.87 -14.10 -8.54
N PRO A 297 -31.98 -13.81 -9.25
CA PRO A 297 -32.47 -12.44 -9.31
C PRO A 297 -32.90 -11.94 -7.92
N ASP A 298 -33.10 -12.83 -6.95
CA ASP A 298 -33.73 -12.51 -5.64
C ASP A 298 -32.68 -12.44 -4.52
N ILE A 299 -31.39 -12.47 -4.85
CA ILE A 299 -30.31 -12.21 -3.84
C ILE A 299 -29.69 -10.86 -4.21
N ILE A 300 -29.85 -9.87 -3.34
CA ILE A 300 -29.32 -8.52 -3.61
C ILE A 300 -27.91 -8.45 -3.00
N PHE A 301 -26.91 -8.23 -3.85
CA PHE A 301 -25.53 -7.96 -3.41
C PHE A 301 -25.43 -6.49 -3.02
N GLY A 302 -24.72 -6.25 -1.93
CA GLY A 302 -24.34 -4.90 -1.46
C GLY A 302 -22.83 -4.84 -1.19
N LEU A 303 -22.30 -3.63 -1.22
CA LEU A 303 -20.85 -3.38 -1.11
C LEU A 303 -20.42 -3.27 0.35
N ASP A 304 -19.21 -3.74 0.64
CA ASP A 304 -18.55 -3.54 1.95
C ASP A 304 -17.48 -2.45 1.76
N HIS A 305 -17.86 -1.19 1.97
CA HIS A 305 -16.95 -0.04 1.71
C HIS A 305 -16.14 0.20 2.97
N ILE A 306 -14.80 0.13 2.85
CA ILE A 306 -13.81 0.46 3.91
C ILE A 306 -12.76 1.43 3.38
N PRO A 307 -13.13 2.70 3.17
CA PRO A 307 -12.19 3.73 2.71
C PRO A 307 -11.05 4.12 3.66
N GLU A 308 -11.22 4.03 4.99
CA GLU A 308 -10.20 4.36 6.03
C GLU A 308 -9.82 5.85 6.08
N PHE A 309 -9.76 6.56 4.97
CA PHE A 309 -9.52 8.01 4.88
C PHE A 309 -10.26 8.49 3.63
N VAL A 310 -10.37 9.80 3.41
CA VAL A 310 -11.12 10.29 2.22
C VAL A 310 -10.25 11.36 1.57
N SER A 311 -9.61 11.02 0.46
CA SER A 311 -8.68 11.98 -0.16
C SER A 311 -8.54 11.62 -1.62
N PHE A 312 -7.73 12.37 -2.35
CA PHE A 312 -7.52 12.03 -3.77
C PHE A 312 -6.86 10.64 -3.91
N ARG A 313 -6.15 10.18 -2.89
CA ARG A 313 -5.50 8.85 -2.93
C ARG A 313 -6.54 7.74 -3.14
N ASN A 314 -7.78 7.89 -2.68
CA ASN A 314 -8.77 6.80 -2.88
C ASN A 314 -10.12 7.35 -3.33
N ALA A 315 -10.19 8.60 -3.84
CA ALA A 315 -11.46 9.27 -4.20
C ALA A 315 -12.26 8.39 -5.18
N HIS A 316 -11.57 7.66 -6.05
CA HIS A 316 -12.15 7.01 -7.25
C HIS A 316 -12.65 5.59 -6.93
N SER A 317 -12.24 5.00 -5.81
CA SER A 317 -12.56 3.59 -5.46
C SER A 317 -14.09 3.44 -5.27
N ASP A 318 -14.75 4.31 -4.50
CA ASP A 318 -16.20 4.05 -4.19
C ASP A 318 -17.02 4.22 -5.46
N LEU A 319 -16.74 5.23 -6.27
CA LEU A 319 -17.54 5.43 -7.49
C LEU A 319 -17.39 4.23 -8.45
N ALA A 320 -16.16 3.84 -8.80
CA ALA A 320 -15.88 2.67 -9.67
C ALA A 320 -16.56 1.42 -9.13
N CYS A 321 -16.49 1.17 -7.81
CA CYS A 321 -17.15 -0.01 -7.21
C CYS A 321 -18.70 0.09 -7.33
N ASN A 322 -19.27 1.27 -7.10
CA ASN A 322 -20.74 1.45 -7.20
C ASN A 322 -21.16 1.20 -8.64
N LYS A 323 -20.36 1.70 -9.59
CA LYS A 323 -20.63 1.60 -11.04
C LYS A 323 -20.55 0.12 -11.45
N ILE A 324 -19.55 -0.60 -10.97
CA ILE A 324 -19.30 -2.01 -11.35
C ILE A 324 -20.43 -2.87 -10.75
N LEU A 325 -20.86 -2.57 -9.54
CA LEU A 325 -22.01 -3.30 -8.94
C LEU A 325 -23.25 -3.09 -9.81
N GLU A 326 -23.54 -1.83 -10.18
CA GLU A 326 -24.66 -1.52 -11.07
C GLU A 326 -24.53 -2.33 -12.38
N ALA A 327 -23.34 -2.43 -12.95
CA ALA A 327 -23.08 -3.16 -14.22
C ALA A 327 -23.46 -4.64 -14.05
N MET A 328 -23.15 -5.24 -12.91
CA MET A 328 -23.42 -6.67 -12.70
C MET A 328 -24.83 -6.91 -12.15
N GLN A 329 -25.42 -5.91 -11.51
CA GLN A 329 -26.76 -6.04 -10.85
C GLN A 329 -27.58 -4.80 -11.19
N PRO A 330 -27.95 -4.63 -12.49
CA PRO A 330 -28.63 -3.41 -12.94
C PRO A 330 -30.11 -3.27 -12.53
N GLU A 331 -30.73 -4.35 -12.04
CA GLU A 331 -32.17 -4.40 -11.67
C GLU A 331 -32.39 -4.20 -10.16
N ALA A 332 -31.35 -3.95 -9.37
CA ALA A 332 -31.45 -3.67 -7.92
C ALA A 332 -30.73 -2.35 -7.63
N PRO A 333 -31.17 -1.67 -6.56
CA PRO A 333 -30.44 -0.49 -6.10
C PRO A 333 -28.99 -0.82 -5.71
N VAL A 334 -28.09 0.12 -5.93
CA VAL A 334 -26.70 0.11 -5.40
C VAL A 334 -26.77 0.47 -3.91
N TRP A 335 -26.27 -0.39 -3.05
CA TRP A 335 -26.33 -0.17 -1.58
C TRP A 335 -25.06 -0.74 -0.96
N ALA A 336 -24.74 -0.25 0.24
CA ALA A 336 -23.56 -0.73 0.96
C ALA A 336 -24.05 -1.55 2.15
N ALA A 337 -23.88 -2.87 2.07
CA ALA A 337 -24.20 -3.79 3.18
C ALA A 337 -23.36 -3.44 4.42
N GLU A 338 -22.16 -2.92 4.22
CA GLU A 338 -21.25 -2.52 5.31
C GLU A 338 -20.65 -1.18 4.87
N PHE A 339 -20.98 -0.12 5.59
CA PHE A 339 -20.65 1.26 5.21
C PHE A 339 -19.85 1.85 6.35
N GLN A 340 -18.54 2.01 6.14
CA GLN A 340 -17.62 2.27 7.25
C GLN A 340 -18.14 3.38 8.20
N ALA A 341 -18.12 3.03 9.48
CA ALA A 341 -18.41 3.85 10.66
C ALA A 341 -17.42 3.41 11.73
N GLY A 342 -16.56 4.34 12.15
CA GLY A 342 -15.43 3.97 12.99
C GLY A 342 -14.46 3.05 12.25
N THR A 343 -13.61 2.39 13.01
CA THR A 343 -12.47 1.57 12.50
C THR A 343 -12.46 0.21 13.19
N ARG A 344 -12.27 -0.83 12.38
CA ARG A 344 -12.09 -2.22 12.86
C ARG A 344 -10.75 -2.43 13.58
N GLU A 345 -9.79 -1.52 13.41
CA GLU A 345 -8.39 -1.69 13.90
C GLU A 345 -7.92 -0.42 14.58
N HIS A 346 -7.51 -0.48 15.85
CA HIS A 346 -7.11 0.69 16.67
C HIS A 346 -6.07 1.59 15.97
N HIS A 347 -5.10 1.00 15.29
CA HIS A 347 -3.92 1.67 14.67
C HIS A 347 -4.29 2.31 13.32
N VAL A 348 -5.51 2.07 12.84
CA VAL A 348 -6.02 2.66 11.58
C VAL A 348 -7.20 3.55 11.94
N LYS A 349 -6.93 4.84 12.04
CA LYS A 349 -7.93 5.81 12.58
C LYS A 349 -9.02 6.06 11.55
N ALA A 350 -10.22 6.31 12.03
CA ALA A 350 -11.40 6.68 11.24
C ALA A 350 -11.90 7.99 11.80
N TYR A 351 -11.62 9.10 11.13
CA TYR A 351 -12.07 10.46 11.59
C TYR A 351 -13.50 10.72 11.10
N ALA A 352 -14.36 11.18 12.02
CA ALA A 352 -15.72 11.66 11.69
C ALA A 352 -15.70 12.62 10.50
N LYS A 353 -14.73 13.54 10.44
CA LYS A 353 -14.68 14.58 9.38
C LYS A 353 -14.35 13.93 8.02
N ASP A 354 -13.56 12.87 7.98
CA ASP A 354 -13.37 12.05 6.76
C ASP A 354 -14.69 11.36 6.39
N LEU A 355 -15.23 10.58 7.32
CA LEU A 355 -16.36 9.66 7.01
C LEU A 355 -17.59 10.46 6.61
N GLU A 356 -17.82 11.63 7.22
CA GLU A 356 -18.99 12.47 6.87
C GLU A 356 -18.88 12.83 5.38
N THR A 357 -17.69 13.19 4.90
CA THR A 357 -17.48 13.52 3.47
C THR A 357 -17.70 12.24 2.66
N PHE A 358 -17.25 11.09 3.14
CA PHE A 358 -17.42 9.81 2.37
C PHE A 358 -18.92 9.56 2.20
N TYR A 359 -19.68 9.88 3.22
CA TYR A 359 -21.13 9.58 3.24
C TYR A 359 -21.80 10.42 2.13
N ILE A 360 -21.45 11.69 2.08
CA ILE A 360 -21.98 12.65 1.09
C ILE A 360 -21.48 12.28 -0.31
N ALA A 361 -20.21 11.93 -0.46
CA ALA A 361 -19.62 11.51 -1.74
C ALA A 361 -20.35 10.25 -2.21
N SER A 362 -20.74 9.36 -1.28
CA SER A 362 -21.48 8.14 -1.66
C SER A 362 -22.83 8.52 -2.27
N LEU A 363 -23.56 9.47 -1.68
CA LEU A 363 -24.82 9.98 -2.28
C LEU A 363 -24.51 10.59 -3.66
N ALA A 364 -23.46 11.38 -3.80
CA ALA A 364 -23.10 11.95 -5.12
C ALA A 364 -22.88 10.80 -6.12
N HIS A 365 -22.30 9.72 -5.63
CA HIS A 365 -21.79 8.57 -6.42
C HIS A 365 -22.89 7.51 -6.54
N GLY A 366 -24.12 7.84 -6.20
CA GLY A 366 -25.31 7.07 -6.61
C GLY A 366 -25.73 6.03 -5.59
N ILE A 367 -25.20 6.05 -4.37
CA ILE A 367 -25.63 5.05 -3.36
C ILE A 367 -27.10 5.28 -3.00
N LYS A 368 -27.85 4.20 -2.80
CA LYS A 368 -29.31 4.28 -2.59
C LYS A 368 -29.72 3.78 -1.22
N GLY A 369 -28.79 3.21 -0.47
CA GLY A 369 -29.02 2.73 0.89
C GLY A 369 -27.74 2.29 1.53
N PHE A 370 -27.67 2.23 2.85
CA PHE A 370 -26.42 1.73 3.49
C PHE A 370 -26.71 1.34 4.92
N ASN A 371 -25.77 0.58 5.43
CA ASN A 371 -25.75 0.06 6.81
C ASN A 371 -24.43 0.49 7.42
N TYR A 372 -24.48 1.49 8.29
CA TYR A 372 -23.32 1.99 9.03
C TYR A 372 -22.71 0.83 9.83
N TYR A 373 -21.44 0.51 9.55
CA TYR A 373 -20.69 -0.64 10.10
C TYR A 373 -19.36 -0.13 10.63
N MET A 374 -19.22 0.13 11.95
CA MET A 374 -20.14 -0.22 13.03
C MET A 374 -20.81 1.07 13.56
N PHE A 375 -22.11 1.08 13.64
CA PHE A 375 -22.83 2.17 14.32
C PHE A 375 -22.47 2.15 15.82
N SER A 376 -22.55 0.98 16.43
CA SER A 376 -22.29 0.80 17.87
C SER A 376 -21.02 -0.03 18.04
N GLN A 377 -20.09 0.44 18.86
CA GLN A 377 -18.93 -0.36 19.31
C GLN A 377 -19.44 -1.57 20.09
N GLY A 378 -18.63 -2.62 20.17
CA GLY A 378 -18.89 -3.82 20.98
C GLY A 378 -17.74 -4.09 21.92
N ILE A 379 -18.03 -4.80 22.99
CA ILE A 379 -16.95 -5.43 23.81
C ILE A 379 -17.17 -6.93 23.73
N ASN A 380 -16.16 -7.70 23.35
CA ASN A 380 -16.33 -9.18 23.21
C ASN A 380 -16.50 -9.78 24.60
N PRO A 381 -17.59 -10.54 24.88
CA PRO A 381 -17.68 -11.33 26.11
C PRO A 381 -16.80 -12.57 25.96
N GLU A 382 -16.42 -13.22 27.05
CA GLU A 382 -15.92 -14.62 27.07
C GLU A 382 -14.78 -14.79 26.04
N GLY A 383 -13.89 -13.80 25.86
CA GLY A 383 -12.74 -13.88 24.94
C GLY A 383 -13.10 -14.17 23.47
N LYS A 384 -14.28 -13.79 22.98
CA LYS A 384 -14.65 -14.11 21.57
C LYS A 384 -14.02 -13.14 20.57
N GLY A 385 -13.23 -12.14 21.01
CA GLY A 385 -12.60 -11.18 20.08
C GLY A 385 -11.47 -11.83 19.33
N PHE A 386 -11.44 -11.74 18.01
CA PHE A 386 -10.38 -12.41 17.21
C PHE A 386 -9.02 -11.80 17.59
N TYR A 387 -8.97 -10.47 17.73
CA TYR A 387 -7.72 -9.66 17.78
C TYR A 387 -7.59 -8.82 19.08
N GLY A 388 -8.49 -8.98 20.05
CA GLY A 388 -8.54 -8.17 21.28
C GLY A 388 -9.94 -8.05 21.83
N LYS A 389 -10.13 -7.35 22.95
CA LYS A 389 -11.44 -7.33 23.66
C LYS A 389 -12.41 -6.37 23.01
N THR A 390 -11.94 -5.29 22.39
CA THR A 390 -12.83 -4.20 21.94
C THR A 390 -13.11 -4.38 20.46
N PHE A 391 -14.40 -4.30 20.09
CA PHE A 391 -14.85 -4.47 18.70
C PHE A 391 -15.20 -3.09 18.17
N TYR A 392 -14.28 -2.58 17.35
CA TYR A 392 -14.40 -1.28 16.64
C TYR A 392 -14.08 -0.12 17.58
N PHE A 393 -13.70 1.00 16.95
CA PHE A 393 -13.33 2.25 17.65
C PHE A 393 -13.90 3.42 16.84
N GLN A 394 -14.16 4.56 17.49
CA GLN A 394 -14.52 5.82 16.78
C GLN A 394 -15.83 5.59 16.04
N THR A 395 -16.74 4.86 16.66
CA THR A 395 -18.09 4.53 16.13
C THR A 395 -19.06 5.66 16.46
N ALA A 396 -20.37 5.50 16.19
CA ALA A 396 -21.37 6.53 16.52
C ALA A 396 -21.62 6.51 18.04
N LEU A 397 -21.70 5.31 18.59
CA LEU A 397 -21.90 5.03 20.03
C LEU A 397 -20.77 4.14 20.51
N ASP A 398 -20.27 4.36 21.73
CA ASP A 398 -19.34 3.38 22.35
C ASP A 398 -20.19 2.19 22.83
N ALA A 399 -19.56 1.14 23.34
CA ALA A 399 -20.28 -0.08 23.77
C ALA A 399 -21.28 0.28 24.85
N ALA A 400 -21.00 1.31 25.65
CA ALA A 400 -21.87 1.75 26.78
C ALA A 400 -23.10 2.54 26.28
N SER A 401 -23.15 2.89 24.98
CA SER A 401 -24.21 3.73 24.33
C SER A 401 -23.99 5.25 24.51
N ASN A 402 -22.82 5.68 24.95
CA ASN A 402 -22.44 7.12 24.87
C ASN A 402 -22.30 7.54 23.41
N LYS A 403 -22.82 8.71 23.07
CA LYS A 403 -22.59 9.34 21.75
C LYS A 403 -21.11 9.72 21.64
N LEU A 404 -20.49 9.34 20.52
CA LEU A 404 -19.14 9.77 20.11
C LEU A 404 -19.28 10.77 18.97
N ALA A 405 -18.16 11.38 18.57
CA ALA A 405 -18.11 12.42 17.53
C ALA A 405 -18.88 11.97 16.29
N LEU A 406 -18.78 10.71 15.88
CA LEU A 406 -19.37 10.33 14.58
C LEU A 406 -20.90 10.43 14.64
N TYR A 407 -21.51 10.33 15.83
CA TYR A 407 -23.00 10.32 15.98
C TYR A 407 -23.58 11.55 15.30
N ASP A 408 -22.99 12.72 15.57
CA ASP A 408 -23.53 14.01 15.04
C ASP A 408 -23.31 14.07 13.53
N SER A 409 -22.24 13.47 13.01
CA SER A 409 -22.00 13.43 11.53
C SER A 409 -23.10 12.59 10.87
N ILE A 410 -23.42 11.44 11.46
CA ILE A 410 -24.46 10.53 10.89
C ILE A 410 -25.84 11.22 10.99
N LYS A 411 -26.10 11.92 12.10
CA LYS A 411 -27.42 12.59 12.31
C LYS A 411 -27.56 13.66 11.23
N LYS A 412 -26.49 14.39 10.94
CA LYS A 412 -26.43 15.45 9.90
C LYS A 412 -26.74 14.85 8.53
N VAL A 413 -26.05 13.78 8.18
CA VAL A 413 -26.18 13.17 6.82
C VAL A 413 -27.61 12.60 6.70
N ASN A 414 -28.07 11.92 7.73
CA ASN A 414 -29.39 11.23 7.71
C ASN A 414 -30.49 12.28 7.57
N ARG A 415 -30.31 13.43 8.21
CA ARG A 415 -31.33 14.52 8.20
C ARG A 415 -31.49 15.00 6.76
N PHE A 416 -30.39 15.21 6.05
CA PHE A 416 -30.39 15.62 4.63
C PHE A 416 -31.09 14.54 3.81
N ILE A 417 -30.73 13.28 4.00
CA ILE A 417 -31.34 12.17 3.21
C ILE A 417 -32.86 12.15 3.45
N ARG A 418 -33.29 12.24 4.70
CA ARG A 418 -34.75 12.08 4.97
C ARG A 418 -35.48 13.27 4.35
N LYS A 419 -34.86 14.45 4.35
CA LYS A 419 -35.53 15.66 3.83
C LYS A 419 -35.63 15.55 2.30
N GLU A 420 -34.65 14.91 1.64
CA GLU A 420 -34.49 14.97 0.17
C GLU A 420 -34.78 13.64 -0.54
N GLN A 421 -34.93 12.53 0.19
CA GLN A 421 -34.91 11.15 -0.39
C GLN A 421 -35.92 11.01 -1.54
N LYS A 422 -37.09 11.63 -1.44
CA LYS A 422 -38.20 11.50 -2.43
C LYS A 422 -37.75 12.00 -3.81
N ASP A 423 -36.97 13.07 -3.86
CA ASP A 423 -36.37 13.58 -5.12
C ASP A 423 -35.03 12.86 -5.34
N LEU A 424 -34.16 12.85 -4.33
CA LEU A 424 -32.73 12.43 -4.50
C LEU A 424 -32.69 11.00 -5.04
N LEU A 425 -33.55 10.12 -4.53
CA LEU A 425 -33.52 8.70 -4.94
C LEU A 425 -33.86 8.58 -6.43
N ARG A 426 -34.62 9.54 -6.94
CA ARG A 426 -35.12 9.58 -8.34
C ARG A 426 -34.18 10.38 -9.25
N THR A 427 -33.05 10.88 -8.77
CA THR A 427 -32.13 11.65 -9.63
C THR A 427 -31.18 10.69 -10.34
N ASN A 428 -30.77 11.09 -11.55
CA ASN A 428 -29.67 10.47 -12.33
C ASN A 428 -28.63 11.54 -12.62
N VAL A 429 -27.43 11.08 -12.96
CA VAL A 429 -26.38 11.91 -13.60
C VAL A 429 -26.52 11.70 -15.11
N ASN A 430 -26.14 12.69 -15.89
CA ASN A 430 -26.19 12.61 -17.37
C ASN A 430 -24.91 11.92 -17.88
N SER A 431 -24.92 10.62 -18.07
CA SER A 431 -23.70 9.92 -18.52
C SER A 431 -23.70 9.85 -20.05
N GLU A 432 -22.74 10.50 -20.70
CA GLU A 432 -22.65 10.40 -22.18
C GLU A 432 -21.55 9.41 -22.57
N ILE A 433 -20.85 8.90 -21.57
CA ILE A 433 -19.73 7.92 -21.70
C ILE A 433 -20.12 6.60 -21.06
N CYS A 434 -19.96 5.51 -21.80
CA CYS A 434 -20.09 4.13 -21.30
C CYS A 434 -18.72 3.48 -21.31
N VAL A 435 -18.34 2.80 -20.22
CA VAL A 435 -17.10 2.01 -20.11
C VAL A 435 -17.45 0.54 -20.00
N GLY A 436 -16.89 -0.26 -20.91
CA GLY A 436 -17.10 -1.70 -20.99
C GLY A 436 -16.44 -2.43 -19.84
N PHE A 437 -17.21 -3.26 -19.18
CA PHE A 437 -16.75 -4.21 -18.15
C PHE A 437 -16.68 -5.60 -18.79
N TYR A 438 -15.47 -6.08 -19.06
CA TYR A 438 -15.19 -7.38 -19.71
C TYR A 438 -14.75 -8.36 -18.62
N LYS A 439 -15.68 -9.16 -18.11
CA LYS A 439 -15.46 -9.89 -16.85
C LYS A 439 -14.27 -10.83 -16.99
N PRO A 440 -14.05 -11.55 -18.12
CA PRO A 440 -12.94 -12.49 -18.15
C PRO A 440 -11.57 -11.91 -17.81
N TYR A 441 -11.33 -10.62 -18.02
CA TYR A 441 -10.05 -9.97 -17.58
C TYR A 441 -9.91 -10.02 -16.05
N PHE A 442 -11.00 -10.22 -15.32
CA PHE A 442 -11.05 -10.18 -13.83
C PHE A 442 -10.96 -11.59 -13.27
N PHE A 443 -11.04 -12.60 -14.14
CA PHE A 443 -11.09 -14.01 -13.69
C PHE A 443 -9.66 -14.49 -13.46
N THR A 444 -8.97 -13.96 -12.45
CA THR A 444 -7.55 -14.30 -12.19
C THR A 444 -7.25 -14.55 -10.69
N GLU A 445 -8.27 -14.65 -9.83
CA GLU A 445 -8.04 -14.77 -8.36
C GLU A 445 -7.24 -16.05 -8.03
N LEU A 446 -7.18 -17.03 -8.95
CA LEU A 446 -6.39 -18.29 -8.75
C LEU A 446 -4.92 -18.09 -9.16
N ILE A 447 -4.62 -17.08 -9.97
CA ILE A 447 -3.28 -17.00 -10.64
C ILE A 447 -2.62 -15.62 -10.53
N SER A 448 -3.39 -14.54 -10.40
CA SER A 448 -2.79 -13.18 -10.38
C SER A 448 -3.70 -12.23 -9.61
N SER A 449 -3.23 -11.75 -8.47
CA SER A 449 -3.96 -10.80 -7.60
C SER A 449 -2.96 -10.04 -6.74
N GLN A 450 -3.36 -8.88 -6.21
CA GLN A 450 -2.58 -8.17 -5.15
C GLN A 450 -2.34 -9.09 -3.94
N LEU A 451 -3.18 -10.08 -3.65
CA LEU A 451 -3.04 -10.93 -2.45
C LEU A 451 -2.58 -12.38 -2.71
N LEU A 452 -2.53 -12.85 -3.95
CA LEU A 452 -2.10 -14.26 -4.19
C LEU A 452 -0.60 -14.36 -3.84
N LYS A 453 -0.20 -15.42 -3.11
CA LYS A 453 1.19 -15.65 -2.64
C LYS A 453 2.11 -15.82 -3.85
N GLU A 454 1.72 -16.74 -4.72
CA GLU A 454 2.45 -17.22 -5.92
C GLU A 454 1.95 -16.40 -7.12
N LYS A 455 2.83 -15.70 -7.84
CA LYS A 455 2.50 -15.15 -9.18
C LYS A 455 2.57 -16.30 -10.20
N LYS A 456 1.41 -16.79 -10.63
CA LYS A 456 1.30 -17.95 -11.54
C LYS A 456 1.11 -17.50 -12.98
N LEU A 457 0.69 -16.25 -13.21
CA LEU A 457 0.47 -15.74 -14.59
C LEU A 457 1.58 -14.76 -14.94
N ASN A 458 2.40 -15.14 -15.94
CA ASN A 458 3.40 -14.30 -16.63
C ASN A 458 3.08 -14.32 -18.12
N VAL A 459 2.46 -13.26 -18.61
CA VAL A 459 1.88 -13.33 -19.98
C VAL A 459 3.00 -13.43 -21.02
N GLU A 460 4.17 -12.86 -20.73
CA GLU A 460 5.34 -12.89 -21.65
C GLU A 460 5.67 -14.35 -22.00
N GLU A 461 5.50 -15.28 -21.06
CA GLU A 461 5.78 -16.73 -21.32
C GLU A 461 4.78 -17.30 -22.34
N LEU A 462 3.68 -16.61 -22.63
CA LEU A 462 2.62 -17.12 -23.52
C LEU A 462 2.68 -16.40 -24.88
N GLY A 463 3.73 -15.62 -25.09
CA GLY A 463 3.90 -14.75 -26.26
C GLY A 463 2.93 -13.57 -26.25
N LEU A 464 2.51 -13.14 -25.05
CA LEU A 464 1.61 -11.96 -24.88
C LEU A 464 2.41 -10.85 -24.19
N TYR A 465 1.88 -9.63 -24.15
CA TYR A 465 2.54 -8.50 -23.42
C TYR A 465 1.53 -7.68 -22.61
N ILE A 466 0.23 -7.88 -22.78
CA ILE A 466 -0.78 -7.11 -22.00
C ILE A 466 -1.38 -8.01 -20.93
N ASP A 467 -0.89 -7.85 -19.72
CA ASP A 467 -1.36 -8.60 -18.52
C ASP A 467 -2.77 -8.11 -18.18
N PRO A 468 -3.76 -9.01 -18.04
CA PRO A 468 -5.15 -8.57 -17.84
C PRO A 468 -5.32 -7.86 -16.48
N ARG A 469 -4.58 -8.27 -15.48
CA ARG A 469 -4.68 -7.63 -14.14
C ARG A 469 -4.04 -6.24 -14.21
N PHE A 470 -2.85 -6.08 -14.80
CA PHE A 470 -2.27 -4.74 -15.06
C PHE A 470 -3.27 -3.84 -15.82
N LEU A 471 -3.91 -4.36 -16.87
CA LEU A 471 -4.92 -3.61 -17.66
C LEU A 471 -6.06 -3.18 -16.73
N ARG A 472 -6.68 -4.11 -16.00
CA ARG A 472 -7.92 -3.78 -15.27
C ARG A 472 -7.60 -2.92 -14.03
N GLU A 473 -6.41 -3.02 -13.44
CA GLU A 473 -6.09 -2.15 -12.27
C GLU A 473 -5.57 -0.77 -12.71
N GLU A 474 -4.55 -0.72 -13.57
CA GLU A 474 -3.77 0.53 -13.85
C GLU A 474 -4.35 1.23 -15.07
N ILE A 475 -4.77 0.50 -16.10
CA ILE A 475 -5.33 1.20 -17.29
C ILE A 475 -6.79 1.56 -17.04
N LEU A 476 -7.59 0.66 -16.48
CA LEU A 476 -9.04 0.89 -16.23
C LEU A 476 -9.30 1.51 -14.86
N PHE A 477 -9.01 0.81 -13.76
CA PHE A 477 -9.54 1.25 -12.43
C PHE A 477 -8.85 2.55 -12.00
N ASN A 478 -7.54 2.51 -11.89
CA ASN A 478 -6.70 3.63 -11.42
C ASN A 478 -6.39 4.59 -12.59
N GLY A 479 -6.80 4.25 -13.81
CA GLY A 479 -6.47 5.03 -15.02
C GLY A 479 -7.68 5.77 -15.55
N LEU A 480 -8.38 5.16 -16.51
CA LEU A 480 -9.58 5.70 -17.15
C LEU A 480 -10.63 6.14 -16.12
N LEU A 481 -11.10 5.24 -15.25
CA LEU A 481 -12.19 5.58 -14.27
C LEU A 481 -11.70 6.70 -13.37
N ARG A 482 -10.46 6.62 -12.87
CA ARG A 482 -9.91 7.70 -12.01
C ARG A 482 -9.87 9.03 -12.80
N GLY A 483 -9.38 8.98 -14.04
CA GLY A 483 -9.22 10.16 -14.88
C GLY A 483 -10.57 10.80 -15.15
N LEU A 484 -11.55 10.03 -15.59
CA LEU A 484 -12.90 10.56 -15.88
C LEU A 484 -13.46 11.23 -14.64
N GLN A 485 -13.42 10.57 -13.48
CA GLN A 485 -13.88 11.16 -12.21
C GLN A 485 -13.14 12.47 -11.91
N THR A 486 -11.82 12.50 -12.03
CA THR A 486 -11.01 13.68 -11.71
C THR A 486 -11.45 14.82 -12.66
N LEU A 487 -11.72 14.51 -13.93
CA LEU A 487 -12.11 15.52 -14.98
C LEU A 487 -13.60 15.89 -14.87
N ASN A 488 -14.34 15.27 -13.95
CA ASN A 488 -15.79 15.52 -13.76
C ASN A 488 -16.55 15.20 -15.05
N TYR A 489 -16.19 14.13 -15.74
CA TYR A 489 -17.04 13.53 -16.79
C TYR A 489 -17.79 12.32 -16.22
N ASN A 490 -19.10 12.38 -16.24
CA ASN A 490 -19.99 11.27 -15.81
C ASN A 490 -19.71 10.06 -16.70
N TYR A 491 -19.63 8.87 -16.13
CA TYR A 491 -19.60 7.61 -16.92
C TYR A 491 -20.54 6.60 -16.29
N ASP A 492 -20.98 5.65 -17.12
CA ASP A 492 -21.68 4.41 -16.70
C ASP A 492 -20.76 3.23 -17.06
N VAL A 493 -20.87 2.13 -16.34
CA VAL A 493 -20.19 0.87 -16.71
C VAL A 493 -21.27 -0.10 -17.18
N VAL A 494 -21.00 -0.85 -18.27
CA VAL A 494 -21.97 -1.87 -18.76
C VAL A 494 -21.20 -3.20 -18.92
N ASP A 495 -21.73 -4.25 -18.30
CA ASP A 495 -21.29 -5.66 -18.48
C ASP A 495 -21.49 -6.08 -19.93
N LEU A 496 -20.40 -6.38 -20.65
CA LEU A 496 -20.44 -6.74 -22.09
C LEU A 496 -21.03 -8.13 -22.32
N GLU A 497 -21.10 -8.98 -21.29
CA GLU A 497 -21.63 -10.34 -21.45
C GLU A 497 -23.16 -10.28 -21.69
N ASN A 498 -23.65 -10.94 -22.76
CA ASN A 498 -25.09 -10.97 -23.17
C ASN A 498 -25.61 -9.54 -23.24
N CYS A 499 -24.77 -8.62 -23.65
CA CYS A 499 -25.10 -7.18 -23.61
C CYS A 499 -26.00 -6.85 -24.80
N ASP A 500 -27.12 -6.19 -24.54
CA ASP A 500 -28.09 -5.77 -25.58
C ASP A 500 -27.50 -4.51 -26.27
N LEU A 501 -27.36 -4.53 -27.59
CA LEU A 501 -26.87 -3.37 -28.42
C LEU A 501 -27.65 -2.11 -28.08
N LYS A 502 -28.97 -2.23 -27.94
CA LYS A 502 -29.89 -1.11 -27.57
C LYS A 502 -29.48 -0.49 -26.22
N SER A 503 -28.82 -1.23 -25.33
CA SER A 503 -28.33 -0.69 -24.04
C SER A 503 -26.98 0.04 -24.20
N LEU A 504 -26.45 0.18 -25.43
CA LEU A 504 -25.19 0.92 -25.68
C LEU A 504 -25.44 2.17 -26.52
N THR A 505 -26.55 2.26 -27.27
CA THR A 505 -26.76 3.29 -28.34
C THR A 505 -27.06 4.67 -27.74
N ALA A 506 -27.57 4.74 -26.50
CA ALA A 506 -27.83 6.00 -25.75
C ALA A 506 -26.54 6.81 -25.54
N TYR A 507 -25.36 6.19 -25.48
CA TYR A 507 -24.09 6.90 -25.14
C TYR A 507 -23.52 7.60 -26.37
N LYS A 508 -22.87 8.74 -26.17
CA LYS A 508 -22.09 9.40 -27.24
C LYS A 508 -20.82 8.58 -27.50
N GLN A 509 -20.21 8.02 -26.45
CA GLN A 509 -19.00 7.18 -26.61
C GLN A 509 -19.08 5.91 -25.77
N LEU A 510 -18.60 4.80 -26.33
CA LEU A 510 -18.26 3.55 -25.62
C LEU A 510 -16.73 3.39 -25.56
N TRP A 511 -16.20 3.16 -24.36
CA TRP A 511 -14.73 3.05 -24.12
C TRP A 511 -14.44 1.61 -23.75
N ILE A 512 -13.54 0.96 -24.49
CA ILE A 512 -13.14 -0.45 -24.24
C ILE A 512 -11.63 -0.45 -23.98
N THR A 513 -11.24 -0.87 -22.77
CA THR A 513 -9.84 -1.17 -22.42
C THR A 513 -9.60 -2.66 -22.74
N SER A 514 -8.82 -2.96 -23.78
CA SER A 514 -8.74 -4.33 -24.36
C SER A 514 -7.33 -4.90 -24.24
N ALA A 515 -7.24 -6.19 -23.92
CA ALA A 515 -5.99 -6.98 -23.98
C ALA A 515 -5.89 -7.55 -25.39
N GLU A 516 -5.02 -8.53 -25.60
CA GLU A 516 -4.82 -9.14 -26.92
C GLU A 516 -5.89 -10.21 -27.16
N PHE A 517 -6.72 -10.49 -26.17
CA PHE A 517 -7.70 -11.59 -26.19
C PHE A 517 -9.05 -11.02 -25.79
N MET A 518 -10.09 -11.53 -26.43
CA MET A 518 -11.50 -11.12 -26.25
C MET A 518 -12.37 -12.15 -26.97
N ASP A 519 -13.49 -12.60 -26.37
CA ASP A 519 -14.30 -13.70 -26.94
C ASP A 519 -14.97 -13.22 -28.23
N ALA A 520 -15.34 -14.17 -29.08
CA ALA A 520 -16.05 -13.92 -30.35
C ALA A 520 -17.30 -13.07 -30.11
N GLU A 521 -18.08 -13.35 -29.07
CA GLU A 521 -19.37 -12.63 -28.86
C GLU A 521 -19.12 -11.15 -28.62
N THR A 522 -18.10 -10.82 -27.82
CA THR A 522 -17.79 -9.39 -27.48
C THR A 522 -17.18 -8.72 -28.72
N GLN A 523 -16.30 -9.40 -29.44
CA GLN A 523 -15.75 -8.86 -30.71
C GLN A 523 -16.89 -8.58 -31.70
N ASN A 524 -17.89 -9.47 -31.81
CA ASN A 524 -19.06 -9.23 -32.71
C ASN A 524 -19.92 -8.07 -32.19
N LEU A 525 -20.21 -8.03 -30.88
CA LEU A 525 -20.98 -6.92 -30.27
C LEU A 525 -20.31 -5.58 -30.57
N LEU A 526 -19.01 -5.46 -30.36
CA LEU A 526 -18.37 -4.13 -30.56
C LEU A 526 -18.36 -3.80 -32.06
N SER A 527 -18.29 -4.83 -32.91
CA SER A 527 -18.33 -4.67 -34.39
C SER A 527 -19.67 -4.06 -34.81
N GLU A 528 -20.76 -4.68 -34.37
CA GLU A 528 -22.15 -4.25 -34.67
C GLU A 528 -22.36 -2.85 -34.11
N PHE A 529 -21.84 -2.57 -32.91
CA PHE A 529 -22.02 -1.25 -32.27
C PHE A 529 -21.52 -0.15 -33.22
N VAL A 530 -20.30 -0.26 -33.74
CA VAL A 530 -19.71 0.78 -34.62
C VAL A 530 -20.48 0.82 -35.95
N LEU A 531 -20.68 -0.32 -36.60
CA LEU A 531 -21.32 -0.36 -37.94
C LEU A 531 -22.68 0.34 -37.87
N ASN A 532 -23.42 0.17 -36.78
CA ASN A 532 -24.81 0.69 -36.64
C ASN A 532 -24.82 2.17 -36.22
N GLY A 533 -23.66 2.78 -35.97
CA GLY A 533 -23.53 4.23 -35.70
C GLY A 533 -22.92 4.59 -34.34
N GLY A 534 -22.41 3.61 -33.60
CA GLY A 534 -21.78 3.88 -32.29
C GLY A 534 -20.38 4.45 -32.48
N ASN A 535 -19.92 5.22 -31.49
CA ASN A 535 -18.56 5.79 -31.45
C ASN A 535 -17.75 5.02 -30.41
N LEU A 536 -16.77 4.25 -30.87
CA LEU A 536 -15.94 3.36 -30.01
C LEU A 536 -14.56 3.97 -29.82
N ILE A 537 -14.07 3.94 -28.60
CA ILE A 537 -12.65 4.23 -28.25
C ILE A 537 -12.06 2.94 -27.69
N LEU A 538 -11.01 2.43 -28.31
CA LEU A 538 -10.43 1.11 -27.99
C LEU A 538 -8.91 1.25 -27.88
N TYR A 539 -8.36 0.75 -26.76
CA TYR A 539 -6.92 0.74 -26.44
C TYR A 539 -6.74 -0.22 -25.28
N PRO A 540 -5.51 -0.70 -25.01
CA PRO A 540 -4.32 -0.45 -25.84
C PRO A 540 -4.11 -1.38 -27.05
N ALA A 541 -5.04 -2.29 -27.32
CA ALA A 541 -4.82 -3.33 -28.36
C ALA A 541 -6.14 -3.71 -29.01
N VAL A 542 -6.12 -3.76 -30.35
CA VAL A 542 -7.08 -4.61 -31.10
C VAL A 542 -6.76 -6.03 -30.65
N PRO A 543 -7.74 -6.77 -30.07
CA PRO A 543 -7.50 -8.17 -29.73
C PRO A 543 -7.45 -9.04 -30.99
N THR A 544 -6.77 -10.19 -30.91
CA THR A 544 -6.60 -11.15 -32.05
C THR A 544 -6.77 -12.58 -31.57
N LEU A 545 -6.97 -12.77 -30.26
CA LEU A 545 -7.22 -14.11 -29.66
C LEU A 545 -8.56 -14.11 -28.94
N ASP A 546 -9.04 -15.32 -28.63
CA ASP A 546 -10.24 -15.54 -27.78
C ASP A 546 -9.77 -15.84 -26.35
N ASN A 547 -10.69 -16.19 -25.47
CA ASN A 547 -10.41 -16.35 -24.02
C ASN A 547 -9.49 -17.55 -23.79
N TYR A 548 -9.35 -18.47 -24.77
CA TYR A 548 -8.43 -19.65 -24.69
C TYR A 548 -7.12 -19.38 -25.44
N LEU A 549 -6.95 -18.14 -25.89
CA LEU A 549 -5.74 -17.64 -26.60
C LEU A 549 -5.59 -18.34 -27.96
N ASN A 550 -6.69 -18.85 -28.50
CA ASN A 550 -6.78 -19.29 -29.92
C ASN A 550 -7.16 -18.10 -30.81
N ARG A 551 -6.86 -18.23 -32.11
CA ARG A 551 -7.06 -17.15 -33.13
C ARG A 551 -8.50 -16.65 -33.08
N CYS A 552 -8.73 -15.34 -32.97
CA CYS A 552 -10.05 -14.70 -33.19
C CYS A 552 -9.85 -13.25 -33.64
N GLU A 553 -10.01 -13.00 -34.94
CA GLU A 553 -9.65 -11.72 -35.58
C GLU A 553 -10.91 -11.02 -36.09
N ILE A 554 -12.06 -11.34 -35.49
CA ILE A 554 -13.39 -10.84 -35.94
C ILE A 554 -13.38 -9.29 -35.95
N LEU A 555 -12.98 -8.69 -34.83
CA LEU A 555 -13.06 -7.22 -34.65
C LEU A 555 -12.00 -6.56 -35.53
N LYS A 556 -10.78 -7.05 -35.52
CA LYS A 556 -9.71 -6.57 -36.44
C LYS A 556 -10.22 -6.57 -37.90
N ASN A 557 -10.78 -7.68 -38.37
CA ASN A 557 -11.27 -7.79 -39.78
C ASN A 557 -12.50 -6.90 -40.01
N ASN A 558 -13.46 -6.89 -39.10
CA ASN A 558 -14.67 -6.06 -39.29
C ASN A 558 -14.32 -4.57 -39.33
N PHE A 559 -13.23 -4.15 -38.69
CA PHE A 559 -12.80 -2.72 -38.66
C PHE A 559 -11.72 -2.42 -39.71
N GLY A 560 -11.28 -3.40 -40.49
CA GLY A 560 -10.36 -3.15 -41.61
C GLY A 560 -9.04 -2.64 -41.09
N ILE A 561 -8.62 -3.19 -39.94
CA ILE A 561 -7.33 -2.84 -39.29
C ILE A 561 -6.27 -3.84 -39.71
N GLU A 562 -5.13 -3.30 -40.12
CA GLU A 562 -3.86 -4.03 -40.26
C GLU A 562 -2.85 -3.43 -39.29
N PHE A 563 -2.15 -4.26 -38.55
CA PHE A 563 -1.11 -3.74 -37.63
C PHE A 563 0.03 -4.74 -37.51
N ILE A 564 1.17 -4.22 -37.06
CA ILE A 564 2.37 -4.98 -36.68
C ILE A 564 2.74 -4.49 -35.28
N THR A 565 3.11 -5.39 -34.38
CA THR A 565 3.57 -5.01 -33.02
C THR A 565 5.07 -4.69 -33.12
N LYS A 566 5.51 -3.48 -32.75
CA LYS A 566 6.94 -3.05 -32.82
C LYS A 566 7.36 -2.40 -31.51
N ASP A 567 8.63 -2.57 -31.12
CA ASP A 567 9.25 -1.97 -29.92
C ASP A 567 9.58 -0.51 -30.20
N SER A 568 9.30 0.40 -29.25
CA SER A 568 9.77 1.81 -29.28
C SER A 568 9.87 2.33 -27.85
N SER A 569 10.40 3.54 -27.72
CA SER A 569 10.34 4.36 -26.49
C SER A 569 8.94 4.28 -25.88
N HIS A 570 8.86 4.31 -24.55
CA HIS A 570 7.56 4.37 -23.81
C HIS A 570 6.77 5.60 -24.23
N LYS A 571 7.44 6.67 -24.63
CA LYS A 571 6.79 7.98 -24.89
C LYS A 571 6.32 8.02 -26.35
N VAL A 572 5.07 8.43 -26.52
CA VAL A 572 4.41 8.68 -27.83
C VAL A 572 3.87 10.10 -27.80
N SER A 573 3.49 10.57 -28.97
CA SER A 573 2.69 11.81 -29.10
C SER A 573 1.29 11.39 -29.52
N ALA A 574 0.25 12.04 -29.00
CA ALA A 574 -1.16 11.69 -29.32
C ALA A 574 -1.97 12.98 -29.34
N PHE A 575 -2.69 13.20 -30.44
CA PHE A 575 -3.50 14.42 -30.66
C PHE A 575 -2.68 15.69 -30.35
N GLY A 576 -1.38 15.67 -30.65
CA GLY A 576 -0.49 16.83 -30.52
C GLY A 576 -0.01 17.06 -29.11
N ILE A 577 -0.33 16.15 -28.18
CA ILE A 577 0.25 16.07 -26.82
C ILE A 577 1.57 15.30 -26.96
N GLU A 578 2.71 15.93 -26.67
CA GLU A 578 4.06 15.32 -26.73
C GLU A 578 4.35 14.55 -25.43
N ASP A 579 5.23 13.55 -25.49
CA ASP A 579 5.82 12.92 -24.28
C ASP A 579 4.70 12.32 -23.42
N VAL A 580 3.72 11.69 -24.06
CA VAL A 580 2.71 10.84 -23.37
C VAL A 580 3.42 9.54 -22.99
N PHE A 581 3.64 9.30 -21.69
CA PHE A 581 4.31 8.05 -21.26
C PHE A 581 3.31 6.88 -21.40
N THR A 582 3.71 5.79 -22.06
CA THR A 582 2.88 4.57 -22.19
C THR A 582 3.55 3.41 -21.46
N ALA A 583 2.75 2.44 -21.05
CA ALA A 583 3.19 1.35 -20.15
C ALA A 583 4.18 0.39 -20.86
N PHE A 584 4.08 0.18 -22.17
CA PHE A 584 4.82 -0.89 -22.89
C PHE A 584 5.71 -0.35 -24.02
N SER A 585 6.87 -0.98 -24.20
CA SER A 585 7.75 -0.77 -25.36
C SER A 585 7.04 -1.25 -26.63
N LYS A 586 6.42 -2.42 -26.58
CA LYS A 586 5.62 -2.97 -27.69
C LYS A 586 4.36 -2.11 -27.88
N LYS A 587 4.11 -1.69 -29.11
CA LYS A 587 2.89 -0.91 -29.49
C LYS A 587 2.35 -1.49 -30.77
N GLN A 588 1.05 -1.31 -31.00
CA GLN A 588 0.44 -1.66 -32.29
C GLN A 588 0.67 -0.50 -33.24
N ILE A 589 1.22 -0.80 -34.41
CA ILE A 589 1.50 0.15 -35.51
C ILE A 589 0.53 -0.14 -36.67
N TYR A 590 -0.34 0.82 -36.93
CA TYR A 590 -1.47 0.73 -37.91
C TYR A 590 -1.05 1.35 -39.23
N ASN A 591 -1.48 0.80 -40.37
CA ASN A 591 -1.30 1.55 -41.65
C ASN A 591 -2.43 2.57 -41.68
N ASP A 592 -2.19 3.69 -42.39
CA ASP A 592 -3.08 4.88 -42.44
C ASP A 592 -4.21 4.69 -43.47
N THR A 593 -4.56 3.45 -43.82
CA THR A 593 -5.56 3.17 -44.89
C THR A 593 -6.93 3.63 -44.38
N ASN A 594 -7.58 4.51 -45.15
CA ASN A 594 -8.97 4.98 -44.89
C ASN A 594 -9.10 5.43 -43.43
N SER A 595 -8.10 6.16 -42.93
CA SER A 595 -8.05 6.57 -41.51
C SER A 595 -7.23 7.86 -41.33
N LYS A 596 -7.39 8.55 -40.20
CA LYS A 596 -6.60 9.74 -39.82
C LYS A 596 -5.62 9.34 -38.73
N PRO A 597 -4.28 9.38 -38.96
CA PRO A 597 -3.31 9.06 -37.92
C PRO A 597 -3.32 10.18 -36.87
N ILE A 598 -3.39 9.81 -35.59
CA ILE A 598 -3.54 10.81 -34.50
C ILE A 598 -2.56 10.52 -33.37
N ALA A 599 -1.73 9.49 -33.50
CA ALA A 599 -0.70 9.18 -32.50
C ALA A 599 0.49 8.52 -33.18
N PHE A 600 1.68 8.86 -32.70
CA PHE A 600 2.97 8.56 -33.35
C PHE A 600 3.99 8.14 -32.30
N THR A 601 4.81 7.17 -32.66
CA THR A 601 5.95 6.73 -31.82
C THR A 601 7.10 7.74 -31.95
N GLN A 602 8.16 7.57 -31.13
CA GLN A 602 9.37 8.42 -31.21
C GLN A 602 10.01 8.30 -32.60
N GLU A 603 9.75 7.23 -33.36
CA GLU A 603 10.24 7.09 -34.78
C GLU A 603 9.17 7.50 -35.79
N ASN A 604 8.11 8.18 -35.34
CA ASN A 604 6.96 8.72 -36.13
C ASN A 604 6.17 7.60 -36.82
N GLU A 605 6.19 6.39 -36.26
CA GLU A 605 5.31 5.29 -36.73
C GLU A 605 3.90 5.49 -36.16
N ILE A 606 2.85 5.09 -36.88
CA ILE A 606 1.43 5.41 -36.52
C ILE A 606 1.00 4.39 -35.45
N CYS A 607 0.82 4.85 -34.22
CA CYS A 607 0.34 4.00 -33.10
C CYS A 607 -1.05 4.46 -32.64
N GLY A 608 -1.79 5.20 -33.46
CA GLY A 608 -3.20 5.51 -33.20
C GLY A 608 -3.89 6.12 -34.40
N ILE A 609 -5.15 5.76 -34.63
CA ILE A 609 -5.90 6.22 -35.84
C ILE A 609 -7.36 6.41 -35.49
N ARG A 610 -8.03 7.24 -36.29
CA ARG A 610 -9.49 7.46 -36.23
C ARG A 610 -10.06 7.10 -37.58
N LYS A 611 -11.22 6.44 -37.64
CA LYS A 611 -11.86 6.11 -38.94
C LYS A 611 -13.37 6.05 -38.77
N LYS A 612 -14.06 6.25 -39.89
CA LYS A 612 -15.52 6.08 -40.01
C LYS A 612 -15.72 4.70 -40.62
N ILE A 613 -16.60 3.92 -40.03
CA ILE A 613 -16.91 2.51 -40.41
C ILE A 613 -18.43 2.40 -40.33
N GLY A 614 -19.09 2.14 -41.46
CA GLY A 614 -20.55 2.23 -41.54
C GLY A 614 -21.02 3.57 -41.02
N LYS A 615 -21.94 3.58 -40.06
CA LYS A 615 -22.52 4.86 -39.56
C LYS A 615 -21.74 5.37 -38.34
N GLY A 616 -20.77 4.60 -37.88
CA GLY A 616 -20.07 4.81 -36.59
C GLY A 616 -18.67 5.34 -36.78
N GLU A 617 -17.99 5.49 -35.66
CA GLU A 617 -16.65 6.09 -35.56
C GLU A 617 -15.79 5.17 -34.72
N LEU A 618 -14.51 5.06 -35.05
CA LEU A 618 -13.57 4.25 -34.26
C LEU A 618 -12.32 5.07 -34.02
N THR A 619 -11.85 5.05 -32.77
CA THR A 619 -10.55 5.61 -32.34
C THR A 619 -9.78 4.46 -31.71
N ILE A 620 -8.67 4.03 -32.32
CA ILE A 620 -7.84 2.94 -31.73
C ILE A 620 -6.52 3.57 -31.33
N LEU A 621 -6.06 3.30 -30.11
CA LEU A 621 -4.70 3.67 -29.64
C LEU A 621 -3.94 2.37 -29.37
N GLY A 622 -2.80 2.19 -30.03
CA GLY A 622 -1.98 0.97 -29.93
C GLY A 622 -1.01 1.04 -28.77
N PHE A 623 -1.37 1.73 -27.70
CA PHE A 623 -0.49 1.98 -26.54
C PHE A 623 -1.34 2.08 -25.29
N ALA A 624 -0.73 1.82 -24.15
CA ALA A 624 -1.40 1.75 -22.82
C ALA A 624 -1.05 2.97 -21.96
N PHE A 625 -2.06 3.69 -21.49
CA PHE A 625 -1.86 4.80 -20.52
C PHE A 625 -2.96 4.62 -19.49
N GLY A 626 -2.62 4.88 -18.23
CA GLY A 626 -3.59 5.06 -17.15
C GLY A 626 -3.64 6.52 -16.75
N TYR A 627 -3.42 6.81 -15.48
CA TYR A 627 -3.30 8.19 -14.98
C TYR A 627 -2.12 8.25 -14.01
N THR A 628 -0.93 8.48 -14.58
CA THR A 628 0.33 8.60 -13.82
C THR A 628 1.07 9.85 -14.27
N SER A 629 0.41 10.76 -15.00
CA SER A 629 0.97 12.05 -15.49
C SER A 629 -0.14 13.02 -15.88
N ASP A 630 0.21 14.29 -16.01
CA ASP A 630 -0.74 15.34 -16.46
C ASP A 630 -1.08 15.07 -17.93
N GLU A 631 -0.15 14.52 -18.71
CA GLU A 631 -0.42 14.23 -20.14
C GLU A 631 -1.59 13.25 -20.22
N HIS A 632 -1.72 12.33 -19.27
CA HIS A 632 -2.81 11.31 -19.34
C HIS A 632 -4.17 11.99 -19.20
N LEU A 633 -4.31 12.96 -18.29
CA LEU A 633 -5.58 13.69 -18.16
C LEU A 633 -5.81 14.51 -19.42
N GLU A 634 -4.77 15.10 -20.01
CA GLU A 634 -4.94 15.91 -21.24
C GLU A 634 -5.46 15.00 -22.34
N LEU A 635 -4.96 13.78 -22.40
CA LEU A 635 -5.28 12.80 -23.47
C LEU A 635 -6.73 12.33 -23.29
N ILE A 636 -7.12 11.93 -22.07
CA ILE A 636 -8.54 11.56 -21.80
C ILE A 636 -9.45 12.73 -22.19
N ASP A 637 -9.09 13.96 -21.81
CA ASP A 637 -9.98 15.13 -22.03
C ASP A 637 -10.16 15.31 -23.54
N LYS A 638 -9.07 15.17 -24.28
CA LYS A 638 -9.07 15.27 -25.77
C LYS A 638 -9.98 14.22 -26.39
N LEU A 639 -9.92 12.98 -25.91
CA LEU A 639 -10.71 11.86 -26.45
C LEU A 639 -12.18 12.12 -26.20
N VAL A 640 -12.54 12.50 -24.97
CA VAL A 640 -13.97 12.81 -24.63
C VAL A 640 -14.45 13.92 -25.57
N LYS A 641 -13.64 14.97 -25.79
CA LYS A 641 -14.03 16.16 -26.62
C LYS A 641 -14.18 15.78 -28.10
N LEU A 642 -13.65 14.64 -28.58
CA LEU A 642 -13.87 14.20 -30.00
C LEU A 642 -15.36 14.17 -30.35
N ASN A 643 -16.23 13.93 -29.36
CA ASN A 643 -17.69 13.85 -29.58
C ASN A 643 -18.39 14.99 -28.84
N LYS A 644 -17.67 16.08 -28.57
CA LYS A 644 -18.25 17.35 -28.08
C LYS A 644 -18.99 17.12 -26.75
N ILE A 645 -18.57 16.14 -25.97
CA ILE A 645 -19.12 15.93 -24.60
C ILE A 645 -18.62 17.06 -23.70
N LYS A 646 -19.52 17.63 -22.91
CA LYS A 646 -19.20 18.78 -22.02
C LYS A 646 -19.46 18.39 -20.56
N ARG A 647 -18.64 18.91 -19.66
CA ARG A 647 -18.90 18.90 -18.19
C ARG A 647 -20.25 19.63 -17.93
N GLU A 648 -20.97 19.26 -16.87
CA GLU A 648 -22.26 19.89 -16.46
C GLU A 648 -22.00 21.32 -15.95
N LEU A 649 -20.81 21.60 -15.41
CA LEU A 649 -20.46 22.91 -14.82
C LEU A 649 -19.09 23.37 -15.32
N PHE A 650 -18.91 24.69 -15.44
CA PHE A 650 -17.59 25.37 -15.45
C PHE A 650 -17.21 25.67 -14.00
N VAL A 651 -16.09 25.12 -13.54
CA VAL A 651 -15.57 25.32 -12.16
C VAL A 651 -14.15 25.85 -12.31
N SER A 652 -13.82 26.88 -11.55
CA SER A 652 -12.56 27.65 -11.73
C SER A 652 -11.37 26.87 -11.18
N ASP A 653 -11.61 25.88 -10.34
CA ASP A 653 -10.52 25.07 -9.71
C ASP A 653 -10.68 23.64 -10.21
N LYS A 654 -9.74 23.19 -11.04
CA LYS A 654 -9.88 21.89 -11.72
C LYS A 654 -9.78 20.75 -10.70
N ASP A 655 -9.31 21.05 -9.47
CA ASP A 655 -9.11 20.02 -8.42
C ASP A 655 -10.39 19.80 -7.60
N ILE A 656 -11.44 20.59 -7.84
CA ILE A 656 -12.77 20.40 -7.22
C ILE A 656 -13.52 19.32 -8.00
N GLN A 657 -13.96 18.27 -7.34
CA GLN A 657 -14.87 17.28 -7.94
C GLN A 657 -16.33 17.70 -7.69
N PHE A 658 -17.11 17.52 -8.73
CA PHE A 658 -18.56 17.77 -8.60
C PHE A 658 -19.33 16.65 -9.28
N VAL A 659 -20.57 16.52 -8.84
CA VAL A 659 -21.58 15.65 -9.48
C VAL A 659 -22.89 16.42 -9.51
N VAL A 660 -23.51 16.53 -10.69
CA VAL A 660 -24.88 17.10 -10.80
C VAL A 660 -25.84 15.92 -10.93
N ARG A 661 -26.77 15.75 -9.99
CA ARG A 661 -27.81 14.70 -10.09
C ARG A 661 -29.13 15.44 -10.26
N GLU A 662 -29.96 15.03 -11.22
CA GLU A 662 -31.26 15.72 -11.40
C GLU A 662 -32.35 14.79 -11.90
N ASN A 663 -33.58 15.20 -11.64
CA ASN A 663 -34.79 14.64 -12.28
C ASN A 663 -35.58 15.83 -12.83
N ASN A 664 -36.83 15.59 -13.19
CA ASN A 664 -37.79 16.63 -13.70
C ASN A 664 -37.84 17.81 -12.72
N LYS A 665 -37.94 17.50 -11.44
CA LYS A 665 -38.36 18.42 -10.35
C LYS A 665 -37.17 19.19 -9.79
N SER A 666 -36.01 18.54 -9.61
CA SER A 666 -34.92 19.01 -8.72
C SER A 666 -33.52 18.76 -9.29
N ARG A 667 -32.57 19.58 -8.88
CA ARG A 667 -31.14 19.45 -9.24
C ARG A 667 -30.34 19.53 -7.93
N TYR A 668 -29.45 18.57 -7.71
CA TYR A 668 -28.51 18.58 -6.58
C TYR A 668 -27.11 18.74 -7.15
N ILE A 669 -26.36 19.74 -6.68
CA ILE A 669 -24.91 19.88 -7.04
C ILE A 669 -24.13 19.46 -5.81
N PHE A 670 -23.38 18.37 -5.92
CA PHE A 670 -22.39 17.93 -4.90
C PHE A 670 -21.00 18.44 -5.31
N PHE A 671 -20.38 19.26 -4.48
CA PHE A 671 -18.95 19.58 -4.58
C PHE A 671 -18.18 18.74 -3.56
N LEU A 672 -17.09 18.12 -3.99
CA LEU A 672 -16.19 17.32 -3.13
C LEU A 672 -14.76 17.87 -3.24
N ASN A 673 -14.17 18.16 -2.10
CA ASN A 673 -12.77 18.60 -2.01
C ASN A 673 -11.97 17.49 -1.33
N TYR A 674 -11.29 16.70 -2.15
CA TYR A 674 -10.52 15.52 -1.72
C TYR A 674 -9.07 15.94 -1.38
N HIS A 675 -8.80 17.22 -1.08
CA HIS A 675 -7.41 17.72 -1.00
C HIS A 675 -7.22 18.44 0.32
N ASN A 676 -6.00 18.47 0.86
CA ASN A 676 -5.74 19.19 2.15
C ASN A 676 -5.44 20.66 1.83
N GLU A 677 -6.47 21.37 1.35
CA GLU A 677 -6.38 22.81 1.02
C GLU A 677 -7.74 23.44 1.19
N ARG A 678 -7.85 24.58 1.85
CA ARG A 678 -9.11 25.36 1.81
C ARG A 678 -9.19 25.98 0.42
N LYS A 679 -10.23 25.65 -0.34
CA LYS A 679 -10.37 26.08 -1.75
C LYS A 679 -11.52 27.08 -1.85
N THR A 680 -11.23 28.25 -2.42
CA THR A 680 -12.22 29.25 -2.85
C THR A 680 -12.27 29.23 -4.38
N PHE A 681 -13.44 29.02 -4.93
CA PHE A 681 -13.61 28.85 -6.39
C PHE A 681 -14.99 29.39 -6.78
N ASN A 682 -15.20 29.52 -8.08
CA ASN A 682 -16.51 29.95 -8.60
C ASN A 682 -16.95 28.91 -9.59
N TYR A 683 -18.24 28.84 -9.88
CA TYR A 683 -18.75 27.89 -10.87
C TYR A 683 -20.00 28.44 -11.55
N ARG A 684 -20.34 27.85 -12.69
CA ARG A 684 -21.61 28.13 -13.38
C ARG A 684 -22.01 26.89 -14.17
N LYS A 685 -23.28 26.77 -14.51
CA LYS A 685 -23.77 25.67 -15.37
C LYS A 685 -23.24 25.92 -16.78
N SER A 686 -22.77 24.87 -17.48
CA SER A 686 -22.20 24.92 -18.85
C SER A 686 -23.14 25.64 -19.81
N SER A 687 -24.44 25.74 -19.48
CA SER A 687 -25.43 26.69 -20.08
C SER A 687 -25.54 27.96 -19.22
N LYS A 693 -22.56 36.60 -11.86
CA LYS A 693 -23.28 35.52 -12.58
C LYS A 693 -22.77 34.16 -12.07
N SER A 694 -21.44 33.93 -12.08
CA SER A 694 -20.78 32.75 -11.45
C SER A 694 -20.89 32.82 -9.92
N GLU A 695 -21.24 31.70 -9.26
CA GLU A 695 -21.42 31.60 -7.79
C GLU A 695 -20.05 31.31 -7.14
N GLU A 696 -19.74 31.94 -6.01
CA GLU A 696 -18.46 31.74 -5.30
C GLU A 696 -18.69 30.79 -4.12
N ILE A 697 -17.73 29.91 -3.87
CA ILE A 697 -17.86 28.85 -2.82
C ILE A 697 -16.51 28.70 -2.19
N SER A 698 -16.51 28.56 -0.86
CA SER A 698 -15.31 28.25 -0.08
C SER A 698 -15.57 26.90 0.59
N ILE A 699 -14.64 25.97 0.42
CA ILE A 699 -14.77 24.57 0.91
C ILE A 699 -13.51 24.20 1.68
N ALA A 700 -13.70 23.66 2.89
CA ALA A 700 -12.65 23.21 3.79
C ALA A 700 -11.93 22.01 3.19
N PRO A 701 -10.71 21.71 3.68
CA PRO A 701 -10.03 20.47 3.35
C PRO A 701 -10.95 19.26 3.59
N PHE A 702 -10.90 18.31 2.65
CA PHE A 702 -11.50 16.97 2.82
C PHE A 702 -12.99 17.13 3.17
N SER A 703 -13.64 18.08 2.51
CA SER A 703 -15.01 18.50 2.85
C SER A 703 -15.91 18.54 1.63
N TYR A 704 -17.15 18.96 1.83
CA TYR A 704 -18.19 18.88 0.78
C TYR A 704 -19.11 20.11 0.88
N LYS A 705 -19.76 20.44 -0.23
CA LYS A 705 -20.98 21.29 -0.21
C LYS A 705 -22.06 20.59 -1.03
N VAL A 706 -23.32 20.75 -0.62
CA VAL A 706 -24.48 20.28 -1.43
C VAL A 706 -25.41 21.48 -1.67
N ILE A 707 -25.68 21.77 -2.92
CA ILE A 707 -26.61 22.87 -3.34
C ILE A 707 -27.86 22.21 -3.93
N LYS A 708 -29.06 22.56 -3.47
CA LYS A 708 -30.29 22.09 -4.14
C LYS A 708 -30.94 23.23 -4.90
N GLU A 709 -31.36 22.97 -6.14
CA GLU A 709 -32.10 23.92 -7.01
C GLU A 709 -33.47 23.31 -7.33
N ASN A 710 -34.51 24.14 -7.27
CA ASN A 710 -35.90 23.77 -7.64
C ASN A 710 -36.04 23.98 -9.16
N LYS A 711 -36.27 22.90 -9.92
CA LYS A 711 -36.41 22.77 -11.40
C LYS A 711 -35.07 22.28 -11.99
N SER B 1 27.73 17.15 22.57
CA SER B 1 26.60 16.17 22.57
C SER B 1 26.04 16.02 21.14
N GLU B 2 25.35 17.04 20.60
CA GLU B 2 24.58 16.92 19.32
C GLU B 2 25.51 17.07 18.12
N LYS B 3 25.14 16.46 16.99
CA LYS B 3 25.85 16.63 15.72
C LYS B 3 25.03 17.55 14.80
N TYR B 4 25.69 18.56 14.25
CA TYR B 4 25.01 19.58 13.44
C TYR B 4 26.01 20.24 12.52
N PHE B 5 25.50 20.79 11.43
CA PHE B 5 26.34 21.51 10.45
C PHE B 5 26.71 22.83 11.11
N VAL B 6 27.83 23.41 10.65
CA VAL B 6 28.34 24.69 11.21
C VAL B 6 28.57 25.71 10.10
N LYS B 7 28.29 26.96 10.42
CA LYS B 7 28.55 28.09 9.48
C LYS B 7 28.99 29.24 10.37
N ASN B 8 30.10 29.89 10.01
CA ASN B 8 30.63 31.07 10.75
C ASN B 8 30.75 30.69 12.24
N GLY B 9 31.28 29.48 12.48
CA GLY B 9 31.60 28.94 13.81
C GLY B 9 30.39 28.74 14.72
N GLN B 10 29.17 28.71 14.18
CA GLN B 10 27.92 28.65 14.99
C GLN B 10 27.08 27.52 14.43
N PRO B 11 26.15 26.93 15.21
CA PRO B 11 25.29 25.88 14.67
C PRO B 11 24.56 26.44 13.47
N HIS B 12 24.47 25.67 12.38
CA HIS B 12 23.84 26.07 11.11
C HIS B 12 22.86 25.00 10.64
N PHE B 13 21.58 25.34 10.50
CA PHE B 13 20.57 24.43 9.95
C PHE B 13 20.76 24.48 8.43
N LEU B 14 21.23 23.39 7.84
CA LEU B 14 21.44 23.35 6.37
C LEU B 14 20.06 23.40 5.71
N ILE B 15 19.72 24.49 5.02
CA ILE B 15 18.48 24.67 4.22
C ILE B 15 18.91 24.77 2.74
N SER B 16 18.77 23.66 2.02
CA SER B 16 19.07 23.54 0.57
C SER B 16 17.75 23.36 -0.17
N GLY B 17 17.67 23.93 -1.37
CA GLY B 17 16.61 23.61 -2.34
C GLY B 17 17.21 23.01 -3.61
N GLU B 18 16.57 21.97 -4.12
CA GLU B 18 17.00 21.30 -5.38
C GLU B 18 16.45 22.12 -6.55
N VAL B 19 17.34 22.50 -7.44
CA VAL B 19 17.04 23.31 -8.65
C VAL B 19 17.90 22.76 -9.79
N HIS B 20 17.27 22.10 -10.74
CA HIS B 20 17.95 21.40 -11.86
C HIS B 20 18.11 22.40 -12.99
N TYR B 21 19.27 23.03 -13.04
CA TYR B 21 19.60 24.02 -14.09
C TYR B 21 19.28 23.44 -15.46
N PHE B 22 19.52 22.15 -15.68
CA PHE B 22 19.44 21.48 -17.01
C PHE B 22 17.97 21.29 -17.38
N ARG B 23 17.05 21.58 -16.48
CA ARG B 23 15.59 21.45 -16.73
C ARG B 23 14.91 22.80 -16.64
N ILE B 24 15.68 23.89 -16.60
CA ILE B 24 15.12 25.26 -16.42
C ILE B 24 15.69 26.17 -17.51
N ASN B 25 14.77 26.95 -18.07
CA ASN B 25 15.01 28.13 -18.92
C ASN B 25 16.18 28.93 -18.34
N PRO B 26 17.36 28.93 -18.99
CA PRO B 26 18.51 29.65 -18.43
C PRO B 26 18.31 31.15 -18.19
N LYS B 27 17.38 31.78 -18.92
CA LYS B 27 17.01 33.19 -18.69
C LYS B 27 16.41 33.37 -17.29
N LEU B 28 15.88 32.29 -16.68
CA LEU B 28 15.22 32.35 -15.37
C LEU B 28 16.11 31.71 -14.28
N TRP B 29 17.34 31.32 -14.58
CA TRP B 29 18.20 30.68 -13.55
C TRP B 29 18.37 31.66 -12.36
N ARG B 30 18.69 32.93 -12.64
CA ARG B 30 18.92 33.95 -11.57
C ARG B 30 17.63 34.11 -10.76
N ASN B 31 16.49 34.13 -11.45
CA ASN B 31 15.17 34.33 -10.77
C ASN B 31 14.87 33.19 -9.79
N HIS B 32 15.03 31.92 -10.21
CA HIS B 32 14.91 30.72 -9.34
C HIS B 32 15.82 30.87 -8.11
N LEU B 33 17.10 31.20 -8.32
CA LEU B 33 18.09 31.29 -7.22
C LEU B 33 17.71 32.44 -6.30
N GLN B 34 17.25 33.56 -6.83
CA GLN B 34 16.85 34.69 -5.95
C GLN B 34 15.62 34.28 -5.11
N LEU B 35 14.63 33.64 -5.72
CA LEU B 35 13.39 33.25 -4.98
C LEU B 35 13.77 32.22 -3.89
N LEU B 36 14.75 31.36 -4.17
CA LEU B 36 15.21 30.31 -3.23
C LEU B 36 15.88 31.00 -2.04
N LYS B 37 16.87 31.84 -2.32
CA LYS B 37 17.54 32.66 -1.29
C LYS B 37 16.48 33.44 -0.49
N GLN B 38 15.45 33.99 -1.14
CA GLN B 38 14.45 34.84 -0.43
C GLN B 38 13.62 34.00 0.57
N THR B 39 13.65 32.66 0.51
CA THR B 39 12.95 31.84 1.54
C THR B 39 13.82 31.71 2.78
N GLY B 40 15.08 32.14 2.73
CA GLY B 40 16.04 31.95 3.84
C GLY B 40 16.89 30.70 3.65
N ALA B 41 16.71 29.98 2.53
CA ALA B 41 17.61 28.88 2.13
C ALA B 41 19.06 29.40 1.94
N ASP B 42 20.05 28.57 2.24
CA ASP B 42 21.46 29.01 2.20
C ASP B 42 22.22 28.24 1.11
N THR B 43 21.63 27.15 0.62
CA THR B 43 22.27 26.22 -0.33
C THR B 43 21.29 25.87 -1.44
N VAL B 44 21.82 25.56 -2.61
CA VAL B 44 21.07 25.02 -3.78
C VAL B 44 21.75 23.72 -4.20
N SER B 45 20.97 22.75 -4.63
CA SER B 45 21.50 21.39 -4.92
C SER B 45 21.09 21.00 -6.36
N THR B 46 21.97 20.35 -7.09
CA THR B 46 21.65 19.86 -8.46
C THR B 46 22.51 18.68 -8.86
N TYR B 47 21.94 17.82 -9.70
CA TYR B 47 22.71 16.88 -10.52
C TYR B 47 23.48 17.64 -11.58
N ILE B 48 24.60 17.06 -12.00
CA ILE B 48 25.33 17.44 -13.23
C ILE B 48 25.32 16.21 -14.13
N PRO B 49 24.32 16.09 -15.03
CA PRO B 49 24.10 14.83 -15.75
C PRO B 49 25.17 14.57 -16.80
N TRP B 50 25.79 13.40 -16.72
CA TRP B 50 26.84 12.98 -17.69
C TRP B 50 26.27 13.02 -19.11
N ASP B 51 25.07 12.49 -19.34
CA ASP B 51 24.43 12.47 -20.68
C ASP B 51 24.28 13.90 -21.22
N TRP B 52 24.02 14.86 -20.34
CA TRP B 52 23.70 16.27 -20.70
C TRP B 52 24.96 17.03 -21.13
N HIS B 53 26.15 16.67 -20.63
CA HIS B 53 27.41 17.45 -20.86
C HIS B 53 28.42 16.72 -21.76
N GLU B 54 28.52 15.39 -21.71
CA GLU B 54 29.27 14.65 -22.75
C GLU B 54 28.27 14.29 -23.85
N ILE B 55 28.01 15.24 -24.75
CA ILE B 55 26.91 15.20 -25.76
C ILE B 55 27.21 14.14 -26.82
N GLU B 56 28.48 13.95 -27.15
CA GLU B 56 29.01 12.79 -27.91
C GLU B 56 30.26 12.31 -27.20
N GLU B 57 30.73 11.13 -27.57
CA GLU B 57 31.95 10.56 -26.96
C GLU B 57 33.07 11.58 -27.14
N ASP B 58 33.65 12.03 -26.03
CA ASP B 58 34.80 12.99 -25.92
C ASP B 58 34.46 14.40 -26.45
N ASP B 59 33.19 14.79 -26.50
CA ASP B 59 32.71 16.16 -26.86
C ASP B 59 31.95 16.69 -25.63
N PHE B 60 32.58 17.60 -24.89
CA PHE B 60 32.05 18.08 -23.59
C PHE B 60 31.61 19.54 -23.79
N ASP B 61 30.43 19.87 -23.29
CA ASP B 61 29.90 21.25 -23.26
C ASP B 61 29.42 21.55 -21.84
N PHE B 62 30.17 22.38 -21.13
CA PHE B 62 29.86 22.87 -19.77
C PHE B 62 29.60 24.37 -19.80
N GLU B 63 29.58 24.98 -21.00
CA GLU B 63 29.54 26.45 -21.14
C GLU B 63 28.40 26.90 -22.04
N GLY B 64 27.46 26.01 -22.37
CA GLY B 64 26.28 26.34 -23.19
C GLY B 64 26.61 26.58 -24.66
N LYS B 65 27.65 25.95 -25.20
CA LYS B 65 28.04 26.07 -26.63
C LYS B 65 26.94 25.47 -27.52
N THR B 66 26.33 24.35 -27.11
CA THR B 66 25.42 23.55 -27.98
C THR B 66 23.96 23.72 -27.54
N HIS B 67 23.75 24.17 -26.30
CA HIS B 67 22.42 24.44 -25.70
C HIS B 67 22.66 25.32 -24.48
N PRO B 68 21.89 26.40 -24.29
CA PRO B 68 22.18 27.35 -23.21
C PRO B 68 22.12 26.70 -21.81
N ALA B 69 21.26 25.69 -21.64
CA ALA B 69 21.11 24.98 -20.35
C ALA B 69 22.26 23.99 -20.14
N ARG B 70 23.22 23.84 -21.08
CA ARG B 70 24.46 23.09 -20.79
C ARG B 70 25.51 24.00 -20.13
N ASN B 71 25.19 25.28 -19.89
CA ASN B 71 26.10 26.27 -19.26
C ASN B 71 26.20 26.09 -17.73
N LEU B 72 26.83 25.00 -17.28
CA LEU B 72 27.11 24.73 -15.85
C LEU B 72 27.98 25.85 -15.28
N ILE B 73 28.97 26.30 -16.04
CA ILE B 73 29.92 27.35 -15.57
C ILE B 73 29.09 28.58 -15.17
N ARG B 74 28.14 28.99 -16.00
CA ARG B 74 27.28 30.16 -15.70
C ARG B 74 26.38 29.86 -14.50
N PHE B 75 25.87 28.64 -14.33
CA PHE B 75 24.95 28.36 -13.18
C PHE B 75 25.74 28.53 -11.89
N ILE B 76 26.98 28.06 -11.89
CA ILE B 76 27.89 28.17 -10.70
C ILE B 76 28.12 29.67 -10.42
N LYS B 77 28.44 30.47 -11.45
CA LYS B 77 28.63 31.93 -11.30
C LYS B 77 27.39 32.54 -10.64
N LEU B 78 26.18 32.14 -11.08
CA LEU B 78 24.92 32.70 -10.55
C LEU B 78 24.77 32.37 -9.06
N CYS B 79 25.04 31.13 -8.66
CA CYS B 79 25.00 30.70 -7.23
C CYS B 79 25.90 31.64 -6.41
N LYS B 80 27.13 31.88 -6.90
CA LYS B 80 28.09 32.78 -6.22
C LYS B 80 27.46 34.19 -6.13
N GLU B 81 26.98 34.72 -7.25
CA GLU B 81 26.42 36.09 -7.33
C GLU B 81 25.19 36.23 -6.40
N GLU B 82 24.39 35.17 -6.24
CA GLU B 82 23.14 35.23 -5.44
C GLU B 82 23.40 34.66 -4.04
N ASN B 83 24.67 34.44 -3.67
CA ASN B 83 25.10 34.09 -2.28
C ASN B 83 24.40 32.81 -1.82
N LEU B 84 24.42 31.79 -2.68
CA LEU B 84 23.97 30.43 -2.29
C LEU B 84 25.17 29.52 -2.38
N ASP B 85 25.37 28.69 -1.38
CA ASP B 85 26.30 27.54 -1.49
C ASP B 85 25.69 26.53 -2.46
N LEU B 86 26.50 25.58 -2.92
CA LEU B 86 26.11 24.63 -3.99
C LEU B 86 26.51 23.20 -3.62
N ILE B 87 25.54 22.30 -3.67
CA ILE B 87 25.76 20.83 -3.63
C ILE B 87 25.71 20.34 -5.08
N VAL B 88 26.74 19.64 -5.54
CA VAL B 88 26.76 19.12 -6.94
C VAL B 88 26.75 17.60 -6.86
N LYS B 89 26.11 16.97 -7.84
CA LYS B 89 25.90 15.51 -7.87
C LYS B 89 26.13 15.00 -9.28
N PRO B 90 27.41 14.70 -9.66
CA PRO B 90 27.78 14.42 -11.06
C PRO B 90 27.63 12.95 -11.46
N GLY B 91 27.10 12.10 -10.56
CA GLY B 91 26.86 10.69 -10.88
C GLY B 91 28.11 9.83 -10.69
N PRO B 92 28.35 8.80 -11.54
CA PRO B 92 27.72 8.66 -12.86
C PRO B 92 26.19 8.50 -12.96
N TYR B 93 25.57 7.66 -12.13
CA TYR B 93 24.08 7.56 -12.07
C TYR B 93 23.53 8.78 -11.34
N ILE B 94 22.47 9.36 -11.90
CA ILE B 94 21.75 10.45 -11.19
C ILE B 94 20.30 10.04 -10.96
N LEU B 95 19.83 9.02 -11.66
CA LEU B 95 18.39 8.61 -11.69
C LEU B 95 17.54 9.84 -12.06
N ALA B 96 16.89 10.48 -11.11
CA ALA B 96 16.21 11.80 -11.25
C ALA B 96 15.21 11.79 -12.42
N GLU B 97 14.63 10.61 -12.76
CA GLU B 97 13.70 10.43 -13.91
C GLU B 97 14.30 11.00 -15.21
N TYR B 98 15.62 10.98 -15.31
CA TYR B 98 16.39 11.38 -16.49
C TYR B 98 16.57 10.13 -17.35
N GLU B 99 16.39 10.24 -18.67
CA GLU B 99 16.52 9.11 -19.63
C GLU B 99 17.88 8.43 -19.39
N ASN B 100 17.88 7.11 -19.32
CA ASN B 100 19.10 6.28 -19.09
C ASN B 100 19.66 6.51 -17.68
N GLN B 101 18.86 7.10 -16.78
CA GLN B 101 19.24 7.37 -15.37
C GLN B 101 20.53 8.20 -15.33
N GLY B 102 20.80 8.94 -16.41
CA GLY B 102 21.90 9.92 -16.49
C GLY B 102 23.08 9.46 -17.32
N LEU B 103 23.15 8.18 -17.67
CA LEU B 103 24.28 7.70 -18.50
C LEU B 103 24.03 8.16 -19.93
N PRO B 104 25.09 8.60 -20.66
CA PRO B 104 24.94 8.97 -22.07
C PRO B 104 24.31 7.87 -22.94
N SER B 105 23.45 8.24 -23.89
CA SER B 105 22.91 7.27 -24.86
C SER B 105 24.07 6.67 -25.67
N TRP B 106 25.06 7.47 -26.07
CA TRP B 106 26.19 6.98 -26.90
C TRP B 106 26.97 5.89 -26.13
N LEU B 107 27.16 6.05 -24.82
CA LEU B 107 27.89 5.08 -23.96
C LEU B 107 27.15 3.74 -23.96
N LEU B 108 25.85 3.77 -23.68
CA LEU B 108 25.03 2.55 -23.52
C LEU B 108 24.96 1.82 -24.87
N LYS B 109 24.99 2.57 -25.97
CA LYS B 109 24.93 2.00 -27.33
C LYS B 109 26.20 1.18 -27.59
N LYS B 110 27.33 1.63 -27.05
CA LYS B 110 28.71 1.23 -27.47
C LYS B 110 29.31 0.19 -26.51
N LEU B 111 28.94 0.20 -25.22
CA LEU B 111 29.46 -0.75 -24.19
C LEU B 111 29.29 -2.20 -24.66
N SER B 112 30.31 -3.04 -24.45
CA SER B 112 30.22 -4.50 -24.64
C SER B 112 29.16 -5.09 -23.70
N LYS B 113 28.66 -6.27 -24.07
CA LYS B 113 27.72 -7.12 -23.28
C LYS B 113 28.21 -7.23 -21.83
N ASN B 114 29.51 -7.45 -21.64
CA ASN B 114 30.13 -7.76 -20.31
C ASN B 114 30.25 -6.50 -19.45
N ALA B 115 29.77 -5.34 -19.90
CA ALA B 115 29.70 -4.12 -19.05
C ALA B 115 28.35 -4.06 -18.32
N PHE B 116 27.36 -4.86 -18.72
CA PHE B 116 25.98 -4.79 -18.17
C PHE B 116 25.83 -5.76 -17.01
N ALA B 117 24.91 -5.43 -16.11
CA ALA B 117 24.42 -6.33 -15.04
C ALA B 117 23.72 -7.48 -15.76
N LEU B 118 24.00 -8.72 -15.37
CA LEU B 118 23.54 -9.93 -16.07
C LEU B 118 22.71 -10.77 -15.12
N ASP B 119 21.64 -11.40 -15.61
CA ASP B 119 20.84 -12.37 -14.81
C ASP B 119 21.65 -13.68 -14.73
N GLU B 120 21.14 -14.69 -14.01
CA GLU B 120 21.91 -15.95 -13.78
C GLU B 120 22.04 -16.79 -15.06
N ASN B 121 21.40 -16.37 -16.17
CA ASN B 121 21.49 -17.05 -17.49
C ASN B 121 22.38 -16.23 -18.45
N GLY B 122 22.99 -15.14 -17.98
CA GLY B 122 23.92 -14.32 -18.78
C GLY B 122 23.22 -13.30 -19.68
N ASN B 123 21.96 -12.96 -19.38
CA ASN B 123 21.12 -12.01 -20.17
C ASN B 123 21.16 -10.62 -19.53
N VAL B 124 21.24 -9.56 -20.35
CA VAL B 124 21.23 -8.14 -19.90
C VAL B 124 19.98 -7.90 -19.07
N ILE B 125 20.10 -7.48 -17.81
CA ILE B 125 18.93 -7.21 -16.90
C ILE B 125 18.15 -6.00 -17.44
N SER B 126 18.83 -4.95 -17.88
CA SER B 126 18.19 -3.69 -18.34
C SER B 126 19.15 -2.91 -19.21
N PRO B 127 18.71 -2.36 -20.38
CA PRO B 127 19.63 -1.66 -21.29
C PRO B 127 20.21 -0.38 -20.67
N ASP B 128 19.62 0.00 -19.53
CA ASP B 128 19.90 1.13 -18.60
C ASP B 128 20.98 0.79 -17.55
N LEU B 129 21.17 -0.49 -17.25
CA LEU B 129 21.79 -0.94 -15.97
C LEU B 129 23.16 -1.55 -16.23
N VAL B 130 24.22 -0.79 -15.93
CA VAL B 130 25.61 -1.31 -16.04
C VAL B 130 25.95 -2.07 -14.75
N SER B 131 27.02 -2.87 -14.81
CA SER B 131 27.68 -3.51 -13.66
C SER B 131 28.62 -2.48 -13.04
N TYR B 132 28.40 -2.08 -11.78
CA TYR B 132 29.14 -0.97 -11.14
C TYR B 132 30.65 -1.14 -11.33
N LEU B 133 31.19 -2.38 -11.29
CA LEU B 133 32.65 -2.59 -11.37
C LEU B 133 33.08 -3.05 -12.78
N SER B 134 32.25 -2.87 -13.81
CA SER B 134 32.69 -3.06 -15.22
C SER B 134 33.93 -2.20 -15.51
N ASP B 135 35.00 -2.81 -16.04
CA ASP B 135 36.24 -2.07 -16.40
C ASP B 135 35.89 -1.01 -17.44
N GLU B 136 35.02 -1.39 -18.39
CA GLU B 136 34.61 -0.46 -19.48
C GLU B 136 33.77 0.69 -18.88
N PHE B 137 32.83 0.40 -17.99
CA PHE B 137 32.00 1.42 -17.30
C PHE B 137 32.88 2.38 -16.50
N LEU B 138 33.83 1.87 -15.70
CA LEU B 138 34.71 2.73 -14.86
C LEU B 138 35.70 3.53 -15.73
N GLU B 139 36.12 2.99 -16.88
CA GLU B 139 37.02 3.73 -17.80
C GLU B 139 36.28 5.00 -18.26
N TYR B 140 35.05 4.87 -18.72
CA TYR B 140 34.23 6.01 -19.23
C TYR B 140 33.82 6.91 -18.07
N THR B 141 33.35 6.32 -16.95
CA THR B 141 33.08 7.10 -15.70
C THR B 141 34.30 7.99 -15.45
N PHE B 142 35.51 7.42 -15.48
CA PHE B 142 36.72 8.18 -15.11
C PHE B 142 36.98 9.31 -16.11
N LYS B 143 36.68 9.09 -17.40
CA LYS B 143 36.89 10.12 -18.44
C LYS B 143 35.88 11.26 -18.26
N TRP B 144 34.66 10.95 -17.78
CA TRP B 144 33.66 11.97 -17.37
C TRP B 144 34.19 12.73 -16.13
N TYR B 145 34.72 12.04 -15.13
CA TYR B 145 35.30 12.69 -13.92
C TYR B 145 36.48 13.59 -14.34
N ASP B 146 37.30 13.16 -15.30
CA ASP B 146 38.48 13.94 -15.77
C ASP B 146 38.06 15.34 -16.28
N LYS B 147 36.81 15.49 -16.76
CA LYS B 147 36.32 16.78 -17.31
C LYS B 147 35.49 17.56 -16.28
N VAL B 148 34.63 16.89 -15.51
CA VAL B 148 33.71 17.59 -14.57
C VAL B 148 34.46 17.87 -13.25
N MET B 149 35.36 17.02 -12.80
CA MET B 149 35.98 17.21 -11.46
C MET B 149 36.91 18.42 -11.42
N PRO B 150 37.69 18.77 -12.47
CA PRO B 150 38.44 20.02 -12.46
C PRO B 150 37.56 21.24 -12.21
N ILE B 151 36.37 21.27 -12.81
CA ILE B 151 35.36 22.36 -12.63
C ILE B 151 34.92 22.39 -11.17
N ILE B 152 34.56 21.22 -10.60
CA ILE B 152 34.15 21.15 -9.17
C ILE B 152 35.33 21.53 -8.27
N SER B 153 36.55 21.06 -8.58
CA SER B 153 37.74 21.37 -7.76
C SER B 153 37.95 22.88 -7.73
N LYS B 154 37.91 23.52 -8.89
CA LYS B 154 38.03 25.01 -9.02
C LYS B 154 37.13 25.69 -8.00
N HIS B 155 35.86 25.26 -7.92
CA HIS B 155 34.76 26.01 -7.26
C HIS B 155 34.46 25.41 -5.88
N GLN B 156 35.32 24.53 -5.35
CA GLN B 156 35.06 23.83 -4.05
C GLN B 156 35.37 24.77 -2.89
N LYS B 157 34.69 24.55 -1.75
CA LYS B 157 34.74 25.43 -0.54
C LYS B 157 36.18 25.51 0.02
N GLU B 158 36.99 24.44 -0.10
CA GLU B 158 38.43 24.45 0.32
C GLU B 158 39.29 25.35 -0.61
N HIS B 159 38.76 25.79 -1.77
CA HIS B 159 39.32 26.89 -2.62
C HIS B 159 38.44 28.14 -2.48
N TYR B 160 37.65 28.21 -1.40
CA TYR B 160 36.74 29.32 -1.02
C TYR B 160 35.67 29.51 -2.09
N GLY B 161 35.37 28.49 -2.91
CA GLY B 161 34.24 28.53 -3.87
C GLY B 161 32.90 28.22 -3.18
N PRO B 162 31.75 28.22 -3.91
CA PRO B 162 30.43 27.90 -3.34
C PRO B 162 30.14 26.40 -3.12
N ILE B 163 30.86 25.49 -3.77
CA ILE B 163 30.55 24.04 -3.68
C ILE B 163 31.04 23.49 -2.33
N THR B 164 30.11 23.19 -1.45
CA THR B 164 30.37 22.75 -0.05
C THR B 164 30.29 21.22 0.04
N MET B 165 29.45 20.55 -0.75
CA MET B 165 29.39 19.08 -0.73
C MET B 165 29.18 18.52 -2.14
N MET B 166 29.59 17.28 -2.31
CA MET B 166 29.37 16.53 -3.56
C MET B 166 28.87 15.12 -3.26
N GLN B 167 27.80 14.73 -3.95
CA GLN B 167 27.25 13.36 -3.86
C GLN B 167 27.98 12.46 -4.87
N LEU B 168 28.43 11.31 -4.41
CA LEU B 168 29.02 10.21 -5.23
C LEU B 168 27.88 9.33 -5.74
N CYS B 169 27.68 9.29 -7.05
CA CYS B 169 26.67 8.46 -7.75
C CYS B 169 25.30 8.84 -7.17
N ASN B 170 24.41 7.85 -7.06
CA ASN B 170 23.00 8.09 -6.63
C ASN B 170 22.40 6.75 -6.20
N GLU B 171 22.08 6.65 -4.91
CA GLU B 171 21.33 5.50 -4.31
C GLU B 171 21.94 4.18 -4.78
N ILE B 172 23.23 3.98 -4.50
CA ILE B 172 23.93 2.72 -4.86
C ILE B 172 23.06 1.52 -4.42
N GLY B 173 22.81 0.61 -5.36
CA GLY B 173 22.08 -0.65 -5.16
C GLY B 173 20.58 -0.53 -5.35
N VAL B 174 20.04 0.65 -5.59
CA VAL B 174 18.57 0.88 -5.64
C VAL B 174 17.98 0.00 -6.75
N PHE B 175 18.72 -0.25 -7.83
CA PHE B 175 18.22 -1.08 -8.95
C PHE B 175 18.12 -2.54 -8.49
N GLN B 176 19.09 -3.08 -7.73
CA GLN B 176 19.00 -4.47 -7.18
C GLN B 176 17.79 -4.59 -6.24
N TRP B 177 17.54 -3.55 -5.44
CA TRP B 177 16.35 -3.46 -4.55
C TRP B 177 15.06 -3.55 -5.36
N LEU B 178 14.80 -2.59 -6.26
CA LEU B 178 13.46 -2.44 -6.91
C LEU B 178 13.20 -3.65 -7.82
N SER B 179 14.21 -4.26 -8.39
CA SER B 179 14.09 -5.42 -9.33
C SER B 179 14.07 -6.76 -8.59
N GLY B 180 14.64 -6.82 -7.37
CA GLY B 180 14.89 -8.08 -6.66
C GLY B 180 16.05 -8.86 -7.27
N LYS B 181 16.64 -8.36 -8.37
CA LYS B 181 17.63 -9.10 -9.19
C LYS B 181 19.06 -8.69 -8.79
N SER B 182 19.88 -9.68 -8.46
CA SER B 182 21.35 -9.53 -8.23
C SER B 182 22.05 -9.50 -9.58
N ASP B 183 23.17 -8.80 -9.64
CA ASP B 183 24.08 -8.78 -10.80
C ASP B 183 24.94 -10.05 -10.78
N TYR B 184 24.77 -10.95 -11.77
CA TYR B 184 25.54 -12.22 -11.96
C TYR B 184 26.59 -12.05 -13.07
N ASN B 185 26.87 -10.81 -13.50
CA ASN B 185 28.00 -10.51 -14.40
C ASN B 185 29.20 -11.30 -13.90
N PRO B 186 29.93 -12.09 -14.76
CA PRO B 186 31.03 -12.91 -14.29
C PRO B 186 32.11 -12.13 -13.49
N LYS B 187 32.22 -10.82 -13.73
CA LYS B 187 33.17 -9.94 -12.99
C LYS B 187 32.74 -9.83 -11.52
N VAL B 188 31.44 -9.75 -11.29
CA VAL B 188 30.85 -9.66 -9.92
C VAL B 188 31.03 -11.01 -9.21
N ILE B 189 30.73 -12.11 -9.90
CA ILE B 189 30.84 -13.48 -9.32
C ILE B 189 32.31 -13.77 -9.02
N ASN B 190 33.24 -13.34 -9.86
CA ASN B 190 34.69 -13.49 -9.58
C ASN B 190 35.03 -12.77 -8.27
N LEU B 191 34.50 -11.55 -8.07
CA LEU B 191 34.69 -10.78 -6.81
C LEU B 191 34.02 -11.50 -5.63
N TYR B 192 32.88 -12.12 -5.86
CA TYR B 192 32.16 -12.87 -4.81
C TYR B 192 33.02 -14.05 -4.31
N LYS B 193 33.55 -14.84 -5.24
CA LYS B 193 34.51 -15.96 -4.98
C LYS B 193 35.69 -15.42 -4.17
N GLU B 194 36.31 -14.34 -4.60
CA GLU B 194 37.46 -13.77 -3.85
C GLU B 194 37.01 -13.46 -2.42
N PHE B 195 35.84 -12.86 -2.26
CA PHE B 195 35.29 -12.51 -0.92
C PHE B 195 35.14 -13.79 -0.06
N ILE B 196 34.56 -14.86 -0.63
CA ILE B 196 34.33 -16.15 0.09
C ILE B 196 35.69 -16.76 0.47
N ILE B 197 36.64 -16.86 -0.46
CA ILE B 197 37.98 -17.46 -0.22
C ILE B 197 38.66 -16.70 0.93
N GLN B 198 38.60 -15.37 0.88
CA GLN B 198 39.20 -14.44 1.86
C GLN B 198 38.54 -14.68 3.21
N ARG B 199 37.22 -14.92 3.21
CA ARG B 199 36.43 -15.05 4.45
C ARG B 199 36.73 -16.39 5.14
N TYR B 200 36.71 -17.52 4.40
CA TYR B 200 36.78 -18.89 4.97
C TYR B 200 38.19 -19.48 4.88
N LYS B 201 39.02 -19.01 3.94
CA LYS B 201 40.43 -19.42 3.73
C LYS B 201 40.49 -20.80 3.08
N THR B 202 39.79 -21.81 3.62
CA THR B 202 39.78 -23.18 3.05
C THR B 202 38.34 -23.62 2.77
N ILE B 203 38.16 -24.51 1.80
CA ILE B 203 36.82 -25.08 1.49
C ILE B 203 36.33 -25.86 2.71
N GLU B 204 37.26 -26.46 3.46
CA GLU B 204 36.93 -27.22 4.69
C GLU B 204 36.22 -26.28 5.69
N LYS B 205 36.76 -25.09 5.91
CA LYS B 205 36.15 -24.10 6.83
C LYS B 205 34.75 -23.75 6.30
N LEU B 206 34.62 -23.43 5.01
CA LEU B 206 33.30 -23.07 4.43
C LEU B 206 32.32 -24.25 4.57
N ASN B 207 32.77 -25.48 4.26
CA ASN B 207 31.90 -26.68 4.38
C ASN B 207 31.40 -26.83 5.81
N SER B 208 32.24 -26.51 6.82
CA SER B 208 31.87 -26.71 8.25
C SER B 208 30.82 -25.68 8.66
N VAL B 209 30.82 -24.50 8.04
CA VAL B 209 29.77 -23.46 8.30
C VAL B 209 28.50 -23.78 7.48
N TYR B 210 28.63 -24.10 6.19
CA TYR B 210 27.47 -24.19 5.27
C TYR B 210 26.80 -25.58 5.37
N SER B 211 27.51 -26.59 5.90
CA SER B 211 27.22 -28.05 5.72
C SER B 211 27.18 -28.38 4.23
N THR B 212 28.12 -27.86 3.43
CA THR B 212 28.29 -28.19 1.99
C THR B 212 29.31 -29.33 1.87
N ASN B 213 29.45 -29.87 0.66
CA ASN B 213 30.24 -31.10 0.39
C ASN B 213 31.14 -30.82 -0.81
N TYR B 214 31.63 -29.58 -0.91
CA TYR B 214 32.56 -29.16 -2.00
C TYR B 214 33.94 -29.80 -1.76
N ASN B 215 34.63 -30.11 -2.83
CA ASN B 215 36.05 -30.57 -2.79
C ASN B 215 37.00 -29.36 -2.90
N SER B 216 36.56 -28.27 -3.52
CA SER B 216 37.33 -27.00 -3.60
C SER B 216 36.37 -25.81 -3.76
N PHE B 217 36.93 -24.61 -3.74
CA PHE B 217 36.25 -23.33 -4.07
C PHE B 217 35.80 -23.33 -5.54
N ASP B 218 36.38 -24.21 -6.37
CA ASP B 218 36.06 -24.32 -7.81
C ASP B 218 34.63 -24.86 -7.96
N ASP B 219 34.15 -25.65 -7.00
CA ASP B 219 32.78 -26.26 -7.00
C ASP B 219 31.73 -25.24 -6.56
N LEU B 220 32.15 -24.05 -6.11
CA LEU B 220 31.27 -23.06 -5.45
C LEU B 220 30.60 -22.22 -6.56
N LYS B 221 29.26 -22.22 -6.64
CA LYS B 221 28.46 -21.37 -7.58
C LYS B 221 27.76 -20.28 -6.75
N ALA B 222 27.56 -19.10 -7.33
CA ALA B 222 26.78 -17.98 -6.72
C ALA B 222 25.39 -18.49 -6.39
N PRO B 223 24.80 -18.15 -5.24
CA PRO B 223 23.43 -18.56 -4.96
C PRO B 223 22.40 -17.96 -5.93
N SER B 224 21.28 -18.67 -6.13
CA SER B 224 20.16 -18.23 -7.00
C SER B 224 18.95 -19.12 -6.71
N GLY B 225 17.75 -18.67 -7.11
CA GLY B 225 16.51 -19.41 -6.87
C GLY B 225 16.11 -19.36 -5.41
N LYS B 226 15.02 -20.05 -5.08
CA LYS B 226 14.41 -20.08 -3.72
C LYS B 226 15.35 -20.83 -2.77
N ILE B 227 15.42 -20.38 -1.53
CA ILE B 227 16.16 -21.08 -0.45
C ILE B 227 15.30 -22.30 -0.05
N LYS B 228 15.84 -23.49 -0.21
CA LYS B 228 15.17 -24.78 0.12
C LYS B 228 15.87 -25.44 1.31
N LEU B 229 17.17 -25.16 1.45
CA LEU B 229 18.09 -25.82 2.41
C LEU B 229 18.77 -24.74 3.27
N ARG B 230 19.21 -25.10 4.47
CA ARG B 230 19.94 -24.17 5.36
C ARG B 230 21.26 -23.80 4.69
N SER B 231 21.85 -24.71 3.92
CA SER B 231 23.08 -24.39 3.15
C SER B 231 22.80 -23.25 2.14
N ASP B 232 21.59 -23.20 1.56
CA ASP B 232 21.23 -22.13 0.60
C ASP B 232 21.11 -20.81 1.38
N TYR B 233 20.54 -20.86 2.59
CA TYR B 233 20.38 -19.66 3.45
C TYR B 233 21.77 -19.08 3.72
N CYS B 234 22.72 -19.94 4.12
CA CYS B 234 24.13 -19.54 4.41
C CYS B 234 24.77 -18.87 3.19
N ALA B 235 24.68 -19.48 2.01
CA ALA B 235 25.27 -18.95 0.75
C ALA B 235 24.66 -17.56 0.48
N TYR B 236 23.34 -17.44 0.56
CA TYR B 236 22.62 -16.16 0.28
C TYR B 236 22.99 -15.10 1.33
N PHE B 237 23.23 -15.50 2.58
CA PHE B 237 23.63 -14.57 3.65
C PHE B 237 24.97 -13.94 3.29
N ASP B 238 25.96 -14.76 2.95
CA ASP B 238 27.28 -14.26 2.54
C ASP B 238 27.15 -13.51 1.21
N PHE B 239 26.19 -13.84 0.34
CA PHE B 239 25.99 -13.11 -0.94
C PHE B 239 25.56 -11.68 -0.59
N HIS B 240 24.70 -11.54 0.42
CA HIS B 240 24.33 -10.21 0.97
C HIS B 240 25.56 -9.53 1.55
N LEU B 241 26.34 -10.19 2.42
CA LEU B 241 27.57 -9.55 2.93
C LEU B 241 28.41 -9.08 1.75
N PHE B 242 28.58 -9.93 0.73
CA PHE B 242 29.49 -9.64 -0.42
C PHE B 242 29.03 -8.35 -1.09
N PHE B 243 27.73 -8.22 -1.36
CA PHE B 243 27.19 -6.98 -1.99
C PHE B 243 27.44 -5.73 -1.14
N ARG B 244 27.45 -5.80 0.18
CA ARG B 244 27.82 -4.61 1.01
C ARG B 244 29.31 -4.27 0.79
N GLU B 245 30.21 -5.25 0.68
CA GLU B 245 31.65 -4.99 0.35
C GLU B 245 31.76 -4.45 -1.07
N TYR B 246 31.00 -5.00 -2.00
CA TYR B 246 31.01 -4.62 -3.43
C TYR B 246 30.68 -3.12 -3.59
N TYR B 247 29.60 -2.67 -2.94
CA TYR B 247 29.18 -1.24 -2.96
C TYR B 247 30.29 -0.39 -2.30
N ASN B 248 30.92 -0.90 -1.26
CA ASN B 248 32.04 -0.17 -0.60
C ASN B 248 33.19 0.00 -1.62
N LYS B 249 33.57 -1.06 -2.30
CA LYS B 249 34.63 -1.07 -3.34
C LYS B 249 34.28 -0.03 -4.42
N TYR B 250 33.03 0.02 -4.86
CA TYR B 250 32.59 0.93 -5.95
C TYR B 250 32.75 2.37 -5.45
N ILE B 251 32.26 2.66 -4.25
CA ILE B 251 32.20 4.06 -3.79
C ILE B 251 33.64 4.49 -3.48
N SER B 252 34.49 3.54 -3.06
CA SER B 252 35.94 3.77 -2.75
C SER B 252 36.72 4.15 -4.01
N ILE B 253 36.49 3.45 -5.12
CA ILE B 253 37.09 3.78 -6.43
C ILE B 253 36.64 5.20 -6.84
N LEU B 254 35.37 5.50 -6.75
CA LEU B 254 34.86 6.85 -7.10
C LEU B 254 35.52 7.91 -6.20
N LYS B 255 35.56 7.64 -4.89
CA LYS B 255 36.10 8.59 -3.88
C LYS B 255 37.59 8.83 -4.17
N ASN B 256 38.37 7.78 -4.38
CA ASN B 256 39.84 7.93 -4.61
C ASN B 256 40.07 8.75 -5.88
N LYS B 257 39.36 8.42 -6.96
CA LYS B 257 39.42 9.22 -8.21
C LYS B 257 39.10 10.70 -7.88
N ILE B 258 38.00 10.99 -7.16
CA ILE B 258 37.60 12.38 -6.80
C ILE B 258 38.73 13.06 -6.00
N ARG B 259 39.27 12.38 -4.99
CA ARG B 259 40.32 12.99 -4.12
C ARG B 259 41.52 13.36 -5.01
N SER B 260 41.81 12.59 -6.07
CA SER B 260 43.00 12.81 -6.95
C SER B 260 42.96 14.19 -7.61
N PHE B 261 41.79 14.83 -7.72
CA PHE B 261 41.64 16.20 -8.26
C PHE B 261 41.84 17.24 -7.15
N GLY B 262 42.21 16.81 -5.95
CA GLY B 262 42.31 17.69 -4.78
C GLY B 262 40.96 18.24 -4.32
N ILE B 263 39.87 17.51 -4.55
CA ILE B 263 38.53 17.87 -4.00
C ILE B 263 38.48 17.40 -2.53
N ASN B 264 38.44 18.33 -1.57
CA ASN B 264 38.60 18.01 -0.13
C ASN B 264 37.30 18.30 0.61
N ILE B 265 36.28 18.83 -0.08
CA ILE B 265 34.94 19.05 0.54
C ILE B 265 34.32 17.73 0.95
N LYS B 266 33.27 17.89 1.74
CA LYS B 266 32.39 16.82 2.28
C LYS B 266 31.77 16.04 1.12
N LEU B 267 31.94 14.73 1.10
CA LEU B 267 31.30 13.83 0.12
C LEU B 267 30.03 13.27 0.74
N THR B 268 29.01 12.98 -0.08
CA THR B 268 27.69 12.50 0.41
C THR B 268 27.22 11.25 -0.34
N HIS B 269 26.20 10.63 0.23
CA HIS B 269 25.40 9.59 -0.45
C HIS B 269 24.01 9.66 0.11
N ASN B 270 23.07 9.09 -0.61
CA ASN B 270 21.63 9.29 -0.34
C ASN B 270 20.95 7.93 -0.26
N ILE B 271 20.06 7.81 0.72
CA ILE B 271 19.42 6.52 1.11
C ILE B 271 18.00 6.51 0.58
N PRO B 272 17.67 5.57 -0.34
CA PRO B 272 16.29 5.33 -0.76
C PRO B 272 15.53 4.44 0.22
N GLY B 273 14.23 4.24 -0.02
CA GLY B 273 13.50 3.22 0.73
C GLY B 273 12.06 3.56 0.97
N TRP B 274 11.66 4.83 0.84
CA TRP B 274 10.21 5.16 0.91
C TRP B 274 9.47 4.70 -0.37
N ILE B 275 8.27 4.12 -0.24
CA ILE B 275 7.31 3.95 -1.37
C ILE B 275 5.90 4.07 -0.78
N TYR B 276 4.97 4.62 -1.55
CA TYR B 276 3.55 4.71 -1.20
C TYR B 276 3.40 5.41 0.16
N GLY B 277 4.39 6.22 0.55
CA GLY B 277 4.29 7.12 1.71
C GLY B 277 4.61 6.43 3.00
N ASN B 278 5.24 5.24 2.99
CA ASN B 278 5.81 4.72 4.27
C ASN B 278 7.23 4.23 3.99
N ALA B 279 7.99 3.98 5.06
CA ALA B 279 9.45 3.80 4.97
C ALA B 279 9.87 2.52 5.70
N SER B 280 8.94 1.57 5.91
CA SER B 280 9.22 0.32 6.67
C SER B 280 10.31 -0.49 5.99
N GLU B 281 10.56 -0.28 4.69
CA GLU B 281 11.65 -0.98 3.95
C GLU B 281 12.95 -0.19 4.02
N LEU B 282 12.92 1.09 4.39
CA LEU B 282 14.18 1.89 4.26
C LEU B 282 15.28 1.28 5.13
N PRO B 283 15.00 0.70 6.33
CA PRO B 283 16.08 0.12 7.13
C PRO B 283 16.84 -1.01 6.39
N MET B 284 16.16 -1.76 5.52
CA MET B 284 16.82 -2.75 4.65
C MET B 284 17.81 -2.01 3.74
N LEU B 285 17.39 -0.92 3.11
CA LEU B 285 18.26 -0.18 2.18
C LEU B 285 19.46 0.39 2.96
N ILE B 286 19.26 0.97 4.14
CA ILE B 286 20.40 1.56 4.88
C ILE B 286 21.37 0.43 5.23
N SER B 287 20.87 -0.78 5.49
CA SER B 287 21.71 -1.95 5.87
C SER B 287 22.70 -2.26 4.73
N THR B 288 22.41 -1.88 3.47
CA THR B 288 23.26 -2.22 2.29
C THR B 288 24.52 -1.36 2.27
N TYR B 289 24.54 -0.30 3.07
CA TYR B 289 25.66 0.66 3.13
C TYR B 289 26.50 0.40 4.40
N SER B 290 26.26 -0.71 5.10
CA SER B 290 26.94 -1.04 6.39
C SER B 290 28.46 -0.93 6.21
N GLU B 291 29.03 -1.52 5.16
CA GLU B 291 30.51 -1.52 4.96
C GLU B 291 31.00 -0.12 4.58
N ILE B 292 30.22 0.64 3.81
CA ILE B 292 30.63 2.02 3.43
C ILE B 292 30.75 2.84 4.72
N MET B 293 29.73 2.75 5.56
CA MET B 293 29.64 3.60 6.77
C MET B 293 30.77 3.23 7.74
N LYS B 294 31.26 2.00 7.68
CA LYS B 294 32.31 1.51 8.58
C LYS B 294 33.66 2.06 8.09
N ASN B 295 33.87 2.14 6.77
CA ASN B 295 35.20 2.38 6.18
C ASN B 295 35.38 3.84 5.77
N HIS B 296 34.30 4.63 5.70
CA HIS B 296 34.37 6.03 5.21
C HIS B 296 33.66 6.97 6.17
N PRO B 297 34.30 7.43 7.25
CA PRO B 297 33.66 8.36 8.17
C PRO B 297 33.59 9.79 7.62
N ASP B 298 34.15 10.02 6.43
CA ASP B 298 34.13 11.33 5.73
C ASP B 298 33.03 11.36 4.65
N ILE B 299 32.25 10.29 4.47
CA ILE B 299 31.10 10.30 3.52
C ILE B 299 29.83 10.39 4.37
N ILE B 300 29.12 11.52 4.28
CA ILE B 300 27.85 11.73 5.03
C ILE B 300 26.67 11.17 4.23
N PHE B 301 26.00 10.19 4.80
CA PHE B 301 24.73 9.65 4.22
C PHE B 301 23.59 10.54 4.68
N GLY B 302 22.72 10.94 3.74
CA GLY B 302 21.48 11.64 4.06
C GLY B 302 20.27 10.81 3.62
N LEU B 303 19.10 11.09 4.17
CA LEU B 303 17.86 10.34 3.88
C LEU B 303 17.10 10.97 2.71
N ASP B 304 16.42 10.12 1.93
CA ASP B 304 15.50 10.51 0.84
C ASP B 304 14.08 10.29 1.38
N HIS B 305 13.52 11.32 2.01
CA HIS B 305 12.21 11.24 2.70
C HIS B 305 11.10 11.61 1.70
N ILE B 306 10.16 10.67 1.46
CA ILE B 306 9.01 10.81 0.52
C ILE B 306 7.73 10.39 1.23
N PRO B 307 7.27 11.15 2.24
CA PRO B 307 6.05 10.84 2.99
C PRO B 307 4.72 10.89 2.21
N GLU B 308 4.63 11.71 1.15
CA GLU B 308 3.45 11.83 0.24
C GLU B 308 2.28 12.48 0.94
N PHE B 309 2.00 12.11 2.20
CA PHE B 309 0.96 12.75 3.03
C PHE B 309 1.48 12.77 4.47
N VAL B 310 0.75 13.39 5.40
CA VAL B 310 1.16 13.49 6.83
C VAL B 310 -0.01 13.13 7.75
N SER B 311 -0.04 11.89 8.26
CA SER B 311 -1.14 11.41 9.12
C SER B 311 -0.63 10.34 10.08
N PHE B 312 -1.53 9.88 10.92
CA PHE B 312 -1.18 8.77 11.82
C PHE B 312 -0.79 7.55 10.97
N ARG B 313 -1.24 7.46 9.72
CA ARG B 313 -0.94 6.28 8.85
C ARG B 313 0.57 6.17 8.63
N ASN B 314 1.33 7.28 8.65
CA ASN B 314 2.79 7.22 8.38
C ASN B 314 3.61 8.05 9.37
N ALA B 315 3.02 8.51 10.47
CA ALA B 315 3.67 9.45 11.43
C ALA B 315 5.01 8.88 11.89
N HIS B 316 5.10 7.56 12.03
CA HIS B 316 6.25 6.87 12.68
C HIS B 316 7.42 6.63 11.71
N SER B 317 7.19 6.70 10.40
CA SER B 317 8.20 6.34 9.39
C SER B 317 9.43 7.26 9.52
N ASP B 318 9.24 8.58 9.56
CA ASP B 318 10.39 9.52 9.49
C ASP B 318 11.21 9.45 10.78
N LEU B 319 10.59 9.34 11.95
CA LEU B 319 11.33 9.21 13.22
C LEU B 319 12.17 7.92 13.21
N ALA B 320 11.55 6.76 12.96
CA ALA B 320 12.26 5.46 12.94
C ALA B 320 13.47 5.57 12.01
N CYS B 321 13.28 6.13 10.79
CA CYS B 321 14.38 6.27 9.81
C CYS B 321 15.48 7.18 10.34
N ASN B 322 15.09 8.29 10.93
CA ASN B 322 16.08 9.26 11.48
C ASN B 322 16.87 8.58 12.61
N LYS B 323 16.17 7.82 13.45
CA LYS B 323 16.81 7.14 14.61
C LYS B 323 17.77 6.06 14.12
N ILE B 324 17.42 5.32 13.05
CA ILE B 324 18.27 4.20 12.53
C ILE B 324 19.50 4.81 11.86
N LEU B 325 19.32 5.94 11.14
CA LEU B 325 20.50 6.61 10.53
C LEU B 325 21.45 7.07 11.64
N GLU B 326 20.94 7.65 12.72
CA GLU B 326 21.76 8.08 13.89
C GLU B 326 22.51 6.87 14.47
N ALA B 327 21.84 5.73 14.57
CA ALA B 327 22.45 4.45 15.05
C ALA B 327 23.65 4.05 14.20
N MET B 328 23.53 4.09 12.87
CA MET B 328 24.59 3.63 11.95
C MET B 328 25.59 4.76 11.63
N GLN B 329 25.25 6.03 11.86
CA GLN B 329 26.11 7.21 11.54
C GLN B 329 26.13 8.22 12.70
N PRO B 330 26.63 7.83 13.89
CA PRO B 330 26.54 8.67 15.10
C PRO B 330 27.42 9.93 15.15
N GLU B 331 28.38 10.05 14.23
CA GLU B 331 29.36 11.16 14.27
C GLU B 331 28.99 12.24 13.26
N ALA B 332 27.88 12.08 12.54
CA ALA B 332 27.47 13.07 11.52
C ALA B 332 26.04 13.48 11.81
N PRO B 333 25.63 14.71 11.43
CA PRO B 333 24.25 15.13 11.60
C PRO B 333 23.31 14.21 10.81
N VAL B 334 22.12 13.97 11.34
CA VAL B 334 20.99 13.34 10.60
C VAL B 334 20.42 14.42 9.67
N TRP B 335 20.40 14.17 8.38
CA TRP B 335 19.90 15.17 7.39
C TRP B 335 19.20 14.43 6.25
N ALA B 336 18.33 15.14 5.54
CA ALA B 336 17.59 14.61 4.37
C ALA B 336 18.24 15.16 3.11
N ALA B 337 19.01 14.33 2.39
CA ALA B 337 19.62 14.70 1.08
C ALA B 337 18.49 15.04 0.10
N GLU B 338 17.33 14.38 0.25
CA GLU B 338 16.13 14.62 -0.58
C GLU B 338 14.94 14.69 0.36
N PHE B 339 14.37 15.87 0.49
CA PHE B 339 13.34 16.18 1.51
C PHE B 339 12.11 16.63 0.76
N GLN B 340 11.04 15.83 0.80
CA GLN B 340 9.92 15.98 -0.14
C GLN B 340 9.44 17.43 -0.20
N ALA B 341 9.41 17.96 -1.41
CA ALA B 341 8.81 19.27 -1.76
C ALA B 341 8.12 19.04 -3.11
N GLY B 342 6.82 19.25 -3.18
CA GLY B 342 6.02 18.81 -4.32
C GLY B 342 6.03 17.30 -4.44
N THR B 343 5.67 16.80 -5.60
CA THR B 343 5.46 15.36 -5.84
C THR B 343 6.08 15.00 -7.19
N ARG B 344 6.82 13.90 -7.24
CA ARG B 344 7.29 13.27 -8.50
C ARG B 344 6.14 12.80 -9.41
N GLU B 345 4.95 12.58 -8.86
CA GLU B 345 3.85 11.89 -9.55
C GLU B 345 2.61 12.78 -9.50
N HIS B 346 2.12 13.23 -10.65
CA HIS B 346 0.98 14.18 -10.74
C HIS B 346 -0.22 13.68 -9.94
N HIS B 347 -0.46 12.37 -9.94
CA HIS B 347 -1.67 11.70 -9.37
C HIS B 347 -1.48 11.40 -7.87
N VAL B 348 -0.30 11.71 -7.34
CA VAL B 348 0.03 11.53 -5.91
C VAL B 348 0.27 12.91 -5.32
N LYS B 349 -0.77 13.49 -4.76
CA LYS B 349 -0.75 14.93 -4.41
C LYS B 349 0.18 15.14 -3.22
N ALA B 350 0.86 16.30 -3.22
CA ALA B 350 1.66 16.82 -2.13
C ALA B 350 1.11 18.19 -1.71
N TYR B 351 0.30 18.20 -0.63
CA TYR B 351 -0.34 19.42 -0.09
C TYR B 351 0.70 20.22 0.69
N ALA B 352 0.80 21.50 0.35
CA ALA B 352 1.59 22.47 1.13
C ALA B 352 1.29 22.30 2.62
N LYS B 353 0.01 22.16 3.04
CA LYS B 353 -0.36 22.09 4.47
C LYS B 353 0.08 20.76 5.10
N ASP B 354 0.09 19.67 4.33
CA ASP B 354 0.73 18.41 4.80
C ASP B 354 2.24 18.61 4.97
N LEU B 355 2.91 19.11 3.95
CA LEU B 355 4.40 19.13 3.97
C LEU B 355 4.90 20.10 5.04
N GLU B 356 4.19 21.23 5.23
CA GLU B 356 4.56 22.16 6.34
C GLU B 356 4.60 21.40 7.68
N THR B 357 3.60 20.59 7.98
CA THR B 357 3.55 19.77 9.21
C THR B 357 4.70 18.76 9.19
N PHE B 358 5.01 18.13 8.05
CA PHE B 358 6.12 17.16 7.93
C PHE B 358 7.44 17.85 8.25
N TYR B 359 7.59 19.11 7.84
CA TYR B 359 8.88 19.85 8.02
C TYR B 359 9.08 20.09 9.52
N ILE B 360 8.04 20.54 10.22
CA ILE B 360 8.11 20.80 11.69
C ILE B 360 8.29 19.47 12.45
N ALA B 361 7.56 18.40 12.10
CA ALA B 361 7.71 17.05 12.68
C ALA B 361 9.15 16.57 12.51
N SER B 362 9.80 16.86 11.37
CA SER B 362 11.20 16.47 11.08
C SER B 362 12.15 17.14 12.11
N LEU B 363 11.92 18.41 12.42
CA LEU B 363 12.66 19.15 13.49
C LEU B 363 12.44 18.43 14.85
N ALA B 364 11.18 18.18 15.24
CA ALA B 364 10.83 17.39 16.45
C ALA B 364 11.60 16.07 16.45
N HIS B 365 11.60 15.39 15.30
CA HIS B 365 12.21 14.05 15.11
C HIS B 365 13.73 14.11 14.85
N GLY B 366 14.39 15.24 15.10
CA GLY B 366 15.86 15.32 15.21
C GLY B 366 16.58 15.65 13.91
N ILE B 367 15.90 16.08 12.86
CA ILE B 367 16.60 16.39 11.59
C ILE B 367 17.44 17.65 11.81
N LYS B 368 18.64 17.70 11.22
CA LYS B 368 19.64 18.79 11.46
C LYS B 368 19.87 19.59 10.18
N GLY B 369 19.28 19.17 9.08
CA GLY B 369 19.33 19.88 7.79
C GLY B 369 18.59 19.11 6.73
N PHE B 370 18.29 19.77 5.62
CA PHE B 370 17.58 19.11 4.52
C PHE B 370 17.69 19.94 3.25
N ASN B 371 17.37 19.27 2.17
CA ASN B 371 17.41 19.75 0.77
C ASN B 371 16.04 19.46 0.20
N TYR B 372 15.22 20.49 0.07
CA TYR B 372 13.87 20.45 -0.53
C TYR B 372 13.98 19.88 -1.95
N TYR B 373 13.36 18.73 -2.14
CA TYR B 373 13.42 17.97 -3.41
C TYR B 373 11.98 17.70 -3.82
N MET B 374 11.39 18.46 -4.77
CA MET B 374 12.03 19.48 -5.60
C MET B 374 11.57 20.87 -5.18
N PHE B 375 12.52 21.75 -4.92
CA PHE B 375 12.21 23.17 -4.66
C PHE B 375 11.60 23.78 -5.92
N SER B 376 12.25 23.57 -7.04
CA SER B 376 11.85 24.08 -8.37
C SER B 376 11.48 22.89 -9.23
N GLN B 377 10.29 22.94 -9.82
CA GLN B 377 9.90 22.07 -10.93
C GLN B 377 10.93 22.20 -12.07
N GLY B 378 10.97 21.19 -12.94
CA GLY B 378 11.78 21.21 -14.16
C GLY B 378 10.96 20.83 -15.37
N ILE B 379 11.40 21.28 -16.54
CA ILE B 379 10.86 20.79 -17.83
C ILE B 379 12.00 19.99 -18.45
N ASN B 380 11.75 18.71 -18.71
CA ASN B 380 12.71 17.81 -19.38
C ASN B 380 13.02 18.43 -20.74
N PRO B 381 14.31 18.66 -21.05
CA PRO B 381 14.71 19.11 -22.38
C PRO B 381 14.56 17.94 -23.36
N GLU B 382 14.29 18.30 -24.62
CA GLU B 382 14.32 17.44 -25.84
C GLU B 382 14.36 15.96 -25.47
N GLY B 383 13.23 15.43 -24.96
CA GLY B 383 12.96 13.99 -24.81
C GLY B 383 13.68 13.32 -23.63
N LYS B 384 14.57 14.01 -22.90
CA LYS B 384 15.50 13.40 -21.91
C LYS B 384 14.77 13.05 -20.59
N GLY B 385 13.46 13.30 -20.52
CA GLY B 385 12.64 12.81 -19.40
C GLY B 385 12.27 11.37 -19.66
N PHE B 386 12.50 10.46 -18.71
CA PHE B 386 11.99 9.07 -18.78
C PHE B 386 10.46 9.07 -18.84
N TYR B 387 9.79 9.94 -18.06
CA TYR B 387 8.30 10.07 -18.05
C TYR B 387 7.93 11.20 -19.01
N GLY B 388 6.91 11.97 -18.70
CA GLY B 388 6.44 13.12 -19.51
C GLY B 388 7.43 14.28 -19.66
N LYS B 389 6.90 15.43 -20.04
CA LYS B 389 7.65 16.67 -20.27
C LYS B 389 8.02 17.29 -18.92
N THR B 390 7.19 17.13 -17.89
CA THR B 390 7.35 17.90 -16.63
C THR B 390 8.00 17.04 -15.55
N PHE B 391 8.90 17.67 -14.76
CA PHE B 391 9.62 17.00 -13.65
C PHE B 391 9.13 17.66 -12.36
N TYR B 392 8.26 16.94 -11.64
CA TYR B 392 7.68 17.31 -10.34
C TYR B 392 6.53 18.31 -10.49
N PHE B 393 5.63 18.27 -9.51
CA PHE B 393 4.41 19.10 -9.49
C PHE B 393 4.24 19.64 -8.08
N GLN B 394 3.52 20.75 -7.90
CA GLN B 394 3.17 21.26 -6.55
C GLN B 394 4.43 21.58 -5.75
N THR B 395 5.47 22.00 -6.46
CA THR B 395 6.79 22.38 -5.89
C THR B 395 6.67 23.77 -5.24
N ALA B 396 7.76 24.35 -4.78
CA ALA B 396 7.77 25.73 -4.25
C ALA B 396 7.66 26.71 -5.44
N LEU B 397 8.43 26.46 -6.49
CA LEU B 397 8.41 27.24 -7.75
C LEU B 397 8.05 26.31 -8.89
N ASP B 398 7.27 26.78 -9.85
CA ASP B 398 7.10 25.97 -11.09
C ASP B 398 8.35 26.17 -11.97
N ALA B 399 8.44 25.50 -13.12
CA ALA B 399 9.67 25.50 -13.95
C ALA B 399 9.96 26.93 -14.43
N ALA B 400 8.95 27.79 -14.53
CA ALA B 400 9.10 29.21 -14.99
C ALA B 400 9.29 30.17 -13.80
N SER B 401 9.52 29.61 -12.61
CA SER B 401 9.83 30.32 -11.35
C SER B 401 8.57 31.01 -10.78
N ASN B 402 7.37 30.61 -11.22
CA ASN B 402 6.10 31.02 -10.56
C ASN B 402 6.07 30.46 -9.13
N LYS B 403 5.77 31.30 -8.16
CA LYS B 403 5.52 30.87 -6.76
C LYS B 403 4.26 30.03 -6.72
N LEU B 404 4.33 28.89 -6.05
CA LEU B 404 3.16 28.02 -5.80
C LEU B 404 2.92 27.97 -4.30
N ALA B 405 1.81 27.37 -3.88
CA ALA B 405 1.35 27.41 -2.46
C ALA B 405 2.50 27.01 -1.51
N LEU B 406 3.34 26.04 -1.87
CA LEU B 406 4.36 25.50 -0.94
C LEU B 406 5.43 26.55 -0.62
N TYR B 407 5.72 27.46 -1.57
CA TYR B 407 6.67 28.58 -1.34
C TYR B 407 6.44 29.22 0.04
N ASP B 408 5.23 29.67 0.32
CA ASP B 408 4.90 30.43 1.56
C ASP B 408 5.07 29.52 2.78
N SER B 409 4.88 28.20 2.64
CA SER B 409 5.03 27.23 3.77
C SER B 409 6.52 27.11 4.09
N ILE B 410 7.34 27.04 3.05
CA ILE B 410 8.81 26.84 3.19
C ILE B 410 9.41 28.11 3.78
N LYS B 411 8.93 29.28 3.34
CA LYS B 411 9.37 30.58 3.89
C LYS B 411 9.03 30.64 5.39
N LYS B 412 7.84 30.24 5.79
CA LYS B 412 7.43 30.26 7.21
C LYS B 412 8.30 29.28 8.04
N VAL B 413 8.49 28.05 7.58
CA VAL B 413 9.30 27.02 8.32
C VAL B 413 10.75 27.49 8.39
N ASN B 414 11.27 28.06 7.30
CA ASN B 414 12.67 28.52 7.25
C ASN B 414 12.92 29.65 8.26
N ARG B 415 11.99 30.59 8.36
CA ARG B 415 12.03 31.74 9.30
C ARG B 415 12.08 31.19 10.74
N PHE B 416 11.20 30.23 11.07
CA PHE B 416 11.23 29.54 12.40
C PHE B 416 12.63 28.96 12.63
N ILE B 417 13.13 28.21 11.67
CA ILE B 417 14.44 27.50 11.82
C ILE B 417 15.59 28.49 12.03
N ARG B 418 15.70 29.52 11.20
CA ARG B 418 16.73 30.58 11.38
C ARG B 418 16.63 31.27 12.74
N LYS B 419 15.41 31.50 13.22
CA LYS B 419 15.16 32.16 14.53
C LYS B 419 15.67 31.25 15.66
N GLU B 420 15.58 29.93 15.50
CA GLU B 420 15.77 28.98 16.63
C GLU B 420 17.06 28.13 16.50
N GLN B 421 17.71 28.12 15.33
CA GLN B 421 18.72 27.08 14.99
C GLN B 421 19.85 27.03 16.03
N LYS B 422 20.32 28.17 16.55
CA LYS B 422 21.46 28.21 17.53
C LYS B 422 21.14 27.32 18.75
N ASP B 423 19.90 27.36 19.25
CA ASP B 423 19.49 26.56 20.43
C ASP B 423 18.96 25.20 19.96
N LEU B 424 18.05 25.16 18.97
CA LEU B 424 17.37 23.90 18.52
C LEU B 424 18.38 22.83 18.10
N LEU B 425 19.41 23.16 17.34
CA LEU B 425 20.39 22.18 16.82
C LEU B 425 21.17 21.48 17.94
N ARG B 426 21.26 22.13 19.09
CA ARG B 426 22.02 21.71 20.27
C ARG B 426 21.08 21.06 21.28
N THR B 427 19.84 20.73 20.91
CA THR B 427 18.91 20.04 21.84
C THR B 427 18.83 18.55 21.51
N ASN B 428 18.63 17.71 22.53
CA ASN B 428 18.30 16.28 22.29
C ASN B 428 17.06 15.92 23.09
N VAL B 429 16.50 14.74 22.82
CA VAL B 429 15.42 14.15 23.66
C VAL B 429 16.12 13.38 24.79
N ASN B 430 15.49 13.20 25.93
CA ASN B 430 16.09 12.38 26.99
C ASN B 430 15.59 10.95 26.80
N SER B 431 16.36 10.09 26.14
CA SER B 431 15.94 8.68 25.88
C SER B 431 16.44 7.76 27.00
N GLU B 432 15.52 7.12 27.69
CA GLU B 432 15.83 6.15 28.76
C GLU B 432 15.60 4.74 28.20
N ILE B 433 15.08 4.66 26.99
CA ILE B 433 14.81 3.40 26.24
C ILE B 433 15.79 3.31 25.09
N CYS B 434 16.40 2.15 24.91
CA CYS B 434 17.29 1.88 23.77
C CYS B 434 16.74 0.69 23.04
N VAL B 435 16.58 0.79 21.73
CA VAL B 435 16.09 -0.34 20.89
C VAL B 435 17.24 -0.82 20.02
N GLY B 436 17.50 -2.13 20.08
CA GLY B 436 18.62 -2.73 19.34
C GLY B 436 18.32 -2.84 17.87
N PHE B 437 19.32 -2.51 17.05
CA PHE B 437 19.32 -2.66 15.56
C PHE B 437 20.27 -3.80 15.24
N TYR B 438 19.73 -4.95 14.86
CA TYR B 438 20.51 -6.17 14.55
C TYR B 438 20.51 -6.31 13.04
N LYS B 439 21.58 -5.86 12.41
CA LYS B 439 21.65 -5.61 10.95
C LYS B 439 21.44 -6.90 10.15
N PRO B 440 21.89 -8.09 10.62
CA PRO B 440 21.68 -9.30 9.84
C PRO B 440 20.20 -9.60 9.57
N TYR B 441 19.26 -9.11 10.38
CA TYR B 441 17.83 -9.34 10.09
C TYR B 441 17.40 -8.56 8.85
N PHE B 442 18.20 -7.58 8.43
CA PHE B 442 17.83 -6.60 7.39
C PHE B 442 18.48 -7.02 6.08
N PHE B 443 19.40 -7.98 6.11
CA PHE B 443 20.21 -8.38 4.95
C PHE B 443 19.42 -9.34 4.06
N THR B 444 18.32 -8.88 3.44
CA THR B 444 17.42 -9.78 2.68
C THR B 444 16.96 -9.21 1.33
N GLU B 445 17.63 -8.19 0.77
CA GLU B 445 17.08 -7.45 -0.41
C GLU B 445 17.07 -8.35 -1.66
N LEU B 446 17.88 -9.43 -1.68
CA LEU B 446 17.87 -10.43 -2.79
C LEU B 446 16.83 -11.54 -2.57
N ILE B 447 16.22 -11.65 -1.38
CA ILE B 447 15.43 -12.88 -1.07
C ILE B 447 14.08 -12.59 -0.43
N SER B 448 13.93 -11.43 0.24
CA SER B 448 12.67 -11.06 0.94
C SER B 448 12.57 -9.54 1.11
N SER B 449 11.66 -8.93 0.37
CA SER B 449 11.35 -7.47 0.50
C SER B 449 9.90 -7.20 0.07
N GLN B 450 9.40 -5.99 0.34
CA GLN B 450 8.07 -5.53 -0.11
C GLN B 450 8.07 -5.43 -1.65
N LEU B 451 9.22 -5.11 -2.24
CA LEU B 451 9.37 -4.91 -3.71
C LEU B 451 9.55 -6.26 -4.42
N LEU B 452 10.19 -7.22 -3.76
CA LEU B 452 10.48 -8.54 -4.37
C LEU B 452 9.13 -9.26 -4.49
N LYS B 453 8.66 -9.48 -5.72
CA LYS B 453 7.29 -9.98 -6.00
C LYS B 453 7.15 -11.36 -5.36
N GLU B 454 7.98 -12.32 -5.79
CA GLU B 454 8.05 -13.69 -5.21
C GLU B 454 9.19 -13.77 -4.18
N LYS B 455 8.94 -14.45 -3.06
CA LYS B 455 9.84 -14.56 -1.87
C LYS B 455 10.74 -15.79 -2.03
N LYS B 456 12.06 -15.59 -1.97
CA LYS B 456 13.04 -16.69 -2.03
C LYS B 456 13.28 -17.23 -0.63
N LEU B 457 12.87 -16.50 0.41
CA LEU B 457 13.07 -16.91 1.84
C LEU B 457 11.72 -17.33 2.43
N ASN B 458 11.57 -18.62 2.72
CA ASN B 458 10.40 -19.22 3.41
C ASN B 458 10.96 -20.03 4.58
N VAL B 459 10.96 -19.44 5.76
CA VAL B 459 11.78 -19.92 6.93
C VAL B 459 11.23 -21.26 7.41
N GLU B 460 9.95 -21.54 7.16
CA GLU B 460 9.32 -22.85 7.54
C GLU B 460 10.09 -23.98 6.86
N GLU B 461 10.49 -23.82 5.60
CA GLU B 461 11.27 -24.85 4.88
C GLU B 461 12.59 -25.11 5.60
N LEU B 462 13.04 -24.20 6.46
CA LEU B 462 14.34 -24.32 7.18
C LEU B 462 14.13 -24.76 8.62
N GLY B 463 12.91 -25.10 9.02
CA GLY B 463 12.59 -25.50 10.41
C GLY B 463 12.54 -24.29 11.34
N LEU B 464 12.32 -23.09 10.82
CA LEU B 464 12.17 -21.86 11.62
C LEU B 464 10.71 -21.38 11.48
N TYR B 465 10.26 -20.46 12.33
CA TYR B 465 8.90 -19.88 12.21
C TYR B 465 8.90 -18.36 12.34
N ILE B 466 10.02 -17.72 12.70
CA ILE B 466 10.10 -16.24 12.83
C ILE B 466 10.87 -15.68 11.64
N ASP B 467 10.15 -15.12 10.69
CA ASP B 467 10.77 -14.56 9.47
C ASP B 467 11.44 -13.25 9.86
N PRO B 468 12.72 -12.98 9.47
CA PRO B 468 13.37 -11.75 9.91
C PRO B 468 12.73 -10.48 9.33
N ARG B 469 12.09 -10.53 8.16
CA ARG B 469 11.48 -9.33 7.54
C ARG B 469 10.15 -9.03 8.25
N PHE B 470 9.32 -10.04 8.49
CA PHE B 470 8.09 -9.88 9.29
C PHE B 470 8.47 -9.29 10.66
N LEU B 471 9.52 -9.84 11.29
CA LEU B 471 9.98 -9.33 12.62
C LEU B 471 10.34 -7.84 12.50
N ARG B 472 11.23 -7.46 11.57
CA ARG B 472 11.78 -6.09 11.56
C ARG B 472 10.75 -5.10 11.01
N GLU B 473 9.75 -5.56 10.21
CA GLU B 473 8.68 -4.65 9.70
C GLU B 473 7.52 -4.53 10.68
N GLU B 474 6.96 -5.65 11.16
CA GLU B 474 5.66 -5.64 11.89
C GLU B 474 5.89 -5.56 13.40
N ILE B 475 6.88 -6.28 13.91
CA ILE B 475 7.13 -6.34 15.37
C ILE B 475 7.92 -5.09 15.77
N LEU B 476 8.97 -4.76 15.03
CA LEU B 476 9.88 -3.62 15.33
C LEU B 476 9.34 -2.31 14.72
N PHE B 477 9.31 -2.15 13.40
CA PHE B 477 9.09 -0.82 12.75
C PHE B 477 7.65 -0.32 12.99
N ASN B 478 6.63 -1.08 12.57
CA ASN B 478 5.20 -0.69 12.66
C ASN B 478 4.62 -1.10 14.01
N GLY B 479 5.43 -1.76 14.85
CA GLY B 479 5.01 -2.29 16.15
C GLY B 479 5.62 -1.51 17.27
N LEU B 480 6.78 -1.94 17.77
CA LEU B 480 7.45 -1.27 18.92
C LEU B 480 7.70 0.21 18.65
N LEU B 481 8.39 0.55 17.55
CA LEU B 481 8.76 1.97 17.28
C LEU B 481 7.49 2.78 17.12
N ARG B 482 6.52 2.31 16.34
CA ARG B 482 5.23 3.05 16.19
C ARG B 482 4.59 3.19 17.57
N GLY B 483 4.62 2.14 18.36
CA GLY B 483 3.96 2.19 19.67
C GLY B 483 4.61 3.19 20.61
N LEU B 484 5.94 3.16 20.73
CA LEU B 484 6.66 4.11 21.63
C LEU B 484 6.34 5.54 21.19
N GLN B 485 6.39 5.82 19.89
CA GLN B 485 6.11 7.18 19.39
C GLN B 485 4.67 7.58 19.68
N THR B 486 3.71 6.69 19.46
CA THR B 486 2.28 6.98 19.74
C THR B 486 2.10 7.26 21.22
N LEU B 487 2.82 6.52 22.07
CA LEU B 487 2.72 6.67 23.55
C LEU B 487 3.56 7.87 24.04
N ASN B 488 4.30 8.55 23.17
CA ASN B 488 5.19 9.69 23.50
C ASN B 488 6.27 9.24 24.49
N TYR B 489 6.84 8.03 24.32
CA TYR B 489 8.09 7.64 25.01
C TYR B 489 9.28 7.84 24.06
N ASN B 490 10.26 8.59 24.50
CA ASN B 490 11.54 8.74 23.76
C ASN B 490 12.29 7.40 23.69
N TYR B 491 12.75 7.05 22.51
CA TYR B 491 13.70 5.91 22.32
C TYR B 491 14.92 6.37 21.54
N ASP B 492 16.04 5.72 21.76
CA ASP B 492 17.18 5.80 20.82
C ASP B 492 17.31 4.42 20.20
N VAL B 493 17.91 4.34 19.00
CA VAL B 493 18.31 3.06 18.38
C VAL B 493 19.82 2.94 18.51
N VAL B 494 20.35 1.75 18.82
CA VAL B 494 21.81 1.45 18.80
C VAL B 494 22.09 0.27 17.88
N ASP B 495 23.11 0.42 17.05
CA ASP B 495 23.65 -0.66 16.19
C ASP B 495 24.37 -1.66 17.10
N LEU B 496 23.93 -2.91 17.09
CA LEU B 496 24.48 -3.92 18.03
C LEU B 496 25.84 -4.42 17.55
N GLU B 497 26.20 -4.22 16.27
CA GLU B 497 27.51 -4.68 15.74
C GLU B 497 28.65 -3.85 16.34
N ASN B 498 29.66 -4.54 16.89
CA ASN B 498 30.86 -3.91 17.51
C ASN B 498 30.41 -2.88 18.57
N CYS B 499 29.31 -3.17 19.27
CA CYS B 499 28.63 -2.19 20.16
C CYS B 499 29.38 -2.13 21.50
N ASP B 500 29.72 -0.92 21.95
CA ASP B 500 30.37 -0.66 23.26
C ASP B 500 29.37 -0.98 24.37
N LEU B 501 29.69 -1.85 25.34
CA LEU B 501 28.83 -2.08 26.53
C LEU B 501 28.53 -0.74 27.20
N LYS B 502 29.54 0.15 27.27
CA LYS B 502 29.48 1.46 27.96
C LYS B 502 28.29 2.27 27.42
N SER B 503 28.07 2.23 26.10
CA SER B 503 27.00 3.02 25.41
C SER B 503 25.61 2.38 25.57
N LEU B 504 25.47 1.23 26.25
CA LEU B 504 24.14 0.63 26.57
C LEU B 504 23.75 0.97 28.01
N THR B 505 24.71 1.26 28.89
CA THR B 505 24.55 1.36 30.35
C THR B 505 23.88 2.69 30.74
N ALA B 506 23.84 3.70 29.86
CA ALA B 506 23.13 4.99 30.10
C ALA B 506 21.61 4.74 30.22
N TYR B 507 21.09 3.76 29.50
CA TYR B 507 19.64 3.49 29.33
C TYR B 507 19.11 2.63 30.47
N LYS B 508 17.88 2.90 30.90
CA LYS B 508 17.12 2.13 31.91
C LYS B 508 16.57 0.83 31.30
N GLN B 509 16.35 0.79 29.99
CA GLN B 509 15.89 -0.44 29.32
C GLN B 509 16.52 -0.56 27.95
N LEU B 510 16.89 -1.78 27.58
CA LEU B 510 17.25 -2.16 26.21
C LEU B 510 16.19 -3.16 25.73
N TRP B 511 15.61 -2.87 24.57
CA TRP B 511 14.60 -3.70 23.91
C TRP B 511 15.23 -4.41 22.72
N ILE B 512 15.17 -5.73 22.72
CA ILE B 512 15.67 -6.57 21.60
C ILE B 512 14.50 -7.37 21.01
N THR B 513 14.19 -7.11 19.75
CA THR B 513 13.23 -7.88 18.93
C THR B 513 14.11 -8.96 18.28
N SER B 514 14.01 -10.18 18.76
CA SER B 514 14.90 -11.32 18.41
C SER B 514 14.14 -12.36 17.61
N ALA B 515 14.76 -12.82 16.51
CA ALA B 515 14.37 -14.06 15.83
C ALA B 515 15.05 -15.26 16.51
N GLU B 516 15.06 -16.42 15.87
CA GLU B 516 15.60 -17.67 16.47
C GLU B 516 17.12 -17.70 16.29
N PHE B 517 17.66 -16.76 15.51
CA PHE B 517 19.10 -16.71 15.22
C PHE B 517 19.67 -15.37 15.58
N MET B 518 20.90 -15.40 16.11
CA MET B 518 21.63 -14.20 16.58
C MET B 518 23.10 -14.61 16.80
N ASP B 519 24.04 -13.81 16.30
CA ASP B 519 25.47 -14.23 16.27
C ASP B 519 26.03 -14.23 17.70
N ALA B 520 27.05 -15.06 17.92
CA ALA B 520 27.74 -15.22 19.22
C ALA B 520 28.09 -13.84 19.80
N GLU B 521 28.56 -12.88 19.01
CA GLU B 521 29.05 -11.57 19.55
C GLU B 521 27.88 -10.84 20.21
N THR B 522 26.72 -10.83 19.56
CA THR B 522 25.55 -10.07 20.05
C THR B 522 24.97 -10.83 21.25
N GLN B 523 24.98 -12.15 21.21
CA GLN B 523 24.53 -12.96 22.37
C GLN B 523 25.41 -12.70 23.60
N ASN B 524 26.74 -12.65 23.41
CA ASN B 524 27.73 -12.36 24.47
C ASN B 524 27.47 -10.94 24.97
N LEU B 525 27.27 -9.96 24.06
CA LEU B 525 27.06 -8.53 24.43
C LEU B 525 25.83 -8.39 25.32
N LEU B 526 24.72 -9.02 24.94
CA LEU B 526 23.46 -8.89 25.70
C LEU B 526 23.63 -9.61 27.05
N SER B 527 24.34 -10.74 27.10
CA SER B 527 24.64 -11.47 28.37
C SER B 527 25.33 -10.53 29.35
N GLU B 528 26.41 -9.90 28.90
CA GLU B 528 27.26 -8.98 29.70
C GLU B 528 26.42 -7.77 30.14
N PHE B 529 25.61 -7.22 29.23
CA PHE B 529 24.67 -6.10 29.53
C PHE B 529 23.86 -6.41 30.79
N VAL B 530 23.15 -7.53 30.81
CA VAL B 530 22.23 -7.88 31.93
C VAL B 530 23.09 -8.18 33.17
N LEU B 531 24.14 -9.00 33.03
CA LEU B 531 24.94 -9.47 34.19
C LEU B 531 25.53 -8.25 34.91
N ASN B 532 25.89 -7.20 34.18
CA ASN B 532 26.51 -5.97 34.75
C ASN B 532 25.46 -4.97 35.29
N GLY B 533 24.15 -5.22 35.21
CA GLY B 533 23.14 -4.29 35.78
C GLY B 533 22.09 -3.78 34.80
N GLY B 534 22.12 -4.21 33.54
CA GLY B 534 21.16 -3.76 32.50
C GLY B 534 19.82 -4.46 32.63
N ASN B 535 18.77 -3.74 32.22
CA ASN B 535 17.37 -4.21 32.14
C ASN B 535 17.05 -4.52 30.69
N LEU B 536 16.90 -5.82 30.38
CA LEU B 536 16.72 -6.26 28.99
C LEU B 536 15.27 -6.70 28.81
N ILE B 537 14.67 -6.30 27.70
CA ILE B 537 13.32 -6.78 27.27
C ILE B 537 13.53 -7.49 25.95
N LEU B 538 13.24 -8.79 25.89
CA LEU B 538 13.57 -9.65 24.74
C LEU B 538 12.34 -10.47 24.33
N TYR B 539 11.97 -10.37 23.05
CA TYR B 539 10.84 -11.09 22.45
C TYR B 539 11.00 -10.99 20.95
N PRO B 540 10.29 -11.83 20.16
CA PRO B 540 9.49 -12.95 20.68
C PRO B 540 10.18 -14.31 20.94
N ALA B 541 11.50 -14.37 20.78
CA ALA B 541 12.28 -15.63 20.91
C ALA B 541 13.60 -15.36 21.60
N VAL B 542 13.94 -16.20 22.57
CA VAL B 542 15.34 -16.50 22.93
C VAL B 542 15.97 -17.14 21.69
N PRO B 543 17.04 -16.55 21.11
CA PRO B 543 17.68 -17.16 19.96
C PRO B 543 18.42 -18.45 20.36
N THR B 544 18.53 -19.41 19.45
CA THR B 544 19.26 -20.69 19.70
C THR B 544 20.25 -20.99 18.56
N LEU B 545 20.30 -20.16 17.52
CA LEU B 545 21.15 -20.34 16.32
C LEU B 545 21.98 -19.07 16.11
N ASP B 546 23.06 -19.19 15.34
CA ASP B 546 23.89 -18.03 14.89
C ASP B 546 23.37 -17.63 13.51
N ASN B 547 24.09 -16.76 12.82
CA ASN B 547 23.66 -16.21 11.51
C ASN B 547 23.70 -17.28 10.42
N TYR B 548 24.35 -18.43 10.65
CA TYR B 548 24.46 -19.54 9.66
C TYR B 548 23.53 -20.68 10.09
N LEU B 549 22.72 -20.41 11.12
CA LEU B 549 21.67 -21.32 11.63
C LEU B 549 22.35 -22.55 12.22
N ASN B 550 23.57 -22.33 12.75
CA ASN B 550 24.33 -23.35 13.52
C ASN B 550 24.06 -23.08 15.00
N ARG B 551 24.13 -24.12 15.83
CA ARG B 551 23.68 -23.97 17.23
C ARG B 551 24.45 -22.84 17.89
N CYS B 552 23.73 -21.94 18.58
CA CYS B 552 24.36 -20.90 19.43
C CYS B 552 23.39 -20.45 20.52
N GLU B 553 23.66 -20.87 21.75
CA GLU B 553 22.69 -20.77 22.86
C GLU B 553 23.34 -20.02 24.01
N ILE B 554 24.31 -19.16 23.69
CA ILE B 554 25.10 -18.40 24.70
C ILE B 554 24.13 -17.63 25.60
N LEU B 555 23.23 -16.88 24.99
CA LEU B 555 22.31 -16.01 25.79
C LEU B 555 21.36 -16.90 26.62
N LYS B 556 20.75 -17.91 26.01
CA LYS B 556 19.86 -18.93 26.64
C LYS B 556 20.59 -19.53 27.86
N ASN B 557 21.79 -20.06 27.67
CA ASN B 557 22.49 -20.76 28.76
C ASN B 557 22.96 -19.76 29.84
N ASN B 558 23.47 -18.59 29.46
CA ASN B 558 23.95 -17.57 30.45
C ASN B 558 22.79 -17.10 31.34
N PHE B 559 21.56 -17.12 30.84
CA PHE B 559 20.34 -16.61 31.54
C PHE B 559 19.57 -17.76 32.20
N GLY B 560 20.00 -19.01 32.05
CA GLY B 560 19.38 -20.16 32.75
C GLY B 560 17.99 -20.39 32.22
N ILE B 561 17.78 -20.12 30.93
CA ILE B 561 16.46 -20.26 30.27
C ILE B 561 16.32 -21.67 29.71
N GLU B 562 15.17 -22.28 29.95
CA GLU B 562 14.75 -23.51 29.27
C GLU B 562 13.38 -23.26 28.66
N PHE B 563 13.13 -23.81 27.47
CA PHE B 563 11.80 -23.66 26.85
C PHE B 563 11.53 -24.84 25.93
N ILE B 564 10.25 -25.02 25.64
CA ILE B 564 9.73 -25.92 24.58
C ILE B 564 8.88 -25.03 23.68
N THR B 565 8.96 -25.20 22.36
CA THR B 565 8.10 -24.45 21.43
C THR B 565 6.81 -25.24 21.29
N LYS B 566 5.67 -24.63 21.61
CA LYS B 566 4.34 -25.31 21.50
C LYS B 566 3.31 -24.43 20.81
N ASP B 567 2.34 -25.06 20.12
CA ASP B 567 1.19 -24.40 19.45
C ASP B 567 0.10 -24.06 20.47
N SER B 568 -0.50 -22.87 20.36
CA SER B 568 -1.65 -22.41 21.17
C SER B 568 -2.39 -21.35 20.37
N SER B 569 -3.55 -20.96 20.86
CA SER B 569 -4.34 -19.82 20.34
C SER B 569 -3.41 -18.58 20.20
N HIS B 570 -3.64 -17.75 19.17
CA HIS B 570 -2.88 -16.51 18.91
C HIS B 570 -2.95 -15.55 20.10
N LYS B 571 -4.03 -15.56 20.89
CA LYS B 571 -4.18 -14.64 22.04
C LYS B 571 -3.52 -15.19 23.29
N VAL B 572 -2.80 -14.32 24.00
CA VAL B 572 -2.22 -14.63 25.34
C VAL B 572 -2.68 -13.57 26.31
N SER B 573 -2.46 -13.79 27.60
CA SER B 573 -2.58 -12.74 28.63
C SER B 573 -1.14 -12.39 29.01
N ALA B 574 -0.89 -11.13 29.35
CA ALA B 574 0.45 -10.66 29.73
C ALA B 574 0.31 -9.48 30.68
N PHE B 575 0.93 -9.59 31.85
CA PHE B 575 0.85 -8.58 32.94
C PHE B 575 -0.61 -8.26 33.22
N GLY B 576 -1.47 -9.27 33.18
CA GLY B 576 -2.88 -9.12 33.53
C GLY B 576 -3.68 -8.47 32.42
N ILE B 577 -3.05 -8.19 31.28
CA ILE B 577 -3.80 -7.77 30.07
C ILE B 577 -4.33 -9.02 29.38
N GLU B 578 -5.65 -9.14 29.28
CA GLU B 578 -6.34 -10.27 28.61
C GLU B 578 -6.38 -9.99 27.11
N ASP B 579 -6.31 -11.04 26.31
CA ASP B 579 -6.59 -11.03 24.85
C ASP B 579 -5.56 -10.16 24.14
N VAL B 580 -4.29 -10.43 24.39
CA VAL B 580 -3.19 -9.85 23.57
C VAL B 580 -3.05 -10.73 22.33
N PHE B 581 -3.36 -10.18 21.16
CA PHE B 581 -3.21 -10.92 19.89
C PHE B 581 -1.71 -11.00 19.56
N THR B 582 -1.22 -12.21 19.32
CA THR B 582 0.20 -12.46 18.97
C THR B 582 0.26 -13.07 17.58
N ALA B 583 1.40 -12.93 16.91
CA ALA B 583 1.53 -13.23 15.46
C ALA B 583 1.52 -14.74 15.19
N PHE B 584 2.04 -15.59 16.10
CA PHE B 584 2.30 -17.03 15.86
C PHE B 584 1.50 -17.94 16.80
N SER B 585 1.07 -19.07 16.24
CA SER B 585 0.58 -20.25 17.02
C SER B 585 1.69 -20.73 17.95
N LYS B 586 2.87 -20.91 17.37
CA LYS B 586 4.09 -21.41 18.06
C LYS B 586 4.58 -20.34 19.04
N LYS B 587 4.80 -20.72 20.28
CA LYS B 587 5.31 -19.81 21.34
C LYS B 587 6.36 -20.54 22.16
N GLN B 588 7.26 -19.77 22.75
CA GLN B 588 8.24 -20.32 23.72
C GLN B 588 7.54 -20.46 25.07
N ILE B 589 7.51 -21.69 25.61
CA ILE B 589 6.95 -22.00 26.95
C ILE B 589 8.12 -22.22 27.91
N TYR B 590 8.25 -21.36 28.93
CA TYR B 590 9.49 -21.24 29.74
C TYR B 590 9.34 -22.03 31.03
N ASN B 591 10.39 -22.78 31.35
CA ASN B 591 10.64 -23.25 32.73
C ASN B 591 10.72 -22.01 33.61
N ASP B 592 10.01 -21.99 34.74
CA ASP B 592 9.88 -20.78 35.60
C ASP B 592 10.72 -20.93 36.87
N THR B 593 11.59 -21.95 36.97
CA THR B 593 12.50 -22.06 38.14
C THR B 593 13.26 -20.74 38.27
N ASN B 594 13.35 -20.18 39.48
CA ASN B 594 14.11 -18.93 39.75
C ASN B 594 13.51 -17.77 38.93
N SER B 595 12.22 -17.83 38.57
CA SER B 595 11.60 -16.86 37.61
C SER B 595 10.18 -16.50 38.06
N LYS B 596 9.68 -15.36 37.61
CA LYS B 596 8.30 -14.92 37.83
C LYS B 596 7.58 -15.05 36.50
N PRO B 597 6.56 -15.94 36.39
CA PRO B 597 5.73 -16.01 35.19
C PRO B 597 4.91 -14.71 35.08
N ILE B 598 4.89 -14.09 33.91
CA ILE B 598 4.09 -12.84 33.70
C ILE B 598 3.24 -12.91 32.43
N ALA B 599 3.28 -14.01 31.68
CA ALA B 599 2.41 -14.18 30.50
C ALA B 599 2.00 -15.65 30.34
N PHE B 600 0.76 -15.85 29.88
CA PHE B 600 0.12 -17.18 29.81
C PHE B 600 -0.68 -17.36 28.52
N THR B 601 -0.58 -18.56 27.94
CA THR B 601 -1.40 -19.05 26.81
C THR B 601 -2.85 -19.25 27.27
N GLN B 602 -3.76 -19.51 26.33
CA GLN B 602 -5.18 -19.79 26.63
C GLN B 602 -5.26 -21.00 27.57
N GLU B 603 -4.29 -21.93 27.54
CA GLU B 603 -4.24 -23.15 28.42
C GLU B 603 -3.42 -22.91 29.70
N ASN B 604 -3.03 -21.66 29.95
CA ASN B 604 -2.32 -21.20 31.17
C ASN B 604 -0.87 -21.72 31.20
N GLU B 605 -0.29 -22.04 30.05
CA GLU B 605 1.16 -22.36 29.91
C GLU B 605 1.94 -21.03 29.95
N ILE B 606 3.13 -21.06 30.54
CA ILE B 606 3.97 -19.85 30.80
C ILE B 606 4.72 -19.46 29.52
N CYS B 607 4.29 -18.36 28.89
CA CYS B 607 4.93 -17.83 27.67
C CYS B 607 5.64 -16.50 27.92
N GLY B 608 5.92 -16.16 29.17
CA GLY B 608 6.71 -14.96 29.49
C GLY B 608 7.17 -14.96 30.94
N ILE B 609 8.40 -14.57 31.19
CA ILE B 609 9.01 -14.61 32.56
C ILE B 609 9.86 -13.37 32.79
N ARG B 610 9.94 -12.97 34.04
CA ARG B 610 10.91 -11.98 34.56
C ARG B 610 11.85 -12.73 35.52
N LYS B 611 13.07 -12.24 35.61
CA LYS B 611 14.18 -12.92 36.31
C LYS B 611 15.26 -11.91 36.64
N LYS B 612 15.94 -12.09 37.75
CA LYS B 612 17.17 -11.34 38.09
C LYS B 612 18.33 -12.20 37.62
N ILE B 613 19.26 -11.62 36.86
CA ILE B 613 20.50 -12.28 36.41
C ILE B 613 21.65 -11.35 36.75
N GLY B 614 22.56 -11.83 37.61
CA GLY B 614 23.64 -11.00 38.16
C GLY B 614 23.04 -9.75 38.74
N LYS B 615 23.49 -8.57 38.32
CA LYS B 615 23.02 -7.27 38.88
C LYS B 615 21.84 -6.71 38.06
N GLY B 616 21.43 -7.37 36.97
CA GLY B 616 20.38 -6.86 36.07
C GLY B 616 19.08 -7.66 36.11
N GLU B 617 18.22 -7.38 35.13
CA GLU B 617 16.83 -7.85 35.06
C GLU B 617 16.57 -8.32 33.62
N LEU B 618 15.79 -9.37 33.50
CA LEU B 618 15.43 -9.95 32.20
C LEU B 618 13.92 -10.06 32.15
N THR B 619 13.33 -9.58 31.07
CA THR B 619 11.91 -9.80 30.70
C THR B 619 11.93 -10.47 29.33
N ILE B 620 11.47 -11.71 29.27
CA ILE B 620 11.40 -12.57 28.07
C ILE B 620 9.93 -12.82 27.74
N LEU B 621 9.47 -12.45 26.54
CA LEU B 621 8.13 -12.84 26.05
C LEU B 621 8.32 -13.81 24.87
N GLY B 622 7.75 -15.00 24.98
CA GLY B 622 7.88 -16.07 23.98
C GLY B 622 6.80 -15.94 22.94
N PHE B 623 6.38 -14.71 22.65
CA PHE B 623 5.30 -14.43 21.69
C PHE B 623 5.58 -13.08 21.02
N ALA B 624 5.06 -12.90 19.80
CA ALA B 624 5.27 -11.72 18.94
C ALA B 624 4.00 -10.88 18.93
N PHE B 625 4.12 -9.61 19.30
CA PHE B 625 3.01 -8.61 19.16
C PHE B 625 3.60 -7.38 18.49
N GLY B 626 2.79 -6.73 17.65
CA GLY B 626 3.17 -5.48 17.02
C GLY B 626 2.33 -4.38 17.63
N TYR B 627 1.71 -3.56 16.81
CA TYR B 627 0.68 -2.59 17.28
C TYR B 627 -0.51 -2.68 16.34
N THR B 628 -1.45 -3.57 16.68
CA THR B 628 -2.69 -3.77 15.88
C THR B 628 -3.90 -3.76 16.80
N SER B 629 -3.73 -3.50 18.09
CA SER B 629 -4.84 -3.37 19.06
C SER B 629 -4.45 -2.41 20.18
N ASP B 630 -5.44 -1.93 20.93
CA ASP B 630 -5.21 -1.09 22.13
C ASP B 630 -4.46 -1.93 23.18
N GLU B 631 -4.66 -3.26 23.22
CA GLU B 631 -3.93 -4.13 24.20
C GLU B 631 -2.41 -4.02 23.94
N HIS B 632 -2.01 -3.88 22.69
CA HIS B 632 -0.58 -3.77 22.35
C HIS B 632 0.01 -2.51 22.98
N LEU B 633 -0.68 -1.36 22.90
CA LEU B 633 -0.18 -0.12 23.54
C LEU B 633 -0.17 -0.32 25.04
N GLU B 634 -1.20 -0.98 25.59
CA GLU B 634 -1.24 -1.26 27.05
C GLU B 634 0.01 -2.05 27.46
N LEU B 635 0.40 -3.02 26.66
CA LEU B 635 1.50 -3.96 27.03
C LEU B 635 2.85 -3.24 26.94
N ILE B 636 3.05 -2.43 25.90
CA ILE B 636 4.28 -1.61 25.76
C ILE B 636 4.35 -0.67 26.95
N ASP B 637 3.24 -0.01 27.26
CA ASP B 637 3.17 0.92 28.40
C ASP B 637 3.51 0.20 29.72
N LYS B 638 2.90 -0.94 29.98
CA LYS B 638 3.26 -1.82 31.14
C LYS B 638 4.77 -2.15 31.17
N LEU B 639 5.37 -2.56 30.05
CA LEU B 639 6.79 -2.99 29.99
C LEU B 639 7.72 -1.81 30.31
N VAL B 640 7.44 -0.65 29.70
CA VAL B 640 8.21 0.59 29.97
C VAL B 640 8.08 0.91 31.45
N LYS B 641 6.89 0.76 32.04
CA LYS B 641 6.69 1.12 33.47
C LYS B 641 7.39 0.13 34.39
N LEU B 642 7.80 -1.08 33.93
CA LEU B 642 8.57 -1.98 34.83
C LEU B 642 9.78 -1.24 35.39
N ASN B 643 10.43 -0.36 34.62
CA ASN B 643 11.62 0.33 35.18
C ASN B 643 11.32 1.81 35.39
N LYS B 644 10.04 2.12 35.60
CA LYS B 644 9.56 3.41 36.16
C LYS B 644 9.97 4.53 35.22
N ILE B 645 9.92 4.28 33.91
CA ILE B 645 10.22 5.33 32.89
C ILE B 645 8.96 6.16 32.77
N LYS B 646 9.10 7.48 32.69
CA LYS B 646 7.92 8.39 32.67
C LYS B 646 7.99 9.17 31.37
N ARG B 647 6.84 9.52 30.78
CA ARG B 647 6.82 10.50 29.65
C ARG B 647 7.30 11.86 30.18
N GLU B 648 7.78 12.75 29.32
CA GLU B 648 8.31 14.09 29.71
C GLU B 648 7.16 15.05 30.05
N LEU B 649 5.92 14.77 29.61
CA LEU B 649 4.72 15.60 29.87
C LEU B 649 3.52 14.72 30.14
N PHE B 650 2.55 15.28 30.85
CA PHE B 650 1.15 14.84 30.89
C PHE B 650 0.33 15.70 29.92
N VAL B 651 -0.20 15.06 28.87
CA VAL B 651 -1.05 15.74 27.86
C VAL B 651 -2.45 15.13 27.93
N SER B 652 -3.49 15.97 28.00
CA SER B 652 -4.86 15.55 28.32
C SER B 652 -5.43 14.68 27.18
N ASP B 653 -4.95 14.87 25.95
CA ASP B 653 -5.45 14.12 24.76
C ASP B 653 -4.36 13.13 24.36
N LYS B 654 -4.65 11.84 24.49
CA LYS B 654 -3.64 10.78 24.27
C LYS B 654 -3.28 10.72 22.77
N ASP B 655 -4.11 11.26 21.89
CA ASP B 655 -3.84 11.19 20.42
C ASP B 655 -2.96 12.36 19.96
N ILE B 656 -2.57 13.27 20.86
CA ILE B 656 -1.58 14.32 20.52
C ILE B 656 -0.19 13.74 20.69
N GLN B 657 0.63 13.84 19.68
CA GLN B 657 2.04 13.43 19.81
C GLN B 657 2.86 14.65 20.24
N PHE B 658 3.87 14.39 21.06
CA PHE B 658 4.79 15.48 21.48
C PHE B 658 6.21 14.96 21.54
N VAL B 659 7.12 15.89 21.31
CA VAL B 659 8.57 15.65 21.48
C VAL B 659 9.11 16.82 22.30
N VAL B 660 9.74 16.51 23.42
CA VAL B 660 10.42 17.52 24.25
C VAL B 660 11.89 17.44 23.87
N ARG B 661 12.44 18.54 23.39
CA ARG B 661 13.88 18.65 23.06
C ARG B 661 14.47 19.68 24.00
N GLU B 662 15.60 19.39 24.64
CA GLU B 662 16.21 20.39 25.53
C GLU B 662 17.74 20.31 25.50
N ASN B 663 18.37 21.38 25.98
CA ASN B 663 19.76 21.39 26.50
C ASN B 663 19.69 22.01 27.89
N ASN B 664 20.81 22.47 28.47
CA ASN B 664 20.78 23.00 29.88
C ASN B 664 19.89 24.24 29.92
N LYS B 665 19.87 25.08 28.89
CA LYS B 665 19.23 26.43 28.87
C LYS B 665 17.80 26.38 28.28
N SER B 666 17.60 25.61 27.21
CA SER B 666 16.42 25.75 26.33
C SER B 666 15.59 24.45 26.27
N ARG B 667 14.26 24.58 26.23
CA ARG B 667 13.32 23.47 25.95
C ARG B 667 12.40 23.90 24.82
N TYR B 668 12.21 22.99 23.88
CA TYR B 668 11.19 23.07 22.82
C TYR B 668 10.24 21.92 23.04
N ILE B 669 8.95 22.22 23.05
CA ILE B 669 7.90 21.19 23.05
C ILE B 669 7.25 21.29 21.69
N PHE B 670 7.34 20.23 20.91
CA PHE B 670 6.68 20.11 19.58
C PHE B 670 5.42 19.30 19.80
N PHE B 671 4.26 19.88 19.53
CA PHE B 671 2.95 19.19 19.56
C PHE B 671 2.55 18.94 18.12
N LEU B 672 2.24 17.69 17.80
CA LEU B 672 1.91 17.25 16.42
C LEU B 672 0.55 16.59 16.46
N ASN B 673 -0.35 17.04 15.59
CA ASN B 673 -1.70 16.49 15.46
C ASN B 673 -1.78 15.79 14.11
N TYR B 674 -1.60 14.46 14.13
CA TYR B 674 -1.56 13.61 12.93
C TYR B 674 -2.97 13.14 12.55
N HIS B 675 -4.04 13.81 13.03
CA HIS B 675 -5.43 13.31 12.88
C HIS B 675 -6.28 14.34 12.17
N ASN B 676 -7.36 13.91 11.50
CA ASN B 676 -8.30 14.82 10.85
C ASN B 676 -9.35 15.26 11.90
N GLU B 677 -8.94 16.03 12.91
CA GLU B 677 -9.82 16.49 14.01
C GLU B 677 -9.16 17.73 14.61
N ARG B 678 -9.92 18.81 14.80
CA ARG B 678 -9.44 19.95 15.62
C ARG B 678 -9.31 19.43 17.05
N LYS B 679 -8.13 19.49 17.69
CA LYS B 679 -7.97 19.00 19.09
C LYS B 679 -7.66 20.16 20.05
N THR B 680 -8.42 20.23 21.15
CA THR B 680 -8.12 21.12 22.29
C THR B 680 -7.60 20.23 23.43
N PHE B 681 -6.45 20.56 24.01
CA PHE B 681 -5.89 19.76 25.13
C PHE B 681 -5.11 20.68 26.06
N ASN B 682 -4.74 20.19 27.24
CA ASN B 682 -3.84 20.90 28.17
C ASN B 682 -2.67 19.97 28.49
N TYR B 683 -1.55 20.53 28.93
CA TYR B 683 -0.32 19.78 29.25
C TYR B 683 0.28 20.36 30.52
N ARG B 684 1.09 19.56 31.21
CA ARG B 684 1.92 20.00 32.35
C ARG B 684 3.12 19.06 32.37
N LYS B 685 4.18 19.38 33.08
CA LYS B 685 5.31 18.43 33.28
C LYS B 685 4.77 17.23 34.07
N SER B 686 5.30 16.03 33.85
CA SER B 686 4.84 14.80 34.55
C SER B 686 4.79 15.03 36.07
N GLU B 695 -2.53 26.79 30.05
CA GLU B 695 -1.78 25.58 29.59
C GLU B 695 -2.70 24.76 28.66
N GLU B 696 -3.66 25.43 27.97
CA GLU B 696 -4.77 24.84 27.17
C GLU B 696 -4.71 25.32 25.70
N ILE B 697 -4.41 24.42 24.75
CA ILE B 697 -4.02 24.79 23.37
C ILE B 697 -4.91 24.03 22.37
N SER B 698 -5.18 24.67 21.23
CA SER B 698 -5.98 24.12 20.11
C SER B 698 -5.10 23.91 18.89
N ILE B 699 -5.18 22.75 18.25
CA ILE B 699 -4.37 22.43 17.04
C ILE B 699 -5.33 21.92 15.96
N ALA B 700 -5.20 22.49 14.77
CA ALA B 700 -5.99 22.18 13.57
C ALA B 700 -5.65 20.75 13.16
N PRO B 701 -6.50 20.10 12.35
CA PRO B 701 -6.14 18.83 11.71
C PRO B 701 -4.75 18.88 11.07
N PHE B 702 -3.98 17.80 11.19
CA PHE B 702 -2.72 17.58 10.46
C PHE B 702 -1.80 18.78 10.64
N SER B 703 -1.70 19.24 11.87
CA SER B 703 -1.03 20.51 12.18
C SER B 703 -0.13 20.38 13.39
N TYR B 704 0.38 21.52 13.86
CA TYR B 704 1.44 21.52 14.88
C TYR B 704 1.39 22.80 15.70
N LYS B 705 2.11 22.76 16.80
CA LYS B 705 2.37 23.91 17.67
C LYS B 705 3.71 23.66 18.36
N VAL B 706 4.61 24.66 18.35
CA VAL B 706 5.91 24.61 19.07
C VAL B 706 5.87 25.60 20.23
N ILE B 707 6.28 25.14 21.41
CA ILE B 707 6.28 25.97 22.64
C ILE B 707 7.71 26.01 23.10
N LYS B 708 8.20 27.16 23.55
CA LYS B 708 9.55 27.28 24.13
C LYS B 708 9.42 27.48 25.63
N GLU B 709 10.38 26.93 26.38
CA GLU B 709 10.48 27.11 27.85
C GLU B 709 11.95 27.39 28.10
N ASN B 710 12.28 28.48 28.80
CA ASN B 710 13.65 28.68 29.33
C ASN B 710 13.75 27.78 30.56
N LYS B 711 14.89 27.13 30.80
CA LYS B 711 15.05 26.26 32.00
C LYS B 711 15.68 27.03 33.17
C1 PNG C . -12.18 -8.10 5.79
C2 PNG C . -13.42 -7.43 5.23
C3 PNG C . -13.32 -7.36 3.70
C4 PNG C . -12.00 -6.66 3.35
C5 PNG C . -10.85 -7.46 3.89
C6 PNG C . -9.48 -6.83 3.59
C7 PNG C . -11.47 -10.39 6.06
C8 PNG C . -10.48 -10.06 6.97
C9 PNG C . -9.75 -11.04 7.60
C10 PNG C . -10.03 -12.36 7.32
C11 PNG C . -11.02 -12.71 6.42
C12 PNG C . -11.73 -11.72 5.76
N1 PNG C . -9.28 -13.34 7.95
O1 PNG C . -12.20 -9.45 5.41
O2 PNG C . -14.61 -8.11 5.62
O3 PNG C . -14.45 -6.67 3.16
O4 PNG C . -11.87 -6.54 1.93
O5 PNG C . -10.93 -7.54 5.31
O6 PNG C . -9.56 -5.48 4.06
O7 PNG C . -8.51 -13.00 8.83
O8 PNG C . -9.37 -14.67 7.54
CA CA D . 16.68 -22.48 34.47
C1 PNG E . 13.14 6.41 -6.34
C2 PNG E . 13.70 7.26 -5.22
C3 PNG E . 13.84 6.39 -3.95
C4 PNG E . 12.56 5.61 -3.62
C5 PNG E . 12.11 4.82 -4.83
C6 PNG E . 10.82 4.04 -4.59
C7 PNG E . 13.96 4.86 -8.04
C8 PNG E . 12.76 4.84 -8.75
C9 PNG E . 12.64 4.19 -9.97
C10 PNG E . 13.75 3.53 -10.48
C11 PNG E . 14.96 3.54 -9.77
C12 PNG E . 15.06 4.20 -8.56
N1 PNG E . 13.69 2.83 -11.71
O1 PNG E . 14.14 5.49 -6.82
O2 PNG E . 14.94 7.83 -5.69
O3 PNG E . 14.15 7.22 -2.84
O4 PNG E . 12.72 4.77 -2.46
O5 PNG E . 11.95 5.72 -5.93
O6 PNG E . 9.76 4.90 -4.17
O7 PNG E . 12.64 2.84 -12.32
O8 PNG E . 14.82 2.12 -12.20
#